data_6RKF
#
_entry.id   6RKF
#
_cell.length_a   114.397
_cell.length_b   159.715
_cell.length_c   288.575
_cell.angle_alpha   90.00
_cell.angle_beta   90.00
_cell.angle_gamma   90.00
#
_symmetry.space_group_name_H-M   'C 2 2 21'
#
loop_
_entity.id
_entity.type
_entity.pdbx_description
1 polymer 'D-aspartate oxidase'
2 non-polymer 'FLAVIN-ADENINE DINUCLEOTIDE'
3 non-polymer GLYCEROL
4 non-polymer 2-AMINO-2-HYDROXYMETHYL-PROPANE-1,3-DIOL
5 non-polymer 'PHOSPHATE ION'
6 water water
#
_entity_poly.entity_id   1
_entity_poly.type   'polypeptide(L)'
_entity_poly.pdbx_seq_one_letter_code
;MHHHHHHASMDTARIAVVGAGVVGLSTAVCISKLVPRCSVTIISDKFTPDTTSDVAAGMLIPHTYPDTPIHTQKQWFRET
FNHLFAIANSAEAGDAGVHLVSGWQIFQSTPTEEVPFWADVVLGFRKMTEAELKKFPQYVFGQAFTTLKYEGPAYLPWLE
KRIKGSGGWTLTRRIEDLWELHPSFDIVVNCSGLGSRQLAGDSKIFPVRGQVLQVQAPWVEHFIRDGSGLTYIYPGTSHV
TLGGTRQKGDWNLSPDAENSREILSRCCALEPSLHGACNIREKVGLRPYRPGVRLQTELLARDGQRLPVVHHYGHGSGGI
SVHWGTALEAARLVSECVHALRTPIPKSNL
;
_entity_poly.pdbx_strand_id   A,B,C,D,E,F
#
loop_
_chem_comp.id
_chem_comp.type
_chem_comp.name
_chem_comp.formula
FAD non-polymer 'FLAVIN-ADENINE DINUCLEOTIDE' 'C27 H33 N9 O15 P2'
GOL non-polymer GLYCEROL 'C3 H8 O3'
PO4 non-polymer 'PHOSPHATE ION' 'O4 P -3'
TRS non-polymer 2-AMINO-2-HYDROXYMETHYL-PROPANE-1,3-DIOL 'C4 H12 N O3 1'
#
# COMPACT_ATOMS: atom_id res chain seq x y z
N MET A 10 -43.80 -23.85 28.08
CA MET A 10 -42.99 -24.25 26.93
C MET A 10 -41.55 -24.53 27.35
N ASP A 11 -41.19 -24.04 28.53
CA ASP A 11 -39.88 -24.27 29.15
C ASP A 11 -38.74 -23.66 28.35
N THR A 12 -39.01 -22.66 27.52
CA THR A 12 -37.97 -21.90 26.87
C THR A 12 -38.38 -20.44 26.76
N ALA A 13 -37.42 -19.55 26.94
CA ALA A 13 -37.66 -18.11 26.97
C ALA A 13 -37.10 -17.48 25.70
N ARG A 14 -37.93 -16.72 25.00
CA ARG A 14 -37.58 -16.09 23.74
C ARG A 14 -37.35 -14.60 23.99
N ILE A 15 -36.09 -14.19 24.00
CA ILE A 15 -35.71 -12.84 24.38
C ILE A 15 -35.44 -12.04 23.11
N ALA A 16 -35.25 -10.73 23.27
CA ALA A 16 -34.98 -9.84 22.15
C ALA A 16 -34.29 -8.59 22.68
N VAL A 17 -33.25 -8.16 21.98
CA VAL A 17 -32.48 -6.97 22.34
C VAL A 17 -32.40 -6.08 21.10
N VAL A 18 -33.11 -4.96 21.13
CA VAL A 18 -32.99 -3.96 20.08
C VAL A 18 -31.85 -3.00 20.45
N GLY A 19 -30.90 -2.85 19.54
CA GLY A 19 -29.75 -2.01 19.80
C GLY A 19 -28.43 -2.71 19.55
N ALA A 20 -27.64 -2.19 18.62
CA ALA A 20 -26.33 -2.77 18.30
C ALA A 20 -25.18 -1.94 18.83
N GLY A 21 -25.44 -0.99 19.72
CA GLY A 21 -24.36 -0.25 20.36
C GLY A 21 -23.56 -1.13 21.30
N VAL A 22 -22.62 -0.50 22.00
CA VAL A 22 -21.79 -1.24 22.95
C VAL A 22 -22.64 -1.85 24.06
N VAL A 23 -23.64 -1.11 24.54
CA VAL A 23 -24.47 -1.64 25.60
C VAL A 23 -25.52 -2.60 25.06
N GLY A 24 -25.95 -2.42 23.81
CA GLY A 24 -26.90 -3.36 23.23
C GLY A 24 -26.34 -4.76 23.15
N LEU A 25 -25.04 -4.89 22.88
CA LEU A 25 -24.40 -6.19 22.84
C LEU A 25 -23.99 -6.65 24.25
N SER A 26 -23.49 -5.73 25.08
CA SER A 26 -23.09 -6.08 26.43
C SER A 26 -24.28 -6.63 27.22
N THR A 27 -25.45 -6.03 27.06
CA THR A 27 -26.65 -6.49 27.76
C THR A 27 -26.98 -7.93 27.38
N ALA A 28 -26.97 -8.24 26.09
CA ALA A 28 -27.25 -9.60 25.65
C ALA A 28 -26.19 -10.58 26.15
N VAL A 29 -24.94 -10.14 26.25
CA VAL A 29 -23.89 -10.98 26.84
C VAL A 29 -24.28 -11.36 28.27
N CYS A 30 -24.55 -10.36 29.10
CA CYS A 30 -24.88 -10.65 30.50
C CYS A 30 -26.18 -11.43 30.63
N ILE A 31 -27.14 -11.22 29.73
CA ILE A 31 -28.37 -12.00 29.76
C ILE A 31 -28.10 -13.45 29.41
N SER A 32 -27.24 -13.69 28.40
CA SER A 32 -26.88 -15.05 28.04
C SER A 32 -26.17 -15.77 29.16
N LYS A 33 -25.45 -15.03 30.00
CA LYS A 33 -24.76 -15.67 31.12
C LYS A 33 -25.49 -15.56 32.46
N LEU A 34 -26.70 -14.97 32.49
CA LEU A 34 -27.51 -14.91 33.70
C LEU A 34 -28.76 -15.78 33.61
N VAL A 35 -29.59 -15.54 32.61
CA VAL A 35 -30.90 -16.20 32.53
C VAL A 35 -30.70 -17.68 32.25
N PRO A 36 -31.40 -18.58 32.96
CA PRO A 36 -31.16 -20.03 32.75
C PRO A 36 -31.45 -20.49 31.33
N ARG A 37 -32.65 -20.22 30.82
CA ARG A 37 -33.05 -20.63 29.47
C ARG A 37 -33.30 -19.39 28.64
N CYS A 38 -32.58 -19.25 27.54
CA CYS A 38 -32.61 -18.02 26.77
C CYS A 38 -32.61 -18.33 25.29
N SER A 39 -33.13 -17.37 24.53
CA SER A 39 -33.07 -17.41 23.07
C SER A 39 -32.93 -15.97 22.56
N VAL A 40 -31.97 -15.23 23.13
CA VAL A 40 -31.87 -13.81 22.88
C VAL A 40 -31.38 -13.54 21.47
N THR A 41 -32.03 -12.60 20.79
CA THR A 41 -31.66 -12.16 19.45
C THR A 41 -31.37 -10.66 19.47
N ILE A 42 -30.62 -10.21 18.47
CA ILE A 42 -30.24 -8.80 18.34
C ILE A 42 -30.88 -8.26 17.06
N ILE A 43 -31.58 -7.14 17.18
CA ILE A 43 -32.32 -6.54 16.08
C ILE A 43 -32.05 -5.04 16.10
N SER A 44 -31.33 -4.54 15.09
CA SER A 44 -30.97 -3.14 15.05
C SER A 44 -30.85 -2.67 13.61
N ASP A 45 -30.96 -1.35 13.42
CA ASP A 45 -30.83 -0.76 12.10
C ASP A 45 -29.37 -0.68 11.67
N LYS A 46 -28.48 -0.27 12.57
CA LYS A 46 -27.06 -0.12 12.27
C LYS A 46 -26.26 -0.95 13.26
N PHE A 47 -25.38 -1.80 12.73
CA PHE A 47 -24.62 -2.71 13.58
C PHE A 47 -23.17 -2.21 13.73
N THR A 48 -22.28 -3.10 14.19
CA THR A 48 -20.95 -2.71 14.68
C THR A 48 -20.04 -1.96 13.70
N PRO A 49 -20.21 -2.05 12.37
CA PRO A 49 -19.39 -1.19 11.51
C PRO A 49 -19.57 0.29 11.79
N ASP A 50 -20.81 0.75 11.98
CA ASP A 50 -21.11 2.17 12.15
C ASP A 50 -22.24 2.32 13.16
N THR A 51 -21.87 2.50 14.43
CA THR A 51 -22.80 2.86 15.49
C THR A 51 -22.23 4.07 16.23
N THR A 52 -23.08 4.71 17.04
CA THR A 52 -22.62 5.83 17.83
C THR A 52 -21.57 5.42 18.86
N SER A 53 -21.45 4.12 19.15
CA SER A 53 -20.39 3.63 20.01
C SER A 53 -19.07 3.46 19.28
N ASP A 54 -19.09 3.40 17.95
CA ASP A 54 -17.85 3.28 17.18
C ASP A 54 -17.16 4.64 17.03
N VAL A 55 -17.94 5.69 16.77
CA VAL A 55 -17.38 7.03 16.64
C VAL A 55 -16.86 7.54 17.98
N ALA A 56 -17.30 6.94 19.07
CA ALA A 56 -16.92 7.40 20.40
C ALA A 56 -15.42 7.32 20.60
N ALA A 57 -14.89 8.25 21.39
CA ALA A 57 -13.46 8.26 21.70
C ALA A 57 -13.01 6.94 22.29
N GLY A 58 -13.61 6.54 23.41
CA GLY A 58 -13.40 5.22 23.95
C GLY A 58 -12.68 5.16 25.28
N MET A 59 -12.30 6.29 25.86
CA MET A 59 -11.62 6.27 27.14
C MET A 59 -12.60 5.93 28.26
N LEU A 60 -12.09 5.28 29.29
CA LEU A 60 -12.90 4.89 30.45
C LEU A 60 -12.74 5.95 31.52
N ILE A 61 -13.45 7.05 31.35
CA ILE A 61 -13.48 8.12 32.33
C ILE A 61 -14.92 8.30 32.80
N PRO A 62 -15.23 8.03 34.07
CA PRO A 62 -16.62 8.08 34.52
C PRO A 62 -17.17 9.49 34.54
N HIS A 63 -17.90 9.87 33.51
CA HIS A 63 -18.55 11.17 33.50
C HIS A 63 -19.69 11.19 34.51
N THR A 64 -19.74 12.25 35.31
CA THR A 64 -20.66 12.31 36.44
C THR A 64 -22.11 12.37 35.95
N TYR A 65 -22.88 11.33 36.28
CA TYR A 65 -24.29 11.33 35.92
C TYR A 65 -25.05 12.29 36.83
N PRO A 66 -25.94 13.12 36.30
CA PRO A 66 -26.66 14.06 37.20
C PRO A 66 -27.63 13.36 38.13
N ASP A 67 -28.36 12.37 37.64
CA ASP A 67 -29.49 11.80 38.38
C ASP A 67 -29.22 10.36 38.81
N THR A 68 -27.96 9.99 39.01
CA THR A 68 -27.74 8.65 39.51
C THR A 68 -26.93 8.69 40.79
N PRO A 69 -27.21 7.81 41.75
CA PRO A 69 -26.43 7.80 43.00
C PRO A 69 -24.96 7.59 42.73
N ILE A 70 -24.13 8.41 43.38
CA ILE A 70 -22.71 8.42 43.06
C ILE A 70 -22.05 7.10 43.46
N HIS A 71 -22.57 6.42 44.48
CA HIS A 71 -22.02 5.12 44.83
C HIS A 71 -22.47 4.05 43.84
N THR A 72 -23.71 4.15 43.34
CA THR A 72 -24.15 3.24 42.28
C THR A 72 -23.34 3.44 41.00
N GLN A 73 -23.13 4.69 40.61
CA GLN A 73 -22.34 4.99 39.42
C GLN A 73 -20.89 4.54 39.59
N LYS A 74 -20.31 4.79 40.77
CA LYS A 74 -18.96 4.31 41.06
C LYS A 74 -18.88 2.80 40.96
N GLN A 75 -19.86 2.09 41.51
CA GLN A 75 -19.84 0.64 41.43
C GLN A 75 -19.97 0.15 40.00
N TRP A 76 -20.77 0.84 39.19
CA TRP A 76 -20.86 0.51 37.77
C TRP A 76 -19.51 0.62 37.09
N PHE A 77 -18.80 1.73 37.34
CA PHE A 77 -17.48 1.89 36.75
C PHE A 77 -16.51 0.83 37.25
N ARG A 78 -16.61 0.44 38.53
CA ARG A 78 -15.72 -0.59 39.06
C ARG A 78 -15.97 -1.94 38.37
N GLU A 79 -17.25 -2.32 38.26
CA GLU A 79 -17.59 -3.60 37.63
C GLU A 79 -17.20 -3.62 36.15
N THR A 80 -17.27 -2.48 35.47
CA THR A 80 -16.85 -2.44 34.07
C THR A 80 -15.32 -2.48 33.95
N PHE A 81 -14.63 -1.72 34.82
CA PHE A 81 -13.19 -1.63 34.75
C PHE A 81 -12.54 -2.98 35.04
N ASN A 82 -13.04 -3.70 36.04
CA ASN A 82 -12.37 -4.96 36.38
C ASN A 82 -12.60 -6.03 35.33
N HIS A 83 -13.58 -5.86 34.45
CA HIS A 83 -13.74 -6.78 33.33
C HIS A 83 -12.82 -6.41 32.17
N LEU A 84 -12.79 -5.13 31.81
CA LEU A 84 -11.87 -4.71 30.75
C LEU A 84 -10.42 -4.88 31.18
N PHE A 85 -10.13 -4.85 32.48
CA PHE A 85 -8.77 -5.03 32.95
C PHE A 85 -8.31 -6.46 32.78
N ALA A 86 -9.22 -7.42 32.93
CA ALA A 86 -8.90 -8.80 32.62
C ALA A 86 -8.76 -9.01 31.12
N ILE A 87 -9.56 -8.28 30.32
CA ILE A 87 -9.43 -8.39 28.87
C ILE A 87 -8.06 -7.91 28.41
N ALA A 88 -7.61 -6.77 28.93
CA ALA A 88 -6.33 -6.20 28.49
C ALA A 88 -5.16 -7.10 28.83
N ASN A 89 -5.28 -7.89 29.90
CA ASN A 89 -4.24 -8.82 30.29
C ASN A 89 -4.38 -10.18 29.63
N SER A 90 -5.43 -10.41 28.85
CA SER A 90 -5.62 -11.68 28.19
C SER A 90 -4.92 -11.67 26.83
N ALA A 91 -4.97 -12.82 26.15
CA ALA A 91 -4.36 -12.92 24.83
C ALA A 91 -5.19 -12.27 23.73
N GLU A 92 -6.51 -12.12 23.96
CA GLU A 92 -7.43 -11.60 22.96
C GLU A 92 -7.49 -10.08 22.94
N ALA A 93 -6.61 -9.41 23.69
CA ALA A 93 -6.64 -7.95 23.76
C ALA A 93 -6.49 -7.31 22.40
N GLY A 94 -5.82 -7.97 21.47
CA GLY A 94 -5.73 -7.44 20.12
C GLY A 94 -7.07 -7.46 19.40
N ASP A 95 -7.79 -8.58 19.51
CA ASP A 95 -9.06 -8.68 18.80
C ASP A 95 -10.14 -7.89 19.52
N ALA A 96 -10.09 -7.84 20.86
CA ALA A 96 -11.07 -7.10 21.63
C ALA A 96 -10.75 -5.60 21.70
N GLY A 97 -9.52 -5.22 21.41
CA GLY A 97 -9.15 -3.82 21.34
C GLY A 97 -9.33 -3.06 22.64
N VAL A 98 -8.81 -3.60 23.74
CA VAL A 98 -8.89 -2.96 25.05
C VAL A 98 -7.46 -2.84 25.56
N HIS A 99 -6.96 -1.61 25.66
CA HIS A 99 -5.56 -1.41 26.03
C HIS A 99 -5.43 -0.36 27.13
N LEU A 100 -4.45 -0.57 28.00
CA LEU A 100 -4.16 0.39 29.05
C LEU A 100 -3.53 1.65 28.46
N VAL A 101 -4.08 2.81 28.85
CA VAL A 101 -3.61 4.12 28.41
C VAL A 101 -3.31 4.95 29.64
N SER A 102 -2.10 5.49 29.69
CA SER A 102 -1.70 6.39 30.76
C SER A 102 -1.91 7.84 30.30
N GLY A 103 -1.91 8.74 31.27
CA GLY A 103 -1.97 10.14 30.92
C GLY A 103 -2.34 11.00 32.11
N TRP A 104 -2.72 12.24 31.79
CA TRP A 104 -2.95 13.26 32.79
C TRP A 104 -4.23 14.05 32.54
N GLN A 105 -4.84 14.44 33.66
CA GLN A 105 -6.02 15.29 33.70
C GLN A 105 -5.63 16.60 34.37
N ILE A 106 -5.66 17.69 33.61
CA ILE A 106 -5.10 18.96 34.09
C ILE A 106 -6.28 19.80 34.55
N PHE A 107 -6.00 20.91 35.23
CA PHE A 107 -7.06 21.82 35.64
C PHE A 107 -6.53 23.25 35.54
N GLN A 108 -7.41 24.18 35.15
CA GLN A 108 -7.01 25.57 35.03
C GLN A 108 -6.70 26.16 36.40
N SER A 109 -7.46 25.78 37.42
CA SER A 109 -7.25 26.22 38.79
C SER A 109 -7.30 25.02 39.73
N THR A 110 -6.63 25.13 40.86
CA THR A 110 -6.60 24.05 41.83
C THR A 110 -8.00 23.83 42.40
N PRO A 111 -8.60 22.65 42.21
CA PRO A 111 -9.94 22.42 42.76
C PRO A 111 -9.91 22.34 44.27
N THR A 112 -11.10 22.48 44.86
CA THR A 112 -11.21 22.42 46.32
C THR A 112 -10.85 21.03 46.83
N GLU A 113 -11.30 19.98 46.13
CA GLU A 113 -10.89 18.62 46.43
C GLU A 113 -10.35 17.99 45.15
N GLU A 114 -9.16 17.41 45.23
CA GLU A 114 -8.45 16.90 44.07
C GLU A 114 -8.56 15.38 43.91
N VAL A 115 -9.49 14.76 44.61
CA VAL A 115 -9.72 13.33 44.53
C VAL A 115 -11.18 13.12 44.15
N PRO A 116 -11.46 12.52 42.99
CA PRO A 116 -12.87 12.27 42.61
C PRO A 116 -13.42 11.01 43.24
N PHE A 117 -14.62 10.61 42.83
CA PHE A 117 -15.22 9.38 43.34
C PHE A 117 -14.70 8.14 42.64
N TRP A 118 -13.81 8.28 41.66
CA TRP A 118 -13.29 7.15 40.91
C TRP A 118 -11.76 7.06 40.99
N ALA A 119 -11.18 7.55 42.08
CA ALA A 119 -9.73 7.54 42.22
C ALA A 119 -9.21 6.16 42.61
N ASP A 120 -9.89 5.49 43.53
CA ASP A 120 -9.42 4.21 44.06
C ASP A 120 -9.73 3.03 43.15
N VAL A 121 -10.44 3.24 42.05
CA VAL A 121 -10.72 2.17 41.09
C VAL A 121 -9.76 2.22 39.90
N VAL A 122 -9.53 3.42 39.35
CA VAL A 122 -8.56 3.57 38.28
C VAL A 122 -7.15 3.37 38.83
N LEU A 123 -6.25 2.89 37.98
CA LEU A 123 -4.92 2.52 38.45
C LEU A 123 -4.08 3.76 38.78
N GLY A 124 -3.54 3.78 39.99
CA GLY A 124 -2.57 4.76 40.40
C GLY A 124 -2.97 6.21 40.25
N PHE A 125 -4.07 6.61 40.89
CA PHE A 125 -4.44 8.01 40.91
C PHE A 125 -3.48 8.79 41.80
N ARG A 126 -2.97 9.91 41.28
CA ARG A 126 -1.99 10.71 42.00
C ARG A 126 -2.02 12.13 41.45
N LYS A 127 -1.15 12.97 42.00
CA LYS A 127 -1.01 14.35 41.58
C LYS A 127 0.18 14.50 40.66
N MET A 128 0.16 15.57 39.87
CA MET A 128 1.28 15.84 38.98
C MET A 128 2.38 16.59 39.74
N THR A 129 3.62 16.16 39.53
CA THR A 129 4.76 16.82 40.15
C THR A 129 5.03 18.17 39.47
N GLU A 130 5.93 18.93 40.07
CA GLU A 130 6.29 20.23 39.49
C GLU A 130 6.88 20.05 38.10
N ALA A 131 7.75 19.04 37.92
CA ALA A 131 8.30 18.75 36.60
C ALA A 131 7.21 18.34 35.62
N GLU A 132 6.17 17.67 36.09
CA GLU A 132 5.06 17.32 35.23
C GLU A 132 4.16 18.51 34.94
N LEU A 133 3.98 19.40 35.92
CA LEU A 133 3.24 20.64 35.67
C LEU A 133 3.97 21.55 34.70
N LYS A 134 5.29 21.40 34.55
CA LYS A 134 6.02 22.23 33.60
C LYS A 134 5.67 21.94 32.15
N LYS A 135 5.10 20.77 31.83
CA LYS A 135 4.75 20.47 30.45
C LYS A 135 3.65 21.36 29.91
N PHE A 136 2.87 21.99 30.79
CA PHE A 136 1.75 22.85 30.41
C PHE A 136 1.85 24.17 31.16
N PRO A 137 2.26 25.25 30.50
CA PRO A 137 2.53 26.51 31.21
C PRO A 137 1.28 27.25 31.65
N GLN A 138 0.17 27.07 30.93
CA GLN A 138 -1.08 27.76 31.25
C GLN A 138 -1.94 26.96 32.22
N TYR A 139 -1.34 26.17 33.09
CA TYR A 139 -2.08 25.28 33.98
C TYR A 139 -1.39 25.20 35.32
N VAL A 140 -2.19 25.18 36.38
CA VAL A 140 -1.69 25.28 37.76
C VAL A 140 -1.64 23.91 38.43
N PHE A 141 -2.71 23.12 38.30
CA PHE A 141 -2.80 21.84 38.97
C PHE A 141 -3.06 20.73 37.96
N GLY A 142 -2.62 19.52 38.32
CA GLY A 142 -2.84 18.36 37.47
C GLY A 142 -2.90 17.07 38.25
N GLN A 143 -3.43 16.05 37.58
CA GLN A 143 -3.59 14.70 38.10
C GLN A 143 -3.03 13.73 37.06
N ALA A 144 -2.55 12.58 37.53
CA ALA A 144 -1.96 11.58 36.65
C ALA A 144 -2.53 10.21 36.97
N PHE A 145 -2.90 9.45 35.94
CA PHE A 145 -3.42 8.12 36.18
C PHE A 145 -3.37 7.30 34.89
N THR A 146 -3.68 6.01 35.04
CA THR A 146 -3.68 5.04 33.97
C THR A 146 -5.01 4.31 33.96
N THR A 147 -5.73 4.40 32.84
CA THR A 147 -7.07 3.80 32.64
C THR A 147 -7.02 2.84 31.43
N LEU A 148 -8.17 2.49 30.86
CA LEU A 148 -8.23 1.58 29.69
C LEU A 148 -9.09 2.22 28.59
N LYS A 149 -8.66 2.11 27.32
CA LYS A 149 -9.46 2.63 26.17
C LYS A 149 -9.91 1.45 25.29
N TYR A 150 -11.17 1.45 24.86
CA TYR A 150 -11.71 0.36 24.01
C TYR A 150 -11.95 0.88 22.59
N GLU A 151 -11.43 0.17 21.58
CA GLU A 151 -11.64 0.59 20.17
C GLU A 151 -12.96 0.00 19.70
N GLY A 152 -13.93 0.85 19.33
CA GLY A 152 -15.28 0.38 18.97
C GLY A 152 -15.31 -0.48 17.73
N PRO A 153 -14.62 -0.11 16.65
CA PRO A 153 -14.65 -0.87 15.43
C PRO A 153 -13.91 -2.21 15.60
N ALA A 154 -13.40 -2.45 16.80
CA ALA A 154 -12.74 -3.68 17.18
C ALA A 154 -13.38 -4.36 18.38
N TYR A 155 -13.79 -3.58 19.39
CA TYR A 155 -14.40 -4.17 20.58
C TYR A 155 -15.80 -4.70 20.29
N LEU A 156 -16.61 -3.96 19.55
CA LEU A 156 -17.97 -4.42 19.31
C LEU A 156 -18.02 -5.69 18.44
N PRO A 157 -17.20 -5.83 17.38
CA PRO A 157 -17.19 -7.11 16.66
C PRO A 157 -16.82 -8.29 17.53
N TRP A 158 -15.95 -8.08 18.53
CA TRP A 158 -15.58 -9.15 19.44
C TRP A 158 -16.78 -9.59 20.29
N LEU A 159 -17.56 -8.62 20.78
CA LEU A 159 -18.78 -8.95 21.50
C LEU A 159 -19.76 -9.69 20.60
N GLU A 160 -19.82 -9.32 19.32
CA GLU A 160 -20.65 -10.08 18.39
C GLU A 160 -20.18 -11.52 18.27
N LYS A 161 -18.87 -11.73 18.16
CA LYS A 161 -18.37 -13.10 18.05
C LYS A 161 -18.64 -13.91 19.32
N ARG A 162 -18.77 -13.24 20.46
CA ARG A 162 -19.16 -13.95 21.68
C ARG A 162 -20.64 -14.31 21.68
N ILE A 163 -21.51 -13.35 21.35
CA ILE A 163 -22.95 -13.63 21.35
C ILE A 163 -23.31 -14.66 20.29
N LYS A 164 -22.56 -14.70 19.18
CA LYS A 164 -22.78 -15.76 18.19
C LYS A 164 -22.48 -17.13 18.78
N GLY A 165 -21.44 -17.23 19.60
CA GLY A 165 -21.18 -18.47 20.30
C GLY A 165 -22.28 -18.82 21.30
N SER A 166 -22.86 -17.79 21.92
CA SER A 166 -24.00 -18.03 22.80
C SER A 166 -25.18 -18.63 22.03
N GLY A 167 -25.45 -18.11 20.83
CA GLY A 167 -26.52 -18.65 20.01
C GLY A 167 -27.42 -17.59 19.40
N GLY A 168 -27.06 -16.30 19.56
CA GLY A 168 -27.86 -15.24 19.00
C GLY A 168 -27.51 -14.95 17.53
N TRP A 169 -28.38 -14.17 16.89
CA TRP A 169 -28.17 -13.77 15.51
C TRP A 169 -28.57 -12.31 15.33
N THR A 170 -28.04 -11.72 14.27
CA THR A 170 -28.20 -10.28 14.01
C THR A 170 -29.16 -10.09 12.84
N LEU A 171 -30.29 -9.43 13.11
CA LEU A 171 -31.25 -9.04 12.09
C LEU A 171 -31.20 -7.53 11.92
N THR A 172 -31.13 -7.08 10.67
CA THR A 172 -31.08 -5.66 10.36
C THR A 172 -32.44 -5.26 9.78
N ARG A 173 -33.31 -4.74 10.65
CA ARG A 173 -34.62 -4.25 10.24
C ARG A 173 -34.97 -3.02 11.07
N ARG A 174 -35.92 -2.25 10.56
CA ARG A 174 -36.40 -1.06 11.23
C ARG A 174 -37.56 -1.41 12.15
N ILE A 175 -37.54 -0.87 13.36
CA ILE A 175 -38.59 -1.11 14.35
C ILE A 175 -39.15 0.26 14.73
N GLU A 176 -40.26 0.64 14.09
CA GLU A 176 -40.86 1.94 14.40
C GLU A 176 -41.56 1.90 15.75
N ASP A 177 -42.26 0.81 16.05
CA ASP A 177 -42.92 0.65 17.34
C ASP A 177 -42.57 -0.73 17.90
N LEU A 178 -42.60 -0.82 19.24
CA LEU A 178 -42.14 -2.04 19.90
C LEU A 178 -43.09 -3.21 19.67
N TRP A 179 -44.37 -2.92 19.43
CA TRP A 179 -45.37 -3.99 19.33
C TRP A 179 -45.08 -4.95 18.19
N GLU A 180 -44.18 -4.61 17.27
CA GLU A 180 -43.79 -5.55 16.22
C GLU A 180 -43.20 -6.83 16.80
N LEU A 181 -42.62 -6.76 18.00
CA LEU A 181 -42.00 -7.93 18.61
C LEU A 181 -42.97 -8.75 19.43
N HIS A 182 -44.16 -8.22 19.73
CA HIS A 182 -45.07 -8.92 20.64
C HIS A 182 -45.58 -10.25 20.09
N PRO A 183 -46.11 -10.34 18.86
CA PRO A 183 -46.72 -11.62 18.42
C PRO A 183 -45.74 -12.78 18.35
N SER A 184 -44.47 -12.54 18.70
CA SER A 184 -43.46 -13.60 18.65
C SER A 184 -42.64 -13.64 19.92
N PHE A 185 -41.92 -12.56 20.21
CA PHE A 185 -40.97 -12.54 21.30
C PHE A 185 -41.65 -12.44 22.66
N ASP A 186 -40.99 -12.98 23.68
CA ASP A 186 -41.51 -12.91 25.04
C ASP A 186 -41.24 -11.55 25.67
N ILE A 187 -39.97 -11.24 25.92
CA ILE A 187 -39.57 -10.01 26.58
C ILE A 187 -38.60 -9.26 25.66
N VAL A 188 -38.67 -7.93 25.70
CA VAL A 188 -37.86 -7.08 24.85
C VAL A 188 -36.91 -6.26 25.72
N VAL A 189 -35.68 -6.08 25.24
CA VAL A 189 -34.67 -5.28 25.91
C VAL A 189 -34.41 -4.07 25.04
N ASN A 190 -34.79 -2.88 25.52
CA ASN A 190 -34.65 -1.64 24.77
C ASN A 190 -33.26 -1.08 25.00
N CYS A 191 -32.37 -1.22 24.01
CA CYS A 191 -31.02 -0.67 24.07
C CYS A 191 -30.72 0.16 22.83
N SER A 192 -31.73 0.83 22.28
CA SER A 192 -31.59 1.58 21.03
C SER A 192 -30.94 2.94 21.22
N GLY A 193 -30.52 3.29 22.43
CA GLY A 193 -29.85 4.56 22.64
C GLY A 193 -30.76 5.74 22.30
N LEU A 194 -30.19 6.72 21.60
CA LEU A 194 -30.94 7.91 21.23
C LEU A 194 -32.20 7.56 20.45
N GLY A 195 -32.13 6.53 19.61
CA GLY A 195 -33.30 6.09 18.87
C GLY A 195 -34.52 5.87 19.75
N SER A 196 -34.31 5.39 20.99
CA SER A 196 -35.41 5.12 21.89
C SER A 196 -36.32 6.32 22.11
N ARG A 197 -35.85 7.54 21.77
CA ARG A 197 -36.72 8.71 21.82
C ARG A 197 -38.02 8.45 21.08
N GLN A 198 -37.94 7.84 19.90
CA GLN A 198 -39.13 7.46 19.16
C GLN A 198 -39.71 6.14 19.65
N LEU A 199 -38.87 5.25 20.19
CA LEU A 199 -39.34 3.92 20.56
C LEU A 199 -40.20 3.97 21.81
N ALA A 200 -39.66 4.49 22.90
CA ALA A 200 -40.36 4.57 24.18
C ALA A 200 -41.10 5.89 24.38
N GLY A 201 -41.00 6.81 23.42
CA GLY A 201 -41.70 8.09 23.51
C GLY A 201 -41.19 9.04 24.57
N ASP A 202 -40.23 8.63 25.39
CA ASP A 202 -39.69 9.52 26.42
C ASP A 202 -38.92 10.66 25.78
N SER A 203 -39.25 11.89 26.18
CA SER A 203 -38.61 13.08 25.64
C SER A 203 -37.46 13.56 26.53
N LYS A 204 -37.17 12.88 27.63
CA LYS A 204 -36.06 13.28 28.49
C LYS A 204 -34.73 13.15 27.77
N ILE A 205 -34.56 12.08 27.00
CA ILE A 205 -33.33 11.88 26.25
C ILE A 205 -33.27 12.87 25.09
N PHE A 206 -32.14 13.54 24.95
CA PHE A 206 -31.93 14.45 23.84
C PHE A 206 -30.51 14.30 23.34
N PRO A 207 -30.24 14.69 22.10
CA PRO A 207 -28.90 14.45 21.54
C PRO A 207 -27.94 15.58 21.85
N VAL A 208 -26.79 15.23 22.44
CA VAL A 208 -25.70 16.17 22.61
C VAL A 208 -24.71 15.92 21.47
N ARG A 209 -24.59 16.87 20.56
CA ARG A 209 -23.67 16.71 19.44
C ARG A 209 -22.22 16.78 19.94
N GLY A 210 -21.37 15.94 19.36
CA GLY A 210 -19.95 15.97 19.62
C GLY A 210 -19.16 15.69 18.35
N GLN A 211 -18.18 16.54 18.05
CA GLN A 211 -17.35 16.37 16.87
C GLN A 211 -15.92 16.11 17.32
N VAL A 212 -15.27 15.14 16.68
CA VAL A 212 -13.91 14.77 16.99
C VAL A 212 -13.11 14.68 15.70
N LEU A 213 -11.91 15.26 15.71
CA LEU A 213 -10.96 15.12 14.61
C LEU A 213 -10.06 13.92 14.90
N GLN A 214 -10.08 12.94 14.00
CA GLN A 214 -9.19 11.80 14.05
C GLN A 214 -7.96 12.16 13.23
N VAL A 215 -6.82 12.32 13.92
CA VAL A 215 -5.55 12.65 13.28
C VAL A 215 -4.61 11.49 13.55
N GLN A 216 -3.60 11.36 12.69
CA GLN A 216 -2.63 10.27 12.84
C GLN A 216 -1.29 10.86 13.27
N ALA A 217 -0.87 10.53 14.49
CA ALA A 217 0.39 10.99 15.08
C ALA A 217 0.81 10.02 16.16
N PRO A 218 1.61 9.00 15.84
CA PRO A 218 1.87 7.92 16.81
C PRO A 218 2.77 8.32 17.97
N TRP A 219 3.43 9.49 17.92
CA TRP A 219 4.30 9.86 19.04
C TRP A 219 3.50 10.13 20.30
N VAL A 220 2.26 10.63 20.16
CA VAL A 220 1.39 10.81 21.32
C VAL A 220 1.03 9.45 21.89
N GLU A 221 1.32 9.26 23.17
CA GLU A 221 0.99 8.00 23.84
C GLU A 221 0.36 8.18 25.21
N HIS A 222 0.21 9.42 25.70
CA HIS A 222 -0.48 9.71 26.94
C HIS A 222 -1.69 10.59 26.64
N PHE A 223 -2.83 10.25 27.26
CA PHE A 223 -4.01 11.08 27.07
C PHE A 223 -3.91 12.34 27.92
N ILE A 224 -4.67 13.35 27.53
CA ILE A 224 -4.64 14.67 28.17
C ILE A 224 -6.06 15.20 28.18
N ARG A 225 -6.65 15.34 29.37
CA ARG A 225 -8.00 15.91 29.48
C ARG A 225 -7.96 17.14 30.38
N ASP A 226 -8.52 18.26 29.92
CA ASP A 226 -8.39 19.47 30.73
C ASP A 226 -9.49 19.63 31.77
N GLY A 227 -10.13 18.53 32.18
CA GLY A 227 -11.19 18.62 33.17
C GLY A 227 -12.51 19.07 32.58
N SER A 228 -12.51 20.23 31.94
CA SER A 228 -13.65 20.62 31.12
C SER A 228 -13.82 19.62 29.98
N GLY A 229 -15.06 19.38 29.57
CA GLY A 229 -15.26 18.54 28.41
C GLY A 229 -14.81 19.17 27.12
N LEU A 230 -14.26 20.39 27.16
CA LEU A 230 -13.95 21.15 25.97
C LEU A 230 -12.63 20.74 25.33
N THR A 231 -11.79 19.95 26.01
CA THR A 231 -10.50 19.59 25.42
C THR A 231 -10.07 18.22 25.93
N TYR A 232 -10.05 17.25 25.02
CA TYR A 232 -9.53 15.92 25.29
C TYR A 232 -8.67 15.45 24.12
N ILE A 233 -7.49 14.94 24.45
CA ILE A 233 -6.55 14.38 23.50
C ILE A 233 -6.33 12.93 23.91
N TYR A 234 -6.87 12.00 23.13
CA TYR A 234 -6.84 10.60 23.47
C TYR A 234 -6.02 9.85 22.43
N PRO A 235 -5.06 9.02 22.83
CA PRO A 235 -4.32 8.24 21.83
C PRO A 235 -5.10 7.00 21.43
N GLY A 236 -5.01 6.65 20.14
CA GLY A 236 -5.70 5.50 19.62
C GLY A 236 -4.73 4.54 18.95
N THR A 237 -5.20 3.30 18.77
CA THR A 237 -4.37 2.30 18.11
C THR A 237 -4.23 2.58 16.62
N SER A 238 -5.25 3.19 16.00
CA SER A 238 -5.23 3.53 14.59
C SER A 238 -5.23 5.04 14.37
N HIS A 239 -6.18 5.76 14.97
CA HIS A 239 -6.27 7.20 14.86
C HIS A 239 -6.23 7.81 16.25
N VAL A 240 -5.32 8.76 16.45
CA VAL A 240 -5.35 9.62 17.61
C VAL A 240 -6.62 10.48 17.58
N THR A 241 -7.38 10.42 18.67
CA THR A 241 -8.72 11.00 18.77
C THR A 241 -8.64 12.34 19.50
N LEU A 242 -8.82 13.43 18.78
CA LEU A 242 -8.67 14.77 19.34
C LEU A 242 -10.01 15.49 19.27
N GLY A 243 -10.58 15.85 20.42
CA GLY A 243 -11.91 16.42 20.40
C GLY A 243 -12.32 17.19 21.63
N GLY A 244 -13.23 18.13 21.43
CA GLY A 244 -13.82 18.92 22.52
C GLY A 244 -15.06 19.68 22.07
N THR A 245 -16.09 18.99 21.60
CA THR A 245 -17.35 19.67 21.24
C THR A 245 -18.54 19.04 21.96
N ARG A 246 -19.35 19.86 22.62
CA ARG A 246 -20.56 19.35 23.31
C ARG A 246 -21.75 20.26 22.99
N GLN A 247 -22.21 20.24 21.75
CA GLN A 247 -23.41 21.03 21.37
C GLN A 247 -24.65 20.24 21.78
N LYS A 248 -25.66 20.90 22.36
CA LYS A 248 -26.83 20.16 22.90
C LYS A 248 -28.05 20.39 22.03
N GLY A 249 -28.77 19.32 21.69
CA GLY A 249 -29.99 19.43 20.86
C GLY A 249 -29.63 19.47 19.39
N ASP A 250 -28.35 19.31 19.08
CA ASP A 250 -27.89 19.39 17.67
C ASP A 250 -27.95 18.00 17.08
N TRP A 251 -29.00 17.74 16.31
CA TRP A 251 -29.06 16.50 15.53
C TRP A 251 -28.21 16.56 14.26
N ASN A 252 -27.63 17.72 13.96
CA ASN A 252 -26.89 17.88 12.71
C ASN A 252 -25.66 16.99 12.70
N LEU A 253 -25.59 16.07 11.74
CA LEU A 253 -24.48 15.16 11.59
C LEU A 253 -23.50 15.61 10.52
N SER A 254 -23.65 16.84 10.01
CA SER A 254 -22.67 17.38 9.08
C SER A 254 -21.53 18.00 9.87
N PRO A 255 -20.28 17.60 9.64
CA PRO A 255 -19.17 18.14 10.41
C PRO A 255 -18.96 19.63 10.16
N ASP A 256 -19.25 20.45 11.17
CA ASP A 256 -19.09 21.89 11.05
C ASP A 256 -17.60 22.27 11.15
N ALA A 257 -17.21 23.28 10.38
CA ALA A 257 -15.80 23.59 10.22
C ALA A 257 -15.23 24.37 11.40
N GLU A 258 -16.00 25.32 11.95
CA GLU A 258 -15.48 26.12 13.06
C GLU A 258 -15.16 25.28 14.28
N ASN A 259 -15.92 24.20 14.49
CA ASN A 259 -15.59 23.25 15.55
C ASN A 259 -14.25 22.59 15.28
N SER A 260 -13.98 22.24 14.02
CA SER A 260 -12.69 21.68 13.65
C SER A 260 -11.56 22.69 13.81
N ARG A 261 -11.86 23.99 13.77
CA ARG A 261 -10.83 24.98 14.06
C ARG A 261 -10.57 25.08 15.57
N GLU A 262 -11.63 25.23 16.36
CA GLU A 262 -11.44 25.46 17.80
C GLU A 262 -10.85 24.24 18.50
N ILE A 263 -11.35 23.04 18.16
CA ILE A 263 -10.82 21.80 18.74
C ILE A 263 -9.32 21.70 18.47
N LEU A 264 -8.94 21.91 17.21
CA LEU A 264 -7.53 21.81 16.84
C LEU A 264 -6.70 22.84 17.60
N SER A 265 -7.18 24.08 17.69
CA SER A 265 -6.41 25.10 18.40
C SER A 265 -6.19 24.71 19.85
N ARG A 266 -7.26 24.32 20.55
CA ARG A 266 -7.13 23.95 21.96
C ARG A 266 -6.19 22.76 22.15
N CYS A 267 -6.40 21.69 21.37
CA CYS A 267 -5.60 20.48 21.54
C CYS A 267 -4.14 20.71 21.14
N CYS A 268 -3.91 21.51 20.09
CA CYS A 268 -2.55 21.85 19.69
C CYS A 268 -1.86 22.66 20.77
N ALA A 269 -2.60 23.56 21.42
CA ALA A 269 -2.02 24.31 22.54
C ALA A 269 -1.62 23.38 23.68
N LEU A 270 -2.47 22.39 23.99
CA LEU A 270 -2.14 21.51 25.11
C LEU A 270 -0.94 20.62 24.78
N GLU A 271 -0.92 20.04 23.59
CA GLU A 271 0.21 19.21 23.15
C GLU A 271 0.79 19.82 21.88
N PRO A 272 1.96 20.44 21.94
CA PRO A 272 2.49 21.18 20.78
C PRO A 272 3.00 20.32 19.64
N SER A 273 3.59 19.17 19.96
CA SER A 273 4.21 18.29 18.96
C SER A 273 3.19 17.86 17.92
N LEU A 274 1.91 18.10 18.22
CA LEU A 274 0.79 17.88 17.31
C LEU A 274 0.91 18.69 16.02
N HIS A 275 1.85 19.63 15.93
CA HIS A 275 1.93 20.50 14.76
C HIS A 275 2.17 19.71 13.48
N GLY A 276 3.04 18.70 13.52
CA GLY A 276 3.34 17.91 12.34
C GLY A 276 2.50 16.66 12.22
N ALA A 277 1.20 16.81 11.97
CA ALA A 277 0.27 15.70 11.95
C ALA A 277 -0.42 15.60 10.59
N CYS A 278 -0.93 14.40 10.30
CA CYS A 278 -1.49 14.09 9.00
C CYS A 278 -2.85 13.42 9.15
N ASN A 279 -3.62 13.46 8.06
CA ASN A 279 -4.92 12.79 7.95
C ASN A 279 -5.88 13.29 9.03
N ILE A 280 -6.19 14.58 8.96
CA ILE A 280 -7.06 15.23 9.95
C ILE A 280 -8.49 15.07 9.45
N ARG A 281 -9.09 13.93 9.75
CA ARG A 281 -10.44 13.63 9.27
C ARG A 281 -11.42 13.77 10.43
N GLU A 282 -12.44 14.60 10.25
CA GLU A 282 -13.39 14.89 11.31
C GLU A 282 -14.63 14.02 11.17
N LYS A 283 -15.06 13.44 12.29
CA LYS A 283 -16.35 12.75 12.35
C LYS A 283 -17.15 13.35 13.50
N VAL A 284 -18.45 13.08 13.50
CA VAL A 284 -19.36 13.60 14.51
C VAL A 284 -20.17 12.45 15.10
N GLY A 285 -20.92 12.78 16.14
CA GLY A 285 -21.72 11.79 16.84
C GLY A 285 -22.72 12.49 17.73
N LEU A 286 -23.77 11.75 18.07
CA LEU A 286 -24.88 12.26 18.87
C LEU A 286 -24.94 11.45 20.17
N ARG A 287 -24.38 12.02 21.23
CA ARG A 287 -24.49 11.39 22.54
C ARG A 287 -25.96 11.32 22.95
N PRO A 288 -26.49 10.15 23.28
CA PRO A 288 -27.85 10.06 23.80
C PRO A 288 -27.90 10.45 25.28
N TYR A 289 -28.29 11.67 25.58
CA TYR A 289 -28.19 12.21 26.93
C TYR A 289 -29.50 12.04 27.67
N ARG A 290 -29.40 11.66 28.95
CA ARG A 290 -30.52 11.50 29.85
C ARG A 290 -29.95 11.73 31.24
N PRO A 291 -30.58 12.58 32.06
CA PRO A 291 -30.07 12.82 33.43
C PRO A 291 -29.79 11.54 34.19
N GLY A 292 -30.70 10.57 34.12
CA GLY A 292 -30.47 9.26 34.69
C GLY A 292 -30.70 8.17 33.68
N VAL A 293 -29.71 7.31 33.46
CA VAL A 293 -29.80 6.22 32.50
C VAL A 293 -31.06 5.40 32.76
N ARG A 294 -31.98 5.40 31.80
CA ARG A 294 -33.22 4.67 31.95
C ARG A 294 -32.93 3.17 32.01
N LEU A 295 -33.23 2.58 33.17
CA LEU A 295 -33.04 1.16 33.48
C LEU A 295 -34.19 0.72 34.39
N GLN A 296 -35.30 0.33 33.77
CA GLN A 296 -36.47 -0.12 34.52
C GLN A 296 -37.29 -1.05 33.64
N THR A 297 -38.15 -1.84 34.28
CA THR A 297 -39.01 -2.78 33.58
C THR A 297 -40.39 -2.15 33.39
N GLU A 298 -40.79 -1.99 32.14
CA GLU A 298 -42.10 -1.43 31.77
C GLU A 298 -42.95 -2.52 31.15
N LEU A 299 -44.21 -2.61 31.56
CA LEU A 299 -45.13 -3.59 31.01
C LEU A 299 -46.23 -2.83 30.28
N LEU A 300 -45.99 -2.55 29.00
CA LEU A 300 -46.99 -1.88 28.17
C LEU A 300 -47.85 -2.92 27.46
N ALA A 301 -49.17 -2.69 27.47
CA ALA A 301 -50.13 -3.58 26.82
C ALA A 301 -51.46 -2.86 26.65
N ARG A 302 -51.77 -2.46 25.42
CA ARG A 302 -52.97 -1.67 25.14
C ARG A 302 -53.95 -2.52 24.35
N ASP A 303 -55.00 -2.98 25.02
CA ASP A 303 -56.06 -3.79 24.42
C ASP A 303 -55.47 -5.00 23.69
N GLY A 304 -54.54 -5.66 24.34
CA GLY A 304 -53.91 -6.84 23.81
C GLY A 304 -53.30 -7.68 24.90
N GLN A 305 -52.39 -8.56 24.51
CA GLN A 305 -51.69 -9.39 25.47
C GLN A 305 -50.52 -8.62 26.08
N ARG A 306 -49.86 -9.25 27.05
CA ARG A 306 -48.76 -8.63 27.76
C ARG A 306 -47.57 -8.41 26.82
N LEU A 307 -46.70 -7.49 27.21
CA LEU A 307 -45.44 -7.28 26.51
C LEU A 307 -44.43 -6.66 27.47
N PRO A 308 -43.68 -7.47 28.21
CA PRO A 308 -42.63 -6.92 29.08
C PRO A 308 -41.49 -6.35 28.25
N VAL A 309 -41.06 -5.14 28.59
CA VAL A 309 -39.98 -4.45 27.90
C VAL A 309 -39.11 -3.81 28.97
N VAL A 310 -37.88 -4.29 29.11
CA VAL A 310 -36.93 -3.67 30.02
C VAL A 310 -36.14 -2.63 29.26
N HIS A 311 -36.21 -1.37 29.71
CA HIS A 311 -35.55 -0.27 29.04
C HIS A 311 -34.12 -0.15 29.53
N HIS A 312 -33.25 0.34 28.65
CA HIS A 312 -31.84 0.47 28.95
C HIS A 312 -31.21 1.47 27.99
N TYR A 313 -31.39 2.76 28.25
CA TYR A 313 -30.86 3.76 27.32
C TYR A 313 -30.55 5.04 28.08
N GLY A 314 -30.28 6.11 27.33
CA GLY A 314 -29.94 7.39 27.90
C GLY A 314 -28.62 7.37 28.64
N HIS A 315 -27.60 6.81 28.00
CA HIS A 315 -26.32 6.61 28.68
C HIS A 315 -25.50 7.89 28.79
N GLY A 316 -25.66 8.81 27.85
CA GLY A 316 -24.94 10.06 27.92
C GLY A 316 -23.48 9.92 27.55
N SER A 317 -22.71 10.95 27.91
CA SER A 317 -21.29 11.00 27.58
C SER A 317 -20.45 10.02 28.40
N GLY A 318 -21.03 9.40 29.43
CA GLY A 318 -20.29 8.46 30.25
C GLY A 318 -20.96 7.10 30.33
N GLY A 319 -21.41 6.59 29.19
CA GLY A 319 -22.10 5.32 29.15
C GLY A 319 -21.20 4.13 28.88
N ILE A 320 -20.07 4.37 28.21
CA ILE A 320 -19.15 3.28 27.90
C ILE A 320 -18.42 2.81 29.14
N SER A 321 -17.98 3.74 29.98
CA SER A 321 -17.23 3.40 31.18
C SER A 321 -18.05 2.60 32.19
N VAL A 322 -19.37 2.55 32.02
CA VAL A 322 -20.26 1.86 32.95
C VAL A 322 -21.14 0.82 32.24
N HIS A 323 -20.82 0.50 30.99
CA HIS A 323 -21.71 -0.35 30.20
C HIS A 323 -21.85 -1.76 30.80
N TRP A 324 -20.82 -2.27 31.48
CA TRP A 324 -20.96 -3.58 32.11
C TRP A 324 -21.85 -3.54 33.34
N GLY A 325 -21.70 -2.54 34.21
CA GLY A 325 -22.57 -2.46 35.38
C GLY A 325 -24.03 -2.27 35.01
N THR A 326 -24.30 -1.40 34.05
CA THR A 326 -25.66 -1.23 33.56
C THR A 326 -26.16 -2.52 32.91
N ALA A 327 -25.29 -3.23 32.18
CA ALA A 327 -25.68 -4.52 31.63
C ALA A 327 -26.08 -5.49 32.74
N LEU A 328 -25.34 -5.50 33.85
CA LEU A 328 -25.67 -6.37 34.97
C LEU A 328 -27.04 -6.03 35.55
N GLU A 329 -27.31 -4.74 35.75
CA GLU A 329 -28.61 -4.35 36.31
C GLU A 329 -29.75 -4.68 35.35
N ALA A 330 -29.56 -4.45 34.05
CA ALA A 330 -30.60 -4.76 33.07
C ALA A 330 -30.86 -6.26 33.01
N ALA A 331 -29.81 -7.07 33.02
CA ALA A 331 -29.98 -8.52 33.05
C ALA A 331 -30.61 -8.97 34.36
N ARG A 332 -30.39 -8.22 35.45
CA ARG A 332 -31.11 -8.50 36.69
C ARG A 332 -32.61 -8.38 36.49
N LEU A 333 -33.05 -7.25 35.94
CA LEU A 333 -34.49 -7.09 35.67
C LEU A 333 -34.99 -8.17 34.72
N VAL A 334 -34.17 -8.56 33.75
CA VAL A 334 -34.58 -9.61 32.82
C VAL A 334 -34.80 -10.93 33.56
N SER A 335 -33.86 -11.30 34.43
CA SER A 335 -34.00 -12.53 35.20
C SER A 335 -35.24 -12.49 36.08
N GLU A 336 -35.47 -11.35 36.74
CA GLU A 336 -36.65 -11.22 37.61
C GLU A 336 -37.94 -11.37 36.82
N CYS A 337 -38.02 -10.76 35.63
CA CYS A 337 -39.24 -10.86 34.84
C CYS A 337 -39.43 -12.25 34.24
N VAL A 338 -38.32 -12.90 33.84
CA VAL A 338 -38.42 -14.26 33.36
C VAL A 338 -38.94 -15.18 34.46
N HIS A 339 -38.46 -14.99 35.69
CA HIS A 339 -39.01 -15.73 36.81
C HIS A 339 -40.49 -15.44 36.99
N ALA A 340 -40.88 -14.16 36.84
CA ALA A 340 -42.30 -13.83 36.92
C ALA A 340 -43.11 -14.54 35.84
N LEU A 341 -42.50 -14.85 34.70
CA LEU A 341 -43.19 -15.61 33.68
C LEU A 341 -43.26 -17.10 34.02
N ARG A 342 -42.17 -17.67 34.55
CA ARG A 342 -42.20 -19.07 34.96
C ARG A 342 -43.21 -19.30 36.07
N THR A 343 -42.97 -18.71 37.25
CA THR A 343 -43.91 -18.89 38.34
C THR A 343 -45.16 -18.07 38.11
N PRO A 344 -46.34 -18.59 38.47
CA PRO A 344 -47.61 -17.88 38.31
C PRO A 344 -48.03 -17.12 39.57
N ASP B 11 42.78 32.07 10.33
CA ASP B 11 42.80 31.63 11.72
C ASP B 11 41.49 30.93 12.08
N THR B 12 41.34 29.69 11.59
CA THR B 12 40.14 28.89 11.79
C THR B 12 40.55 27.53 12.34
N ALA B 13 39.63 26.91 13.09
CA ALA B 13 39.85 25.58 13.64
C ALA B 13 39.16 24.56 12.74
N ARG B 14 39.97 23.75 12.04
CA ARG B 14 39.47 22.69 11.17
C ARG B 14 39.34 21.42 12.02
N ILE B 15 38.12 21.12 12.44
CA ILE B 15 37.85 20.03 13.37
C ILE B 15 37.15 18.90 12.64
N ALA B 16 37.46 17.67 13.04
CA ALA B 16 36.85 16.47 12.50
C ALA B 16 36.24 15.65 13.62
N VAL B 17 35.13 14.98 13.31
CA VAL B 17 34.46 14.07 14.22
C VAL B 17 34.30 12.74 13.48
N VAL B 18 35.07 11.74 13.89
CA VAL B 18 34.93 10.40 13.35
C VAL B 18 33.91 9.64 14.18
N GLY B 19 32.94 9.03 13.51
CA GLY B 19 31.84 8.39 14.19
C GLY B 19 30.54 9.16 13.99
N ALA B 20 29.52 8.49 13.45
CA ALA B 20 28.23 9.11 13.17
C ALA B 20 27.13 8.49 14.01
N GLY B 21 27.47 7.96 15.18
CA GLY B 21 26.51 7.34 16.06
C GLY B 21 25.66 8.34 16.80
N VAL B 22 24.99 7.84 17.85
CA VAL B 22 24.11 8.70 18.63
C VAL B 22 24.91 9.75 19.40
N VAL B 23 26.20 9.52 19.65
CA VAL B 23 27.05 10.53 20.24
C VAL B 23 28.02 11.14 19.23
N GLY B 24 28.32 10.45 18.13
CA GLY B 24 29.18 11.04 17.11
C GLY B 24 28.56 12.27 16.49
N LEU B 25 27.23 12.34 16.44
CA LEU B 25 26.52 13.52 15.96
C LEU B 25 26.27 14.52 17.08
N SER B 26 25.91 14.03 18.28
CA SER B 26 25.62 14.93 19.38
C SER B 26 26.87 15.68 19.83
N THR B 27 28.02 15.01 19.81
CA THR B 27 29.28 15.71 20.10
C THR B 27 29.52 16.84 19.12
N ALA B 28 29.28 16.59 17.82
CA ALA B 28 29.44 17.64 16.82
C ALA B 28 28.45 18.77 17.02
N VAL B 29 27.23 18.46 17.45
CA VAL B 29 26.26 19.50 17.75
C VAL B 29 26.76 20.42 18.87
N CYS B 30 27.12 19.82 20.00
CA CYS B 30 27.59 20.62 21.14
C CYS B 30 28.87 21.37 20.80
N ILE B 31 29.73 20.79 19.95
CA ILE B 31 30.92 21.50 19.50
C ILE B 31 30.54 22.70 18.65
N SER B 32 29.64 22.49 17.68
CA SER B 32 29.15 23.58 16.84
C SER B 32 28.57 24.72 17.66
N LYS B 33 28.05 24.42 18.85
CA LYS B 33 27.51 25.48 19.71
C LYS B 33 28.43 25.86 20.87
N LEU B 34 29.63 25.30 20.96
CA LEU B 34 30.55 25.65 22.05
C LEU B 34 31.86 26.30 21.59
N VAL B 35 32.32 26.06 20.37
CA VAL B 35 33.58 26.64 19.94
C VAL B 35 33.33 27.81 18.99
N PRO B 36 34.10 28.90 19.09
CA PRO B 36 33.80 30.12 18.33
C PRO B 36 33.98 29.94 16.83
N ARG B 37 35.15 29.51 16.40
CA ARG B 37 35.46 29.33 14.98
C ARG B 37 35.72 27.86 14.73
N CYS B 38 34.88 27.23 13.90
CA CYS B 38 34.94 25.80 13.71
C CYS B 38 34.62 25.44 12.27
N SER B 39 35.15 24.29 11.85
CA SER B 39 34.80 23.66 10.59
C SER B 39 34.61 22.17 10.85
N VAL B 40 33.67 21.85 11.74
CA VAL B 40 33.46 20.48 12.16
C VAL B 40 32.91 19.66 11.00
N THR B 41 33.64 18.62 10.61
CA THR B 41 33.20 17.71 9.56
C THR B 41 33.15 16.30 10.11
N ILE B 42 32.05 15.60 9.83
CA ILE B 42 31.87 14.23 10.31
C ILE B 42 32.36 13.25 9.25
N ILE B 43 33.06 12.21 9.69
CA ILE B 43 33.64 11.21 8.80
C ILE B 43 33.38 9.84 9.41
N SER B 44 32.65 8.99 8.69
CA SER B 44 32.28 7.69 9.24
C SER B 44 32.10 6.67 8.13
N ASP B 45 32.21 5.39 8.51
CA ASP B 45 32.01 4.29 7.58
C ASP B 45 30.52 4.03 7.36
N LYS B 46 29.71 4.06 8.42
CA LYS B 46 28.28 3.81 8.34
C LYS B 46 27.53 4.98 8.95
N PHE B 47 26.34 5.25 8.41
CA PHE B 47 25.58 6.40 8.87
C PHE B 47 24.18 6.00 9.35
N THR B 48 23.29 6.98 9.57
CA THR B 48 22.03 6.74 10.26
C THR B 48 21.11 5.69 9.64
N PRO B 49 21.25 5.29 8.36
CA PRO B 49 20.51 4.10 7.93
C PRO B 49 20.90 2.84 8.71
N ASP B 50 22.21 2.64 8.94
CA ASP B 50 22.74 1.37 9.47
C ASP B 50 23.90 1.61 10.43
N THR B 51 23.59 2.13 11.62
CA THR B 51 24.55 2.23 12.70
C THR B 51 24.05 1.45 13.91
N THR B 52 24.99 1.12 14.81
CA THR B 52 24.64 0.31 15.97
C THR B 52 23.71 1.02 16.95
N SER B 53 23.48 2.32 16.77
CA SER B 53 22.51 3.05 17.59
C SER B 53 21.13 3.11 16.94
N ASP B 54 21.00 2.75 15.66
CA ASP B 54 19.68 2.64 15.06
C ASP B 54 18.96 1.38 15.53
N VAL B 55 19.71 0.29 15.72
CA VAL B 55 19.15 -0.94 16.28
C VAL B 55 18.78 -0.77 17.75
N ALA B 56 19.25 0.28 18.39
CA ALA B 56 18.97 0.51 19.81
C ALA B 56 17.48 0.67 20.05
N ALA B 57 17.03 0.26 21.23
CA ALA B 57 15.63 0.32 21.58
C ALA B 57 15.13 1.76 21.63
N GLY B 58 15.73 2.57 22.50
CA GLY B 58 15.39 3.98 22.55
C GLY B 58 15.05 4.51 23.93
N MET B 59 14.84 3.62 24.89
CA MET B 59 14.37 4.05 26.21
C MET B 59 15.46 4.80 26.94
N LEU B 60 15.09 5.93 27.56
CA LEU B 60 16.02 6.71 28.36
C LEU B 60 15.97 6.18 29.80
N ILE B 61 16.61 5.03 30.00
CA ILE B 61 16.78 4.44 31.31
C ILE B 61 18.26 4.17 31.50
N PRO B 62 18.96 4.97 32.31
CA PRO B 62 20.42 4.81 32.41
C PRO B 62 20.80 3.52 33.10
N HIS B 63 21.85 2.90 32.61
CA HIS B 63 22.48 1.75 33.28
C HIS B 63 23.64 2.25 34.11
N THR B 64 23.71 1.77 35.36
CA THR B 64 24.74 2.23 36.29
C THR B 64 26.13 1.97 35.72
N TYR B 65 26.89 3.04 35.50
CA TYR B 65 28.25 2.90 34.99
C TYR B 65 29.17 2.44 36.10
N PRO B 66 29.94 1.35 35.89
CA PRO B 66 30.73 0.79 37.00
C PRO B 66 31.86 1.67 37.48
N ASP B 67 32.30 2.65 36.68
CA ASP B 67 33.50 3.41 36.99
C ASP B 67 33.22 4.85 37.38
N THR B 68 32.46 5.58 36.58
CA THR B 68 32.27 7.00 36.82
C THR B 68 31.50 7.24 38.12
N PRO B 69 31.76 8.35 38.81
CA PRO B 69 31.01 8.65 40.03
C PRO B 69 29.52 8.78 39.75
N ILE B 70 28.71 8.43 40.76
CA ILE B 70 27.28 8.37 40.56
C ILE B 70 26.67 9.76 40.43
N HIS B 71 27.27 10.77 41.06
CA HIS B 71 26.71 12.12 40.97
C HIS B 71 26.99 12.75 39.61
N THR B 72 28.19 12.57 39.07
CA THR B 72 28.46 13.06 37.71
C THR B 72 27.64 12.30 36.68
N GLN B 73 27.47 10.99 36.86
CA GLN B 73 26.68 10.19 35.93
C GLN B 73 25.21 10.59 35.97
N LYS B 74 24.67 10.82 37.16
CA LYS B 74 23.31 11.32 37.28
C LYS B 74 23.17 12.71 36.69
N GLN B 75 24.20 13.55 36.81
CA GLN B 75 24.16 14.85 36.16
C GLN B 75 24.13 14.71 34.64
N TRP B 76 24.90 13.78 34.10
CA TRP B 76 24.83 13.48 32.66
C TRP B 76 23.40 13.13 32.26
N PHE B 77 22.76 12.24 33.01
CA PHE B 77 21.39 11.88 32.69
C PHE B 77 20.45 13.07 32.82
N ARG B 78 20.68 13.94 33.81
CA ARG B 78 19.84 15.11 33.99
C ARG B 78 19.91 16.01 32.75
N GLU B 79 21.12 16.32 32.31
CA GLU B 79 21.32 17.14 31.11
C GLU B 79 20.62 16.52 29.90
N THR B 80 20.87 15.22 29.67
CA THR B 80 20.31 14.55 28.50
C THR B 80 18.78 14.55 28.55
N PHE B 81 18.21 14.22 29.71
CA PHE B 81 16.76 14.19 29.86
C PHE B 81 16.14 15.54 29.59
N ASN B 82 16.74 16.62 30.11
CA ASN B 82 16.16 17.94 29.88
C ASN B 82 16.19 18.31 28.40
N HIS B 83 17.35 18.10 27.75
CA HIS B 83 17.43 18.49 26.33
C HIS B 83 16.48 17.66 25.47
N LEU B 84 16.25 16.39 25.81
CA LEU B 84 15.30 15.60 25.02
C LEU B 84 13.85 15.92 25.38
N PHE B 85 13.59 16.34 26.61
CA PHE B 85 12.23 16.70 27.01
C PHE B 85 11.77 17.95 26.27
N ALA B 86 12.63 18.96 26.20
CA ALA B 86 12.31 20.16 25.44
C ALA B 86 11.95 19.83 23.99
N ILE B 87 12.58 18.79 23.42
CA ILE B 87 12.24 18.36 22.07
C ILE B 87 10.90 17.64 22.05
N ALA B 88 10.65 16.82 23.08
CA ALA B 88 9.37 16.12 23.17
C ALA B 88 8.20 17.09 23.20
N ASN B 89 8.40 18.30 23.74
CA ASN B 89 7.34 19.29 23.67
C ASN B 89 7.43 20.16 22.41
N SER B 90 8.56 20.19 21.73
CA SER B 90 8.69 21.01 20.53
C SER B 90 7.84 20.45 19.40
N ALA B 91 7.54 21.32 18.42
CA ALA B 91 6.78 20.89 17.26
C ALA B 91 7.56 19.94 16.36
N GLU B 92 8.87 19.83 16.56
CA GLU B 92 9.72 18.96 15.76
C GLU B 92 9.81 17.55 16.32
N ALA B 93 9.01 17.22 17.34
CA ALA B 93 9.07 15.90 17.94
C ALA B 93 8.73 14.80 16.94
N GLY B 94 7.81 15.08 16.02
CA GLY B 94 7.53 14.12 14.97
C GLY B 94 8.71 13.89 14.05
N ASP B 95 9.49 14.95 13.80
CA ASP B 95 10.66 14.81 12.96
C ASP B 95 11.85 14.25 13.73
N ALA B 96 12.02 14.67 14.99
CA ALA B 96 13.10 14.17 15.82
C ALA B 96 12.80 12.81 16.43
N GLY B 97 11.55 12.35 16.36
CA GLY B 97 11.22 11.02 16.87
C GLY B 97 11.39 10.85 18.36
N VAL B 98 11.27 11.93 19.13
CA VAL B 98 11.39 11.88 20.58
C VAL B 98 10.00 12.03 21.17
N HIS B 99 9.59 11.07 21.99
CA HIS B 99 8.24 11.07 22.55
C HIS B 99 8.28 10.52 23.97
N LEU B 100 7.31 10.95 24.78
CA LEU B 100 7.20 10.49 26.16
C LEU B 100 6.50 9.14 26.22
N VAL B 101 6.99 8.27 27.10
CA VAL B 101 6.40 6.96 27.32
C VAL B 101 6.26 6.73 28.82
N SER B 102 5.33 5.86 29.19
CA SER B 102 5.11 5.50 30.58
C SER B 102 5.24 3.98 30.73
N GLY B 103 5.42 3.54 31.97
CA GLY B 103 5.47 2.11 32.19
C GLY B 103 6.01 1.76 33.55
N TRP B 104 6.43 0.49 33.65
CA TRP B 104 6.80 -0.12 34.92
C TRP B 104 8.04 -1.01 34.79
N GLN B 105 8.82 -1.01 35.87
CA GLN B 105 9.96 -1.88 36.07
C GLN B 105 9.65 -2.77 37.26
N ILE B 106 9.58 -4.07 37.02
CA ILE B 106 9.15 -5.05 38.00
C ILE B 106 10.35 -5.85 38.49
N PHE B 107 10.16 -6.52 39.63
CA PHE B 107 11.19 -7.30 40.30
C PHE B 107 10.55 -8.48 41.00
N GLN B 108 11.15 -9.66 40.74
CA GLN B 108 10.78 -10.89 41.43
C GLN B 108 10.92 -10.76 42.93
N SER B 109 11.93 -10.02 43.39
CA SER B 109 12.16 -9.80 44.80
C SER B 109 12.50 -8.34 45.03
N THR B 110 12.11 -7.82 46.18
CA THR B 110 12.41 -6.44 46.54
C THR B 110 13.92 -6.26 46.69
N PRO B 111 14.54 -5.35 45.92
CA PRO B 111 16.00 -5.20 46.00
C PRO B 111 16.44 -4.50 47.28
N THR B 112 17.75 -4.41 47.49
CA THR B 112 18.27 -3.72 48.66
C THR B 112 18.00 -2.22 48.58
N GLU B 113 18.10 -1.64 47.39
CA GLU B 113 17.79 -0.24 47.16
C GLU B 113 16.43 -0.16 46.47
N GLU B 114 15.40 0.20 47.23
CA GLU B 114 14.07 0.33 46.65
C GLU B 114 13.96 1.53 45.72
N VAL B 115 14.79 2.56 45.91
CA VAL B 115 14.75 3.75 45.07
C VAL B 115 16.12 3.96 44.44
N PRO B 116 16.25 3.85 43.11
CA PRO B 116 17.56 4.10 42.49
C PRO B 116 17.94 5.56 42.47
N PHE B 117 19.05 5.89 41.80
CA PHE B 117 19.51 7.28 41.80
C PHE B 117 18.72 8.14 40.82
N TRP B 118 18.33 7.59 39.66
CA TRP B 118 17.67 8.38 38.63
C TRP B 118 16.20 8.63 38.93
N ALA B 119 15.74 8.34 40.14
CA ALA B 119 14.31 8.46 40.45
C ALA B 119 13.86 9.92 40.41
N ASP B 120 14.62 10.82 41.04
CA ASP B 120 14.18 12.21 41.15
C ASP B 120 14.16 12.92 39.80
N VAL B 121 15.01 12.49 38.86
CA VAL B 121 15.08 13.19 37.58
C VAL B 121 14.04 12.65 36.59
N VAL B 122 13.72 11.36 36.68
CA VAL B 122 12.64 10.83 35.85
C VAL B 122 11.30 11.40 36.33
N LEU B 123 10.29 11.27 35.48
CA LEU B 123 8.97 11.89 35.74
C LEU B 123 8.04 10.90 36.43
N GLY B 124 7.29 11.35 37.44
CA GLY B 124 6.30 10.50 38.11
C GLY B 124 6.84 9.24 38.71
N PHE B 125 7.99 9.29 39.37
CA PHE B 125 8.47 8.07 40.07
C PHE B 125 7.52 7.74 41.22
N ARG B 126 7.18 6.46 41.34
CA ARG B 126 6.18 6.05 42.34
C ARG B 126 6.39 4.57 42.63
N LYS B 127 5.59 3.98 43.51
CA LYS B 127 5.69 2.52 43.76
C LYS B 127 4.38 1.88 43.29
N MET B 128 4.46 0.77 42.55
CA MET B 128 3.23 0.18 41.98
C MET B 128 2.30 -0.27 43.09
N THR B 129 1.00 -0.03 42.93
CA THR B 129 0.00 -0.38 43.97
C THR B 129 -0.18 -1.90 44.03
N GLU B 130 -1.07 -2.38 44.89
CA GLU B 130 -1.45 -3.78 44.79
C GLU B 130 -2.24 -4.05 43.52
N ALA B 131 -3.01 -3.06 43.06
CA ALA B 131 -3.78 -3.22 41.81
C ALA B 131 -2.86 -3.29 40.61
N GLU B 132 -1.91 -2.36 40.52
CA GLU B 132 -0.93 -2.39 39.42
C GLU B 132 -0.04 -3.63 39.49
N LEU B 133 -0.03 -4.34 40.62
CA LEU B 133 0.76 -5.54 40.78
C LEU B 133 0.03 -6.79 40.28
N LYS B 134 -1.28 -6.71 40.05
CA LYS B 134 -2.04 -7.88 39.61
C LYS B 134 -1.80 -8.23 38.15
N LYS B 135 -1.21 -7.33 37.37
CA LYS B 135 -0.90 -7.66 35.98
C LYS B 135 0.08 -8.82 35.90
N PHE B 136 1.13 -8.79 36.73
CA PHE B 136 2.19 -9.80 36.72
C PHE B 136 2.23 -10.46 38.09
N PRO B 137 1.50 -11.57 38.27
CA PRO B 137 1.44 -12.21 39.60
C PRO B 137 2.72 -12.89 40.03
N GLN B 138 3.68 -13.10 39.12
CA GLN B 138 4.93 -13.74 39.47
C GLN B 138 5.94 -12.78 40.07
N TYR B 139 5.58 -11.51 40.26
CA TYR B 139 6.49 -10.49 40.76
C TYR B 139 5.93 -9.86 42.02
N VAL B 140 6.83 -9.45 42.91
CA VAL B 140 6.43 -8.89 44.19
C VAL B 140 6.66 -7.38 44.29
N PHE B 141 7.63 -6.82 43.57
CA PHE B 141 7.89 -5.39 43.75
C PHE B 141 7.93 -4.71 42.39
N GLY B 142 7.57 -3.44 42.36
CA GLY B 142 7.47 -2.72 41.10
C GLY B 142 7.58 -1.22 41.28
N GLN B 143 8.15 -0.56 40.27
CA GLN B 143 8.34 0.88 40.22
C GLN B 143 7.73 1.40 38.93
N ALA B 144 6.88 2.40 39.02
CA ALA B 144 6.24 2.96 37.84
C ALA B 144 6.73 4.38 37.60
N PHE B 145 6.94 4.72 36.34
CA PHE B 145 7.39 6.06 36.01
C PHE B 145 7.09 6.37 34.55
N THR B 146 7.55 7.54 34.12
CA THR B 146 7.33 8.07 32.79
C THR B 146 8.63 8.70 32.31
N THR B 147 9.24 8.08 31.31
CA THR B 147 10.52 8.53 30.78
C THR B 147 10.35 8.90 29.31
N LEU B 148 11.47 9.15 28.63
CA LEU B 148 11.45 9.57 27.23
C LEU B 148 12.07 8.49 26.35
N LYS B 149 11.60 8.46 25.11
CA LYS B 149 12.16 7.56 24.07
C LYS B 149 12.50 8.35 22.81
N TYR B 150 13.33 7.78 21.96
CA TYR B 150 13.74 8.46 20.71
C TYR B 150 13.62 7.45 19.58
N GLU B 151 13.49 7.89 18.34
CA GLU B 151 13.52 6.90 17.24
C GLU B 151 14.85 7.09 16.53
N GLY B 152 15.70 6.06 16.55
CA GLY B 152 17.07 6.20 16.04
C GLY B 152 17.18 6.51 14.58
N PRO B 153 16.37 5.89 13.71
CA PRO B 153 16.39 6.24 12.30
C PRO B 153 15.67 7.57 12.08
N ALA B 154 15.04 8.11 13.12
CA ALA B 154 14.28 9.38 13.03
C ALA B 154 15.00 10.51 13.75
N TYR B 155 15.73 10.20 14.82
CA TYR B 155 16.44 11.24 15.61
C TYR B 155 17.82 11.41 15.02
N LEU B 156 18.49 10.30 14.76
CA LEU B 156 19.82 10.45 14.21
C LEU B 156 19.85 11.23 12.89
N PRO B 157 18.86 11.12 11.98
CA PRO B 157 18.85 12.06 10.85
C PRO B 157 18.51 13.48 11.26
N TRP B 158 17.66 13.64 12.28
CA TRP B 158 17.30 14.98 12.74
C TRP B 158 18.52 15.74 13.22
N LEU B 159 19.50 15.03 13.81
CA LEU B 159 20.75 15.68 14.22
C LEU B 159 21.57 16.09 13.01
N GLU B 160 21.60 15.23 11.98
CA GLU B 160 22.34 15.57 10.76
C GLU B 160 21.76 16.81 10.09
N LYS B 161 20.44 16.99 10.17
CA LYS B 161 19.83 18.21 9.63
C LYS B 161 20.43 19.45 10.28
N ARG B 162 20.50 19.47 11.62
CA ARG B 162 21.04 20.65 12.30
C ARG B 162 22.53 20.82 12.05
N ILE B 163 23.28 19.70 11.97
CA ILE B 163 24.72 19.82 11.74
C ILE B 163 24.99 20.36 10.34
N LYS B 164 24.31 19.82 9.33
CA LYS B 164 24.49 20.34 7.98
C LYS B 164 23.93 21.74 7.82
N GLY B 165 22.97 22.14 8.65
CA GLY B 165 22.56 23.54 8.68
C GLY B 165 23.63 24.43 9.28
N SER B 166 24.35 23.91 10.28
CA SER B 166 25.46 24.66 10.85
C SER B 166 26.59 24.85 9.85
N GLY B 167 26.91 23.80 9.08
CA GLY B 167 27.97 23.87 8.11
C GLY B 167 28.80 22.60 8.00
N GLY B 168 28.57 21.66 8.91
CA GLY B 168 29.27 20.40 8.85
C GLY B 168 28.75 19.53 7.70
N TRP B 169 29.69 18.82 7.07
CA TRP B 169 29.35 18.00 5.91
C TRP B 169 29.67 16.53 6.17
N THR B 170 28.75 15.67 5.73
CA THR B 170 28.89 14.22 5.87
C THR B 170 29.90 13.69 4.85
N LEU B 171 30.89 12.94 5.34
CA LEU B 171 31.86 12.28 4.47
C LEU B 171 31.87 10.80 4.84
N THR B 172 31.61 9.94 3.85
CA THR B 172 31.53 8.50 4.07
C THR B 172 32.89 7.89 3.78
N ARG B 173 33.60 7.50 4.84
CA ARG B 173 34.98 7.05 4.74
C ARG B 173 35.31 6.23 5.98
N ARG B 174 35.93 5.07 5.78
CA ARG B 174 36.39 4.24 6.88
C ARG B 174 37.89 4.45 7.08
N ILE B 175 38.26 4.84 8.29
CA ILE B 175 39.64 5.11 8.66
C ILE B 175 40.10 3.99 9.59
N GLU B 176 41.21 3.35 9.25
CA GLU B 176 41.79 2.31 10.08
C GLU B 176 42.95 2.82 10.94
N ASP B 177 43.33 4.08 10.80
CA ASP B 177 44.35 4.67 11.65
C ASP B 177 44.16 6.19 11.64
N LEU B 178 44.03 6.78 12.83
CA LEU B 178 43.74 8.20 12.96
C LEU B 178 44.87 9.09 12.46
N TRP B 179 46.02 8.52 12.08
CA TRP B 179 47.15 9.32 11.63
C TRP B 179 47.00 9.82 10.20
N GLU B 180 45.96 9.38 9.49
CA GLU B 180 45.74 9.87 8.13
C GLU B 180 45.26 11.32 8.13
N LEU B 181 44.46 11.70 9.13
CA LEU B 181 43.97 13.06 9.28
C LEU B 181 45.02 14.01 9.85
N HIS B 182 46.25 13.54 10.03
CA HIS B 182 47.28 14.37 10.66
C HIS B 182 47.63 15.62 9.86
N PRO B 183 47.97 15.55 8.56
CA PRO B 183 48.41 16.76 7.87
C PRO B 183 47.27 17.63 7.35
N SER B 184 46.01 17.22 7.53
CA SER B 184 44.87 17.94 6.99
C SER B 184 44.08 18.67 8.06
N PHE B 185 43.59 17.95 9.07
CA PHE B 185 42.78 18.54 10.12
C PHE B 185 43.65 19.02 11.29
N ASP B 186 43.02 19.78 12.19
CA ASP B 186 43.68 20.27 13.39
C ASP B 186 43.37 19.41 14.62
N ILE B 187 42.10 19.06 14.81
CA ILE B 187 41.69 18.22 15.94
C ILE B 187 40.67 17.21 15.43
N VAL B 188 40.82 15.96 15.85
CA VAL B 188 39.89 14.88 15.52
C VAL B 188 39.23 14.40 16.80
N VAL B 189 37.92 14.24 16.77
CA VAL B 189 37.13 13.82 17.92
C VAL B 189 36.71 12.38 17.69
N ASN B 190 37.34 11.46 18.42
CA ASN B 190 37.03 10.04 18.26
C ASN B 190 35.70 9.71 18.90
N CYS B 191 34.74 9.26 18.08
CA CYS B 191 33.43 8.84 18.56
C CYS B 191 32.98 7.54 17.89
N SER B 192 33.94 6.71 17.48
CA SER B 192 33.64 5.50 16.73
C SER B 192 32.99 4.41 17.58
N GLY B 193 33.01 4.54 18.89
CA GLY B 193 32.44 3.49 19.71
C GLY B 193 33.24 2.23 19.59
N LEU B 194 32.58 1.14 19.20
CA LEU B 194 33.26 -0.15 19.08
C LEU B 194 34.39 -0.08 18.05
N GLY B 195 34.20 0.69 16.98
CA GLY B 195 35.25 0.88 16.00
C GLY B 195 36.54 1.41 16.58
N SER B 196 36.48 2.08 17.73
CA SER B 196 37.66 2.58 18.40
C SER B 196 38.55 1.48 18.96
N ARG B 197 38.13 0.22 18.85
CA ARG B 197 38.99 -0.87 19.39
C ARG B 197 40.31 -0.88 18.65
N GLN B 198 40.26 -0.83 17.32
CA GLN B 198 41.47 -0.86 16.51
C GLN B 198 41.86 0.53 16.01
N LEU B 199 41.32 1.59 16.62
CA LEU B 199 41.66 2.95 16.28
C LEU B 199 42.48 3.65 17.36
N ALA B 200 42.04 3.54 18.61
CA ALA B 200 42.77 4.11 19.74
C ALA B 200 43.70 3.10 20.40
N GLY B 201 43.75 1.87 19.90
CA GLY B 201 44.56 0.84 20.53
C GLY B 201 43.99 0.31 21.83
N ASP B 202 42.70 0.48 22.06
CA ASP B 202 42.06 0.07 23.29
C ASP B 202 41.59 -1.37 23.19
N SER B 203 42.12 -2.23 24.07
CA SER B 203 41.63 -3.58 24.23
C SER B 203 40.76 -3.73 25.47
N LYS B 204 40.50 -2.62 26.17
CA LYS B 204 39.58 -2.62 27.30
C LYS B 204 38.12 -2.47 26.87
N ILE B 205 37.86 -2.17 25.60
CA ILE B 205 36.51 -2.10 25.05
C ILE B 205 36.20 -3.43 24.38
N PHE B 206 35.03 -3.97 24.70
CA PHE B 206 34.61 -5.22 24.08
C PHE B 206 33.13 -5.15 23.72
N PRO B 207 32.70 -5.87 22.69
CA PRO B 207 31.30 -5.78 22.25
C PRO B 207 30.40 -6.76 22.99
N VAL B 208 29.43 -6.25 23.72
CA VAL B 208 28.40 -7.09 24.32
C VAL B 208 27.25 -7.22 23.33
N ARG B 209 26.89 -8.44 22.98
CA ARG B 209 25.97 -8.69 21.88
C ARG B 209 24.55 -8.85 22.41
N GLY B 210 23.62 -8.10 21.82
CA GLY B 210 22.22 -8.24 22.18
C GLY B 210 21.32 -8.23 20.96
N GLN B 211 20.41 -9.20 20.84
CA GLN B 211 19.50 -9.26 19.70
C GLN B 211 18.10 -8.92 20.17
N VAL B 212 17.38 -8.18 19.32
CA VAL B 212 16.06 -7.67 19.62
C VAL B 212 15.11 -8.11 18.52
N LEU B 213 13.97 -8.67 18.90
CA LEU B 213 12.89 -8.98 17.98
C LEU B 213 12.01 -7.73 17.83
N GLN B 214 11.94 -7.22 16.60
CA GLN B 214 11.18 -6.02 16.27
C GLN B 214 9.76 -6.43 15.90
N VAL B 215 8.95 -6.69 16.92
CA VAL B 215 7.60 -7.18 16.66
C VAL B 215 6.67 -5.98 16.55
N GLN B 216 5.58 -6.11 15.80
CA GLN B 216 4.62 -5.03 15.68
C GLN B 216 3.35 -5.41 16.42
N ALA B 217 2.96 -4.57 17.39
CA ALA B 217 1.74 -4.74 18.16
C ALA B 217 1.30 -3.39 18.69
N PRO B 218 0.53 -2.62 17.91
CA PRO B 218 0.20 -1.25 18.31
C PRO B 218 -0.67 -1.14 19.55
N TRP B 219 -1.27 -2.23 20.02
CA TRP B 219 -2.11 -2.16 21.20
C TRP B 219 -1.30 -2.05 22.50
N VAL B 220 -0.01 -2.30 22.47
CA VAL B 220 0.83 -2.09 23.63
C VAL B 220 1.31 -0.65 23.63
N GLU B 221 1.27 -0.01 24.79
CA GLU B 221 1.65 1.39 24.92
C GLU B 221 2.46 1.70 26.16
N HIS B 222 2.75 0.71 27.01
CA HIS B 222 3.53 0.90 28.23
C HIS B 222 4.77 0.02 28.16
N PHE B 223 5.88 0.54 28.67
CA PHE B 223 7.09 -0.28 28.72
C PHE B 223 7.10 -1.13 29.99
N ILE B 224 7.61 -2.35 29.87
CA ILE B 224 7.74 -3.28 30.98
C ILE B 224 9.16 -3.81 31.00
N ARG B 225 9.83 -3.72 32.14
CA ARG B 225 11.18 -4.27 32.23
C ARG B 225 11.43 -4.82 33.63
N ASP B 226 12.04 -5.99 33.71
CA ASP B 226 12.38 -6.58 35.00
C ASP B 226 13.82 -6.28 35.37
N GLY B 227 14.19 -6.68 36.59
CA GLY B 227 15.49 -6.39 37.16
C GLY B 227 16.68 -6.73 36.29
N SER B 228 16.90 -8.02 36.06
CA SER B 228 17.97 -8.44 35.18
C SER B 228 17.64 -8.05 33.73
N GLY B 229 18.61 -8.29 32.85
CA GLY B 229 18.42 -8.00 31.44
C GLY B 229 17.74 -9.12 30.70
N LEU B 230 16.81 -9.80 31.37
CA LEU B 230 16.13 -10.94 30.76
C LEU B 230 14.96 -10.51 29.88
N THR B 231 14.31 -9.40 30.19
CA THR B 231 13.11 -9.00 29.48
C THR B 231 13.00 -7.48 29.44
N TYR B 232 12.75 -6.95 28.25
CA TYR B 232 12.33 -5.56 28.11
C TYR B 232 11.39 -5.44 26.92
N ILE B 233 10.19 -4.95 27.20
CA ILE B 233 9.14 -4.69 26.22
C ILE B 233 9.06 -3.18 26.07
N TYR B 234 9.66 -2.64 25.02
CA TYR B 234 9.72 -1.20 24.82
C TYR B 234 8.83 -0.83 23.64
N PRO B 235 7.68 -0.22 23.86
CA PRO B 235 6.82 0.17 22.74
C PRO B 235 7.46 1.25 21.90
N GLY B 236 7.04 1.32 20.64
CA GLY B 236 7.60 2.27 19.71
C GLY B 236 6.55 2.80 18.77
N THR B 237 6.90 3.91 18.10
CA THR B 237 5.99 4.54 17.15
C THR B 237 5.71 3.62 15.97
N SER B 238 6.76 3.05 15.39
CA SER B 238 6.62 2.17 14.23
C SER B 238 6.60 0.70 14.62
N HIS B 239 7.55 0.26 15.44
CA HIS B 239 7.63 -1.13 15.88
C HIS B 239 7.84 -1.20 17.39
N VAL B 240 7.38 -2.30 17.96
CA VAL B 240 7.58 -2.61 19.37
C VAL B 240 8.85 -3.43 19.53
N THR B 241 9.80 -2.88 20.28
CA THR B 241 11.09 -3.50 20.56
C THR B 241 10.92 -4.55 21.65
N LEU B 242 11.25 -5.80 21.36
CA LEU B 242 11.10 -6.87 22.33
C LEU B 242 12.45 -7.54 22.51
N GLY B 243 12.98 -7.54 23.73
CA GLY B 243 14.35 -7.98 23.89
C GLY B 243 14.79 -8.50 25.25
N GLY B 244 15.75 -9.41 25.21
CA GLY B 244 16.26 -10.09 26.38
C GLY B 244 17.57 -10.83 26.11
N THR B 245 18.57 -10.13 25.58
CA THR B 245 19.83 -10.74 25.18
C THR B 245 20.99 -9.92 25.72
N ARG B 246 21.98 -10.60 26.30
CA ARG B 246 23.14 -9.96 26.92
C ARG B 246 24.33 -10.93 26.84
N GLN B 247 24.88 -11.08 25.63
CA GLN B 247 26.02 -11.94 25.37
C GLN B 247 27.27 -11.09 25.24
N LYS B 248 28.26 -11.35 26.10
CA LYS B 248 29.47 -10.57 26.18
C LYS B 248 30.60 -11.24 25.40
N GLY B 249 31.33 -10.45 24.63
CA GLY B 249 32.41 -10.95 23.80
C GLY B 249 31.96 -11.63 22.52
N ASP B 250 30.68 -11.54 22.17
CA ASP B 250 30.14 -12.21 20.99
C ASP B 250 30.06 -11.21 19.84
N TRP B 251 30.87 -11.44 18.81
CA TRP B 251 30.82 -10.64 17.58
C TRP B 251 29.82 -11.19 16.57
N ASN B 252 28.94 -12.09 16.99
CA ASN B 252 28.09 -12.85 16.08
C ASN B 252 26.92 -11.98 15.64
N LEU B 253 27.11 -11.23 14.55
CA LEU B 253 26.02 -10.45 13.98
C LEU B 253 24.96 -11.32 13.31
N SER B 254 25.11 -12.63 13.34
CA SER B 254 24.10 -13.52 12.76
C SER B 254 22.95 -13.71 13.75
N PRO B 255 21.71 -13.62 13.29
CA PRO B 255 20.58 -13.81 14.21
C PRO B 255 20.43 -15.25 14.67
N ASP B 256 20.79 -15.52 15.93
CA ASP B 256 20.68 -16.87 16.47
C ASP B 256 19.23 -17.14 16.87
N ALA B 257 18.68 -18.26 16.38
CA ALA B 257 17.26 -18.53 16.57
C ALA B 257 16.91 -18.92 18.00
N GLU B 258 17.86 -19.54 18.72
CA GLU B 258 17.61 -19.90 20.11
C GLU B 258 17.34 -18.67 20.95
N ASN B 259 18.02 -17.57 20.64
CA ASN B 259 17.77 -16.32 21.36
C ASN B 259 16.37 -15.80 21.06
N SER B 260 15.90 -15.95 19.81
CA SER B 260 14.53 -15.57 19.48
C SER B 260 13.53 -16.40 20.28
N ARG B 261 13.79 -17.71 20.39
CA ARG B 261 13.00 -18.57 21.26
C ARG B 261 12.88 -17.99 22.66
N GLU B 262 14.03 -17.75 23.30
CA GLU B 262 14.03 -17.27 24.68
C GLU B 262 13.31 -15.93 24.82
N ILE B 263 13.60 -15.00 23.91
CA ILE B 263 13.03 -13.66 24.00
C ILE B 263 11.51 -13.72 23.92
N LEU B 264 10.99 -14.38 22.87
CA LEU B 264 9.53 -14.45 22.73
C LEU B 264 8.90 -15.17 23.92
N SER B 265 9.54 -16.26 24.38
CA SER B 265 9.01 -17.03 25.49
C SER B 265 8.86 -16.17 26.75
N ARG B 266 9.92 -15.42 27.10
CA ARG B 266 9.85 -14.64 28.33
C ARG B 266 8.93 -13.43 28.19
N CYS B 267 8.96 -12.75 27.04
CA CYS B 267 8.17 -11.53 26.91
C CYS B 267 6.68 -11.83 26.83
N CYS B 268 6.29 -12.94 26.19
CA CYS B 268 4.87 -13.25 26.06
C CYS B 268 4.23 -13.57 27.40
N ALA B 269 5.01 -14.00 28.40
CA ALA B 269 4.46 -14.37 29.69
C ALA B 269 4.19 -13.16 30.58
N LEU B 270 4.80 -12.01 30.29
CA LEU B 270 4.55 -10.83 31.09
C LEU B 270 3.24 -10.16 30.70
N GLU B 271 3.00 -9.99 29.40
CA GLU B 271 1.71 -9.53 28.88
C GLU B 271 1.29 -10.46 27.77
N PRO B 272 0.24 -11.27 27.97
CA PRO B 272 -0.14 -12.26 26.94
C PRO B 272 -0.79 -11.65 25.71
N SER B 273 -1.11 -10.35 25.72
CA SER B 273 -1.68 -9.72 24.53
C SER B 273 -0.76 -9.82 23.34
N LEU B 274 0.53 -10.10 23.55
CA LEU B 274 1.48 -10.34 22.48
C LEU B 274 1.17 -11.58 21.66
N HIS B 275 0.20 -12.39 22.10
CA HIS B 275 -0.12 -13.64 21.40
C HIS B 275 -0.60 -13.38 19.98
N GLY B 276 -1.16 -12.20 19.71
CA GLY B 276 -1.67 -11.90 18.39
C GLY B 276 -0.82 -10.93 17.60
N ALA B 277 0.42 -10.71 18.05
CA ALA B 277 1.31 -9.79 17.35
C ALA B 277 1.78 -10.40 16.03
N CYS B 278 2.00 -9.53 15.05
CA CYS B 278 2.35 -9.95 13.70
C CYS B 278 3.61 -9.22 13.25
N ASN B 279 4.13 -9.67 12.10
CA ASN B 279 5.35 -9.12 11.51
C ASN B 279 6.51 -9.15 12.52
N ILE B 280 6.92 -10.38 12.82
CA ILE B 280 7.91 -10.61 13.87
C ILE B 280 9.30 -10.67 13.24
N ARG B 281 9.83 -9.51 12.89
CA ARG B 281 11.20 -9.40 12.41
C ARG B 281 12.16 -9.40 13.59
N GLU B 282 13.46 -9.41 13.32
CA GLU B 282 14.44 -9.30 14.40
C GLU B 282 15.78 -8.85 13.84
N LYS B 283 16.55 -8.17 14.68
CA LYS B 283 17.88 -7.69 14.33
C LYS B 283 18.77 -7.76 15.56
N VAL B 284 20.08 -7.81 15.33
CA VAL B 284 21.05 -7.92 16.39
C VAL B 284 21.82 -6.60 16.52
N GLY B 285 22.58 -6.47 17.60
CA GLY B 285 23.37 -5.28 17.82
C GLY B 285 24.54 -5.55 18.72
N LEU B 286 25.59 -4.74 18.57
CA LEU B 286 26.83 -4.87 19.33
C LEU B 286 26.99 -3.61 20.19
N ARG B 287 26.67 -3.72 21.48
CA ARG B 287 26.88 -2.61 22.39
C ARG B 287 28.36 -2.42 22.66
N PRO B 288 28.91 -1.22 22.51
CA PRO B 288 30.35 -0.95 22.75
C PRO B 288 30.69 -0.88 24.24
N TYR B 289 30.74 -2.04 24.89
CA TYR B 289 30.87 -2.07 26.33
C TYR B 289 32.29 -1.71 26.76
N ARG B 290 32.38 -0.93 27.84
CA ARG B 290 33.65 -0.51 28.41
C ARG B 290 33.42 -0.24 29.90
N PRO B 291 34.32 -0.67 30.78
CA PRO B 291 34.12 -0.41 32.22
C PRO B 291 33.88 1.06 32.54
N GLY B 292 34.74 1.94 32.04
CA GLY B 292 34.55 3.37 32.22
C GLY B 292 34.58 4.10 30.90
N VAL B 293 33.54 4.91 30.64
CA VAL B 293 33.43 5.63 29.37
C VAL B 293 34.66 6.52 29.18
N ARG B 294 35.47 6.19 28.16
CA ARG B 294 36.66 6.97 27.85
C ARG B 294 36.24 8.35 27.37
N LEU B 295 36.43 9.35 28.21
CA LEU B 295 36.08 10.74 27.89
C LEU B 295 37.24 11.64 28.30
N GLN B 296 38.42 11.33 27.79
CA GLN B 296 39.62 12.08 28.10
C GLN B 296 40.31 12.50 26.80
N THR B 297 41.09 13.57 26.89
CA THR B 297 41.88 14.04 25.76
C THR B 297 43.21 13.31 25.72
N GLU B 298 43.81 13.28 24.53
CA GLU B 298 45.09 12.61 24.34
C GLU B 298 45.84 13.36 23.25
N LEU B 299 47.16 13.35 23.33
CA LEU B 299 48.00 14.03 22.35
C LEU B 299 48.77 12.96 21.59
N LEU B 300 48.29 12.60 20.41
CA LEU B 300 48.95 11.59 19.59
C LEU B 300 50.11 12.25 18.87
N ALA B 301 51.33 11.92 19.31
CA ALA B 301 52.54 12.46 18.71
C ALA B 301 53.45 11.31 18.37
N ARG B 302 53.83 11.21 17.09
CA ARG B 302 54.67 10.12 16.62
C ARG B 302 55.69 10.67 15.64
N ASP B 303 56.96 10.65 16.01
CA ASP B 303 58.09 10.94 15.14
C ASP B 303 58.00 12.38 14.60
N GLY B 304 58.20 13.33 15.50
CA GLY B 304 58.33 14.72 15.12
C GLY B 304 57.07 15.40 14.66
N GLN B 305 55.89 14.86 14.99
CA GLN B 305 54.64 15.47 14.62
C GLN B 305 53.63 15.29 15.76
N ARG B 306 52.91 16.37 16.07
CA ARG B 306 51.93 16.37 17.15
C ARG B 306 50.52 16.54 16.56
N LEU B 307 49.55 15.82 17.14
CA LEU B 307 48.17 15.92 16.70
C LEU B 307 47.24 15.67 17.88
N PRO B 308 46.34 16.62 18.18
CA PRO B 308 45.40 16.41 19.28
C PRO B 308 44.30 15.44 18.89
N VAL B 309 43.98 14.52 19.80
CA VAL B 309 42.96 13.51 19.59
C VAL B 309 42.17 13.40 20.90
N VAL B 310 40.96 13.90 20.92
CA VAL B 310 40.10 13.69 22.06
C VAL B 310 39.28 12.42 21.82
N HIS B 311 39.00 11.70 22.89
CA HIS B 311 38.30 10.43 22.81
C HIS B 311 36.95 10.53 23.51
N HIS B 312 35.98 9.80 22.97
CA HIS B 312 34.61 9.83 23.47
C HIS B 312 33.85 8.61 22.94
N TYR B 313 33.98 7.48 23.60
CA TYR B 313 33.41 6.23 23.11
C TYR B 313 33.23 5.30 24.30
N GLY B 314 32.89 4.04 24.01
CA GLY B 314 32.69 3.05 25.04
C GLY B 314 31.55 3.38 25.96
N HIS B 315 30.39 3.65 25.38
CA HIS B 315 29.24 4.16 26.16
C HIS B 315 28.56 2.98 26.84
N GLY B 316 28.77 1.77 26.33
CA GLY B 316 28.21 0.57 26.97
C GLY B 316 26.71 0.40 26.76
N SER B 317 26.06 -0.35 27.65
CA SER B 317 24.61 -0.63 27.57
C SER B 317 23.75 0.63 27.73
N GLY B 318 24.11 1.57 28.60
CA GLY B 318 23.25 2.73 28.88
C GLY B 318 23.78 4.04 28.34
N GLY B 319 24.46 3.99 27.19
CA GLY B 319 25.05 5.20 26.60
C GLY B 319 24.03 6.24 26.17
N ILE B 320 22.90 5.84 25.60
CA ILE B 320 21.93 6.83 25.05
C ILE B 320 21.40 7.73 26.16
N SER B 321 21.13 7.17 27.32
CA SER B 321 20.52 7.96 28.43
C SER B 321 21.44 9.08 28.91
N VAL B 322 22.69 9.10 28.45
CA VAL B 322 23.68 10.09 28.88
C VAL B 322 24.41 10.68 27.70
N HIS B 323 23.86 10.49 26.49
CA HIS B 323 24.59 10.88 25.29
C HIS B 323 24.75 12.40 25.18
N TRP B 324 23.80 13.18 25.70
CA TRP B 324 23.98 14.63 25.71
C TRP B 324 24.98 15.10 26.77
N GLY B 325 24.97 14.51 27.96
CA GLY B 325 25.95 14.90 28.97
C GLY B 325 27.38 14.61 28.53
N THR B 326 27.60 13.40 28.02
CA THR B 326 28.91 13.05 27.52
C THR B 326 29.28 13.87 26.28
N ALA B 327 28.31 14.15 25.41
CA ALA B 327 28.60 15.02 24.26
C ALA B 327 29.03 16.40 24.72
N LEU B 328 28.38 16.94 25.75
CA LEU B 328 28.78 18.24 26.28
C LEU B 328 30.20 18.19 26.82
N GLU B 329 30.50 17.20 27.68
CA GLU B 329 31.85 17.12 28.24
C GLU B 329 32.91 16.96 27.14
N ALA B 330 32.61 16.20 26.09
CA ALA B 330 33.54 16.08 24.99
C ALA B 330 33.74 17.42 24.29
N ALA B 331 32.67 18.17 24.08
CA ALA B 331 32.81 19.50 23.49
C ALA B 331 33.63 20.42 24.38
N ARG B 332 33.52 20.26 25.70
CA ARG B 332 34.34 21.04 26.63
C ARG B 332 35.82 20.71 26.44
N LEU B 333 36.14 19.43 26.32
CA LEU B 333 37.53 19.04 26.05
C LEU B 333 38.02 19.66 24.74
N VAL B 334 37.18 19.64 23.70
CA VAL B 334 37.58 20.19 22.41
C VAL B 334 37.88 21.69 22.54
N SER B 335 37.00 22.43 23.21
CA SER B 335 37.20 23.88 23.32
C SER B 335 38.39 24.20 24.22
N GLU B 336 38.59 23.42 25.29
CA GLU B 336 39.76 23.63 26.13
C GLU B 336 41.05 23.31 25.41
N CYS B 337 41.01 22.48 24.36
CA CYS B 337 42.19 22.30 23.53
C CYS B 337 42.34 23.43 22.51
N VAL B 338 41.22 23.91 21.97
CA VAL B 338 41.28 25.01 21.00
C VAL B 338 41.89 26.26 21.62
N HIS B 339 41.53 26.55 22.87
CA HIS B 339 42.13 27.71 23.54
C HIS B 339 43.64 27.52 23.71
N ALA B 340 44.09 26.31 24.00
CA ALA B 340 45.52 26.04 24.08
C ALA B 340 46.20 26.26 22.74
N LEU B 341 45.49 26.02 21.64
CA LEU B 341 46.06 26.32 20.33
C LEU B 341 46.05 27.81 19.99
N ARG B 342 45.05 28.56 20.45
CA ARG B 342 44.93 29.96 20.07
C ARG B 342 45.85 30.89 20.85
N THR B 343 46.43 30.43 21.95
CA THR B 343 47.34 31.23 22.75
C THR B 343 48.62 30.44 23.01
N PRO B 344 49.80 31.00 22.70
CA PRO B 344 51.07 30.31 22.93
C PRO B 344 51.40 30.18 24.42
N MET C 10 16.67 -31.07 24.90
CA MET C 10 15.96 -31.65 26.03
C MET C 10 14.94 -32.68 25.54
N ASP C 11 14.06 -33.13 26.44
CA ASP C 11 13.04 -34.10 26.05
C ASP C 11 12.07 -33.51 25.03
N THR C 12 11.74 -32.23 25.18
CA THR C 12 10.86 -31.56 24.22
C THR C 12 11.61 -31.29 22.93
N ALA C 13 11.10 -31.83 21.82
CA ALA C 13 11.76 -31.72 20.53
C ALA C 13 11.57 -30.32 19.96
N ARG C 14 12.68 -29.65 19.67
CA ARG C 14 12.67 -28.29 19.11
C ARG C 14 12.87 -28.40 17.60
N ILE C 15 11.78 -28.21 16.86
CA ILE C 15 11.79 -28.36 15.41
C ILE C 15 11.48 -27.01 14.77
N ALA C 16 11.64 -26.96 13.45
CA ALA C 16 11.39 -25.75 12.69
C ALA C 16 10.92 -26.12 11.28
N VAL C 17 10.13 -25.24 10.69
CA VAL C 17 9.61 -25.42 9.34
C VAL C 17 9.89 -24.13 8.57
N VAL C 18 10.77 -24.22 7.57
CA VAL C 18 11.10 -23.05 6.75
C VAL C 18 10.20 -23.08 5.51
N GLY C 19 9.35 -22.08 5.38
CA GLY C 19 8.42 -22.00 4.28
C GLY C 19 6.99 -21.73 4.72
N ALA C 20 6.40 -20.65 4.22
CA ALA C 20 5.03 -20.26 4.56
C ALA C 20 4.04 -20.63 3.46
N GLY C 21 4.37 -21.61 2.63
CA GLY C 21 3.44 -22.07 1.62
C GLY C 21 2.25 -22.77 2.24
N VAL C 22 1.45 -23.39 1.36
CA VAL C 22 0.28 -24.13 1.83
C VAL C 22 0.72 -25.37 2.61
N VAL C 23 1.62 -26.17 2.03
CA VAL C 23 2.13 -27.30 2.77
C VAL C 23 3.04 -26.86 3.90
N GLY C 24 3.66 -25.68 3.79
CA GLY C 24 4.49 -25.20 4.88
C GLY C 24 3.75 -25.11 6.20
N LEU C 25 2.49 -24.67 6.15
CA LEU C 25 1.65 -24.59 7.33
C LEU C 25 0.93 -25.91 7.62
N SER C 26 0.45 -26.59 6.58
CA SER C 26 -0.20 -27.88 6.78
C SER C 26 0.73 -28.90 7.45
N THR C 27 2.02 -28.83 7.14
CA THR C 27 3.00 -29.72 7.76
C THR C 27 3.15 -29.43 9.24
N ALA C 28 3.19 -28.15 9.61
CA ALA C 28 3.21 -27.80 11.03
C ALA C 28 1.99 -28.37 11.74
N VAL C 29 0.81 -28.31 11.09
CA VAL C 29 -0.40 -28.86 11.68
C VAL C 29 -0.25 -30.36 11.92
N CYS C 30 0.08 -31.12 10.87
CA CYS C 30 0.14 -32.57 11.00
C CYS C 30 1.24 -33.00 11.97
N ILE C 31 2.36 -32.28 11.98
CA ILE C 31 3.43 -32.59 12.92
C ILE C 31 2.96 -32.35 14.36
N SER C 32 2.24 -31.24 14.59
CA SER C 32 1.66 -31.01 15.91
C SER C 32 0.73 -32.15 16.32
N LYS C 33 0.07 -32.78 15.35
CA LYS C 33 -0.82 -33.89 15.70
C LYS C 33 -0.16 -35.26 15.68
N LEU C 34 1.13 -35.37 15.32
CA LEU C 34 1.79 -36.67 15.37
C LEU C 34 2.99 -36.72 16.31
N VAL C 35 3.50 -35.59 16.78
CA VAL C 35 4.73 -35.53 17.57
C VAL C 35 4.36 -35.23 19.01
N PRO C 36 4.88 -35.99 19.99
CA PRO C 36 4.45 -35.78 21.38
C PRO C 36 4.93 -34.48 21.99
N ARG C 37 6.18 -34.11 21.78
CA ARG C 37 6.78 -32.91 22.37
C ARG C 37 7.20 -31.96 21.25
N CYS C 38 6.22 -31.37 20.58
CA CYS C 38 6.46 -30.59 19.37
C CYS C 38 6.49 -29.10 19.71
N SER C 39 7.59 -28.44 19.36
CA SER C 39 7.68 -26.99 19.46
C SER C 39 7.95 -26.40 18.07
N VAL C 40 7.12 -26.78 17.10
CA VAL C 40 7.35 -26.40 15.72
C VAL C 40 7.15 -24.89 15.56
N THR C 41 8.12 -24.23 14.95
CA THR C 41 8.06 -22.80 14.66
C THR C 41 8.25 -22.59 13.16
N ILE C 42 7.46 -21.68 12.60
CA ILE C 42 7.46 -21.39 11.16
C ILE C 42 8.37 -20.20 10.90
N ILE C 43 9.25 -20.35 9.90
CA ILE C 43 10.20 -19.33 9.51
C ILE C 43 10.08 -19.13 8.01
N SER C 44 9.91 -17.89 7.57
CA SER C 44 9.68 -17.66 6.15
C SER C 44 10.05 -16.24 5.76
N ASP C 45 10.25 -16.05 4.45
CA ASP C 45 10.52 -14.73 3.89
C ASP C 45 9.22 -13.94 3.78
N LYS C 46 8.35 -14.34 2.84
CA LYS C 46 7.04 -13.72 2.64
C LYS C 46 5.97 -14.68 3.17
N PHE C 47 5.05 -14.15 3.97
CA PHE C 47 4.08 -14.99 4.65
C PHE C 47 2.74 -15.00 3.91
N THR C 48 1.66 -15.29 4.63
CA THR C 48 0.38 -15.50 4.00
C THR C 48 -0.17 -14.28 3.23
N PRO C 49 0.13 -13.03 3.57
CA PRO C 49 -0.37 -11.94 2.70
C PRO C 49 0.14 -12.04 1.27
N ASP C 50 1.38 -12.48 1.05
CA ASP C 50 2.00 -12.42 -0.28
C ASP C 50 2.56 -13.75 -0.76
N THR C 51 2.29 -14.86 -0.07
CA THR C 51 2.89 -16.13 -0.49
C THR C 51 2.34 -16.56 -1.84
N THR C 52 3.15 -17.31 -2.57
CA THR C 52 2.77 -17.77 -3.90
C THR C 52 1.57 -18.72 -3.87
N SER C 53 1.09 -19.10 -2.70
CA SER C 53 -0.10 -19.94 -2.59
C SER C 53 -1.38 -19.12 -2.64
N ASP C 54 -1.33 -17.85 -2.21
CA ASP C 54 -2.49 -16.98 -2.36
C ASP C 54 -2.76 -16.67 -3.83
N VAL C 55 -1.70 -16.37 -4.59
CA VAL C 55 -1.83 -16.01 -5.99
C VAL C 55 -2.36 -17.19 -6.81
N ALA C 56 -2.26 -18.40 -6.29
CA ALA C 56 -2.74 -19.58 -6.99
C ALA C 56 -4.26 -19.56 -7.11
N ALA C 57 -4.77 -20.37 -8.05
CA ALA C 57 -6.21 -20.47 -8.24
C ALA C 57 -6.88 -21.03 -7.00
N GLY C 58 -6.51 -22.23 -6.59
CA GLY C 58 -6.97 -22.81 -5.35
C GLY C 58 -7.99 -23.92 -5.46
N MET C 59 -8.14 -24.55 -6.62
CA MET C 59 -9.12 -25.60 -6.80
C MET C 59 -8.45 -26.97 -6.74
N LEU C 60 -9.20 -27.96 -6.25
CA LEU C 60 -8.69 -29.33 -6.11
C LEU C 60 -8.92 -30.12 -7.40
N ILE C 61 -8.25 -29.65 -8.46
CA ILE C 61 -8.20 -30.39 -9.72
C ILE C 61 -6.76 -30.87 -9.90
N PRO C 62 -6.48 -32.14 -9.65
CA PRO C 62 -5.08 -32.57 -9.56
C PRO C 62 -4.40 -32.60 -10.93
N HIS C 63 -3.12 -32.23 -10.93
CA HIS C 63 -2.28 -32.32 -12.11
C HIS C 63 -1.32 -33.49 -11.91
N THR C 64 -1.42 -34.49 -12.76
CA THR C 64 -0.71 -35.75 -12.56
C THR C 64 0.80 -35.53 -12.57
N TYR C 65 1.49 -36.11 -11.58
CA TYR C 65 2.95 -36.04 -11.49
C TYR C 65 3.57 -37.16 -12.32
N PRO C 66 4.53 -36.86 -13.19
CA PRO C 66 5.09 -37.91 -14.04
C PRO C 66 5.90 -38.95 -13.28
N ASP C 67 6.59 -38.55 -12.21
CA ASP C 67 7.47 -39.46 -11.50
C ASP C 67 6.80 -40.16 -10.33
N THR C 68 5.87 -39.49 -9.66
CA THR C 68 5.18 -40.09 -8.53
C THR C 68 4.12 -41.08 -9.03
N PRO C 69 4.05 -42.27 -8.42
CA PRO C 69 3.09 -43.28 -8.87
C PRO C 69 1.66 -42.78 -8.76
N ILE C 70 0.76 -43.50 -9.45
CA ILE C 70 -0.64 -43.09 -9.54
C ILE C 70 -1.39 -43.41 -8.25
N HIS C 71 -1.15 -44.60 -7.69
CA HIS C 71 -1.85 -45.00 -6.47
C HIS C 71 -1.59 -44.03 -5.33
N THR C 72 -0.34 -43.57 -5.17
CA THR C 72 -0.03 -42.65 -4.08
C THR C 72 -0.55 -41.25 -4.36
N GLN C 73 -0.55 -40.82 -5.62
CA GLN C 73 -1.16 -39.55 -5.99
C GLN C 73 -2.65 -39.55 -5.62
N LYS C 74 -3.37 -40.61 -6.00
CA LYS C 74 -4.78 -40.68 -5.68
C LYS C 74 -4.99 -40.75 -4.17
N GLN C 75 -4.13 -41.48 -3.45
CA GLN C 75 -4.26 -41.55 -2.00
C GLN C 75 -4.10 -40.18 -1.35
N TRP C 76 -3.11 -39.41 -1.82
CA TRP C 76 -2.93 -38.05 -1.30
C TRP C 76 -4.13 -37.17 -1.62
N PHE C 77 -4.69 -37.32 -2.83
CA PHE C 77 -5.88 -36.54 -3.18
C PHE C 77 -7.05 -36.90 -2.27
N ARG C 78 -7.21 -38.18 -1.93
CA ARG C 78 -8.25 -38.59 -1.02
C ARG C 78 -8.06 -37.96 0.36
N GLU C 79 -6.84 -38.04 0.89
CA GLU C 79 -6.55 -37.48 2.20
C GLU C 79 -6.80 -35.98 2.25
N THR C 80 -6.50 -35.27 1.16
CA THR C 80 -6.76 -33.82 1.13
C THR C 80 -8.24 -33.51 0.97
N PHE C 81 -8.89 -34.16 -0.02
CA PHE C 81 -10.27 -33.85 -0.35
C PHE C 81 -11.21 -34.17 0.80
N ASN C 82 -10.98 -35.27 1.53
CA ASN C 82 -11.90 -35.62 2.60
C ASN C 82 -11.83 -34.63 3.75
N HIS C 83 -10.61 -34.22 4.11
CA HIS C 83 -10.45 -33.24 5.18
C HIS C 83 -11.08 -31.90 4.79
N LEU C 84 -10.84 -31.45 3.55
CA LEU C 84 -11.47 -30.21 3.13
C LEU C 84 -12.98 -30.35 2.95
N PHE C 85 -13.48 -31.57 2.70
CA PHE C 85 -14.92 -31.77 2.64
C PHE C 85 -15.55 -31.62 4.01
N ALA C 86 -14.88 -32.17 5.04
CA ALA C 86 -15.36 -31.93 6.41
C ALA C 86 -15.26 -30.45 6.76
N ILE C 87 -14.23 -29.76 6.26
CA ILE C 87 -14.08 -28.33 6.56
C ILE C 87 -15.15 -27.50 5.86
N ALA C 88 -15.54 -27.89 4.64
CA ALA C 88 -16.52 -27.11 3.90
C ALA C 88 -17.89 -27.17 4.56
N ASN C 89 -18.28 -28.34 5.07
CA ASN C 89 -19.52 -28.49 5.82
C ASN C 89 -19.35 -28.19 7.30
N SER C 90 -18.38 -27.33 7.64
CA SER C 90 -18.16 -26.90 9.02
C SER C 90 -18.48 -25.43 9.15
N ALA C 91 -18.84 -25.02 10.37
CA ALA C 91 -19.18 -23.62 10.63
C ALA C 91 -18.01 -22.68 10.42
N GLU C 92 -16.79 -23.20 10.27
CA GLU C 92 -15.61 -22.39 10.04
C GLU C 92 -15.24 -22.29 8.57
N ALA C 93 -16.17 -22.65 7.67
CA ALA C 93 -15.89 -22.52 6.24
C ALA C 93 -15.85 -21.05 5.83
N GLY C 94 -16.63 -20.19 6.47
CA GLY C 94 -16.55 -18.77 6.19
C GLY C 94 -15.21 -18.17 6.57
N ASP C 95 -14.57 -18.72 7.60
CA ASP C 95 -13.24 -18.26 7.98
C ASP C 95 -12.16 -18.95 7.16
N ALA C 96 -12.31 -20.26 6.93
CA ALA C 96 -11.33 -21.02 6.18
C ALA C 96 -11.47 -20.86 4.67
N GLY C 97 -12.58 -20.32 4.19
CA GLY C 97 -12.74 -20.09 2.77
C GLY C 97 -12.80 -21.34 1.93
N VAL C 98 -13.07 -22.49 2.53
CA VAL C 98 -13.17 -23.75 1.81
C VAL C 98 -14.62 -23.97 1.43
N HIS C 99 -14.90 -24.06 0.13
CA HIS C 99 -16.28 -24.26 -0.27
C HIS C 99 -16.33 -25.11 -1.54
N LEU C 100 -17.52 -25.68 -1.78
CA LEU C 100 -17.74 -26.52 -2.95
C LEU C 100 -18.07 -25.68 -4.17
N VAL C 101 -17.56 -26.12 -5.32
CA VAL C 101 -17.79 -25.45 -6.59
C VAL C 101 -18.07 -26.51 -7.66
N SER C 102 -19.13 -26.33 -8.41
CA SER C 102 -19.46 -27.23 -9.50
C SER C 102 -18.84 -26.71 -10.80
N GLY C 103 -18.70 -27.60 -11.77
CA GLY C 103 -18.24 -27.16 -13.06
C GLY C 103 -18.03 -28.33 -14.01
N TRP C 104 -17.38 -28.02 -15.12
CA TRP C 104 -17.21 -28.95 -16.23
C TRP C 104 -15.77 -28.89 -16.74
N GLN C 105 -15.35 -29.99 -17.38
CA GLN C 105 -14.02 -30.12 -17.97
C GLN C 105 -14.19 -30.47 -19.44
N ILE C 106 -14.52 -29.45 -20.25
CA ILE C 106 -14.74 -29.67 -21.66
C ILE C 106 -13.44 -30.08 -22.35
N PHE C 107 -13.56 -30.89 -23.40
CA PHE C 107 -12.45 -31.30 -24.23
C PHE C 107 -12.74 -30.94 -25.68
N GLN C 108 -11.69 -30.66 -26.44
CA GLN C 108 -11.85 -30.40 -27.86
C GLN C 108 -11.73 -31.67 -28.69
N SER C 109 -11.14 -32.72 -28.14
CA SER C 109 -11.09 -34.03 -28.75
C SER C 109 -11.10 -35.07 -27.64
N THR C 110 -11.68 -36.24 -27.92
CA THR C 110 -11.72 -37.31 -26.95
C THR C 110 -10.30 -37.64 -26.48
N PRO C 111 -10.02 -37.52 -25.19
CA PRO C 111 -8.62 -37.56 -24.71
C PRO C 111 -8.06 -38.94 -24.41
N THR C 112 -8.79 -40.01 -24.76
CA THR C 112 -8.38 -41.38 -24.47
C THR C 112 -8.33 -41.61 -22.96
N GLU C 113 -8.67 -40.59 -22.18
CA GLU C 113 -8.76 -40.69 -20.73
C GLU C 113 -10.11 -40.13 -20.28
N GLU C 114 -11.18 -40.76 -20.77
CA GLU C 114 -12.52 -40.24 -20.52
C GLU C 114 -12.97 -40.44 -19.08
N VAL C 115 -12.20 -41.18 -18.27
CA VAL C 115 -12.42 -41.26 -16.82
C VAL C 115 -11.04 -41.28 -16.16
N PRO C 116 -10.67 -40.25 -15.39
CA PRO C 116 -9.32 -40.22 -14.79
C PRO C 116 -9.25 -40.94 -13.46
N PHE C 117 -8.06 -40.96 -12.86
CA PHE C 117 -7.87 -41.67 -11.60
C PHE C 117 -8.50 -40.93 -10.42
N TRP C 118 -8.74 -39.62 -10.54
CA TRP C 118 -9.38 -38.84 -9.50
C TRP C 118 -10.89 -38.76 -9.68
N ALA C 119 -11.47 -39.61 -10.53
CA ALA C 119 -12.90 -39.57 -10.78
C ALA C 119 -13.70 -40.06 -9.59
N ASP C 120 -13.40 -41.27 -9.11
CA ASP C 120 -14.19 -41.88 -8.05
C ASP C 120 -13.95 -41.25 -6.69
N VAL C 121 -13.19 -40.17 -6.59
CA VAL C 121 -12.99 -39.49 -5.31
C VAL C 121 -13.70 -38.14 -5.38
N VAL C 122 -13.67 -37.51 -6.56
CA VAL C 122 -14.41 -36.27 -6.71
C VAL C 122 -15.90 -36.56 -6.70
N LEU C 123 -16.69 -35.52 -6.44
CA LEU C 123 -18.13 -35.66 -6.26
C LEU C 123 -18.84 -35.57 -7.59
N GLY C 124 -19.70 -36.56 -7.85
CA GLY C 124 -20.58 -36.56 -9.00
C GLY C 124 -19.89 -36.45 -10.35
N PHE C 125 -18.89 -37.30 -10.58
CA PHE C 125 -18.24 -37.32 -11.88
C PHE C 125 -19.14 -38.00 -12.90
N ARG C 126 -19.37 -37.32 -14.03
CA ARG C 126 -20.25 -37.83 -15.06
C ARG C 126 -19.88 -37.20 -16.40
N LYS C 127 -20.31 -37.86 -17.47
CA LYS C 127 -20.12 -37.34 -18.83
C LYS C 127 -21.26 -36.39 -19.15
N MET C 128 -20.92 -35.22 -19.68
CA MET C 128 -21.91 -34.17 -19.87
C MET C 128 -22.95 -34.57 -20.94
N THR C 129 -24.16 -34.06 -20.76
CA THR C 129 -25.20 -34.22 -21.76
C THR C 129 -24.89 -33.34 -22.97
N GLU C 130 -25.44 -33.73 -24.12
CA GLU C 130 -25.35 -32.86 -25.29
C GLU C 130 -26.08 -31.53 -25.04
N ALA C 131 -27.03 -31.50 -24.12
CA ALA C 131 -27.65 -30.23 -23.74
C ALA C 131 -26.63 -29.29 -23.13
N GLU C 132 -25.69 -29.82 -22.33
CA GLU C 132 -24.61 -29.02 -21.76
C GLU C 132 -23.43 -28.87 -22.73
N LEU C 133 -23.10 -29.93 -23.48
CA LEU C 133 -22.05 -29.84 -24.48
C LEU C 133 -22.38 -28.82 -25.57
N LYS C 134 -23.66 -28.53 -25.78
CA LYS C 134 -24.06 -27.52 -26.75
C LYS C 134 -23.60 -26.12 -26.34
N LYS C 135 -23.34 -25.89 -25.06
CA LYS C 135 -22.92 -24.56 -24.62
C LYS C 135 -21.52 -24.21 -25.11
N PHE C 136 -20.73 -25.20 -25.52
CA PHE C 136 -19.39 -24.99 -26.07
C PHE C 136 -19.36 -25.64 -27.45
N PRO C 137 -19.67 -24.88 -28.51
CA PRO C 137 -19.82 -25.52 -29.83
C PRO C 137 -18.53 -26.07 -30.40
N GLN C 138 -17.39 -25.47 -30.05
CA GLN C 138 -16.12 -25.90 -30.63
C GLN C 138 -15.53 -27.12 -29.93
N TYR C 139 -16.19 -27.66 -28.91
CA TYR C 139 -15.63 -28.70 -28.07
C TYR C 139 -16.41 -30.00 -28.24
N VAL C 140 -15.68 -31.11 -28.41
CA VAL C 140 -16.30 -32.37 -28.79
C VAL C 140 -16.89 -33.07 -27.57
N PHE C 141 -16.11 -33.20 -26.50
CA PHE C 141 -16.47 -34.03 -25.36
C PHE C 141 -16.16 -33.28 -24.07
N GLY C 142 -16.88 -33.62 -23.01
CA GLY C 142 -16.63 -32.98 -21.73
C GLY C 142 -17.13 -33.82 -20.57
N GLN C 143 -16.64 -33.47 -19.39
CA GLN C 143 -17.02 -34.14 -18.14
C GLN C 143 -17.58 -33.12 -17.18
N ALA C 144 -18.33 -33.59 -16.18
CA ALA C 144 -19.00 -32.71 -15.24
C ALA C 144 -18.78 -33.22 -13.82
N PHE C 145 -18.36 -32.33 -12.92
CA PHE C 145 -18.12 -32.74 -11.55
C PHE C 145 -18.10 -31.51 -10.66
N THR C 146 -18.21 -31.74 -9.36
CA THR C 146 -18.11 -30.69 -8.36
C THR C 146 -17.03 -31.04 -7.36
N THR C 147 -16.23 -30.04 -6.99
CA THR C 147 -15.03 -30.29 -6.15
C THR C 147 -14.94 -29.19 -5.09
N LEU C 148 -13.75 -29.01 -4.51
CA LEU C 148 -13.58 -28.03 -3.42
C LEU C 148 -12.55 -26.98 -3.82
N LYS C 149 -12.77 -25.72 -3.42
CA LYS C 149 -11.80 -24.63 -3.70
C LYS C 149 -11.49 -23.90 -2.41
N TYR C 150 -10.25 -23.41 -2.26
CA TYR C 150 -9.85 -22.67 -1.04
C TYR C 150 -9.37 -21.27 -1.39
N GLU C 151 -9.83 -20.27 -0.65
CA GLU C 151 -9.34 -18.89 -0.88
C GLU C 151 -8.02 -18.70 -0.12
N GLY C 152 -6.98 -18.22 -0.81
CA GLY C 152 -5.66 -18.07 -0.19
C GLY C 152 -5.69 -17.07 0.94
N PRO C 153 -6.39 -15.93 0.77
CA PRO C 153 -6.45 -14.91 1.79
C PRO C 153 -7.18 -15.37 3.05
N ALA C 154 -7.62 -16.63 3.06
CA ALA C 154 -8.62 -17.09 4.01
C ALA C 154 -8.19 -18.39 4.68
N TYR C 155 -7.88 -19.41 3.87
CA TYR C 155 -7.50 -20.70 4.41
C TYR C 155 -6.08 -20.65 5.00
N LEU C 156 -5.16 -19.97 4.31
CA LEU C 156 -3.80 -19.87 4.84
C LEU C 156 -3.75 -19.06 6.15
N PRO C 157 -4.39 -17.89 6.27
CA PRO C 157 -4.46 -17.27 7.60
C PRO C 157 -5.18 -18.15 8.60
N TRP C 158 -6.13 -18.96 8.15
CA TRP C 158 -6.80 -19.91 9.04
C TRP C 158 -5.82 -20.95 9.56
N LEU C 159 -4.91 -21.43 8.69
CA LEU C 159 -3.86 -22.34 9.14
C LEU C 159 -2.96 -21.66 10.16
N GLU C 160 -2.61 -20.40 9.95
CA GLU C 160 -1.80 -19.70 10.95
C GLU C 160 -2.54 -19.58 12.28
N LYS C 161 -3.84 -19.29 12.24
CA LYS C 161 -4.63 -19.24 13.47
C LYS C 161 -4.63 -20.58 14.19
N ARG C 162 -4.73 -21.68 13.44
CA ARG C 162 -4.77 -22.99 14.11
C ARG C 162 -3.41 -23.42 14.63
N ILE C 163 -2.32 -22.96 14.00
CA ILE C 163 -1.00 -23.30 14.53
C ILE C 163 -0.64 -22.42 15.74
N LYS C 164 -1.07 -21.16 15.76
CA LYS C 164 -0.83 -20.35 16.95
C LYS C 164 -1.51 -20.91 18.18
N GLY C 165 -2.56 -21.73 18.01
CA GLY C 165 -3.13 -22.43 19.15
C GLY C 165 -2.18 -23.46 19.73
N SER C 166 -1.36 -24.09 18.89
CA SER C 166 -0.37 -25.05 19.37
C SER C 166 0.80 -24.38 20.07
N GLY C 167 0.93 -23.07 20.00
CA GLY C 167 2.02 -22.35 20.61
C GLY C 167 3.16 -21.99 19.69
N GLY C 168 3.09 -22.38 18.42
CA GLY C 168 4.12 -21.99 17.48
C GLY C 168 4.04 -20.53 17.09
N TRP C 169 5.15 -20.00 16.60
CA TRP C 169 5.25 -18.60 16.22
C TRP C 169 5.94 -18.48 14.87
N THR C 170 5.78 -17.31 14.26
CA THR C 170 6.27 -17.03 12.92
C THR C 170 7.43 -16.04 13.01
N LEU C 171 8.57 -16.41 12.47
CA LEU C 171 9.74 -15.54 12.41
C LEU C 171 9.97 -15.16 10.95
N THR C 172 9.75 -13.89 10.62
CA THR C 172 9.94 -13.40 9.26
C THR C 172 11.42 -13.08 9.08
N ARG C 173 12.16 -14.02 8.50
CA ARG C 173 13.60 -13.86 8.28
C ARG C 173 14.03 -14.79 7.17
N ARG C 174 14.57 -14.23 6.09
CA ARG C 174 15.04 -15.05 4.98
C ARG C 174 16.25 -15.87 5.41
N ILE C 175 16.13 -17.19 5.33
CA ILE C 175 17.24 -18.08 5.63
C ILE C 175 18.04 -18.28 4.35
N GLU C 176 19.31 -17.86 4.36
CA GLU C 176 20.12 -17.98 3.16
C GLU C 176 20.57 -19.42 2.93
N ASP C 177 20.97 -20.13 3.99
CA ASP C 177 21.35 -21.53 3.91
C ASP C 177 20.89 -22.25 5.17
N LEU C 178 20.67 -23.56 5.05
CA LEU C 178 20.09 -24.38 6.12
C LEU C 178 20.93 -24.43 7.38
N TRP C 179 22.21 -24.04 7.32
CA TRP C 179 23.08 -24.09 8.48
C TRP C 179 22.79 -22.99 9.50
N GLU C 180 21.78 -22.15 9.26
CA GLU C 180 21.43 -21.08 10.20
C GLU C 180 20.74 -21.59 11.44
N LEU C 181 20.34 -22.87 11.48
CA LEU C 181 19.58 -23.42 12.59
C LEU C 181 20.27 -24.61 13.25
N HIS C 182 21.53 -24.89 12.89
CA HIS C 182 22.20 -26.06 13.45
C HIS C 182 22.45 -25.93 14.96
N PRO C 183 23.02 -24.83 15.48
CA PRO C 183 23.26 -24.77 16.93
C PRO C 183 22.00 -24.66 17.77
N SER C 184 20.84 -24.39 17.16
CA SER C 184 19.62 -24.13 17.91
C SER C 184 18.59 -25.26 17.69
N PHE C 185 18.02 -25.38 16.50
CA PHE C 185 16.96 -26.34 16.27
C PHE C 185 17.51 -27.75 16.14
N ASP C 186 16.62 -28.72 16.35
CA ASP C 186 16.98 -30.14 16.20
C ASP C 186 16.79 -30.58 14.76
N ILE C 187 15.54 -30.64 14.31
CA ILE C 187 15.19 -31.06 12.95
C ILE C 187 14.48 -29.92 12.27
N VAL C 188 14.83 -29.67 11.00
CA VAL C 188 14.22 -28.61 10.21
C VAL C 188 13.51 -29.24 9.01
N VAL C 189 12.45 -28.57 8.57
CA VAL C 189 11.60 -29.06 7.48
C VAL C 189 11.66 -28.03 6.36
N ASN C 190 12.20 -28.44 5.21
CA ASN C 190 12.35 -27.53 4.07
C ASN C 190 11.04 -27.52 3.29
N CYS C 191 10.19 -26.52 3.56
CA CYS C 191 8.94 -26.32 2.86
C CYS C 191 8.94 -25.01 2.10
N SER C 192 10.11 -24.57 1.64
CA SER C 192 10.24 -23.28 0.97
C SER C 192 9.83 -23.33 -0.49
N GLY C 193 9.52 -24.51 -1.03
CA GLY C 193 9.10 -24.58 -2.42
C GLY C 193 10.19 -24.15 -3.37
N LEU C 194 9.86 -23.21 -4.26
CA LEU C 194 10.81 -22.76 -5.28
C LEU C 194 12.08 -22.22 -4.64
N GLY C 195 11.95 -21.46 -3.55
CA GLY C 195 13.11 -20.92 -2.86
C GLY C 195 14.10 -21.96 -2.41
N SER C 196 13.74 -23.25 -2.44
CA SER C 196 14.68 -24.29 -2.04
C SER C 196 15.75 -24.54 -3.10
N ARG C 197 15.53 -24.07 -4.34
CA ARG C 197 16.55 -24.26 -5.38
C ARG C 197 17.90 -23.69 -4.94
N GLN C 198 17.88 -22.56 -4.24
CA GLN C 198 19.09 -22.01 -3.64
C GLN C 198 19.38 -22.57 -2.26
N LEU C 199 18.37 -23.06 -1.55
CA LEU C 199 18.56 -23.56 -0.20
C LEU C 199 19.12 -24.98 -0.21
N ALA C 200 18.38 -25.90 -0.83
CA ALA C 200 18.80 -27.30 -0.93
C ALA C 200 19.77 -27.55 -2.08
N GLY C 201 20.08 -26.55 -2.89
CA GLY C 201 20.95 -26.74 -4.03
C GLY C 201 20.42 -27.74 -5.03
N ASP C 202 19.14 -27.64 -5.34
CA ASP C 202 18.48 -28.58 -6.24
C ASP C 202 18.43 -27.99 -7.65
N SER C 203 19.08 -28.68 -8.59
CA SER C 203 19.08 -28.27 -9.99
C SER C 203 17.92 -28.89 -10.77
N LYS C 204 17.11 -29.72 -10.13
CA LYS C 204 16.00 -30.39 -10.80
C LYS C 204 14.68 -29.65 -10.62
N ILE C 205 14.66 -28.55 -9.88
CA ILE C 205 13.45 -27.75 -9.67
C ILE C 205 13.60 -26.46 -10.46
N PHE C 206 12.50 -26.02 -11.07
CA PHE C 206 12.55 -24.79 -11.85
C PHE C 206 11.15 -24.20 -11.92
N PRO C 207 11.02 -22.91 -12.25
CA PRO C 207 9.71 -22.26 -12.17
C PRO C 207 8.95 -22.30 -13.49
N VAL C 208 7.73 -22.81 -13.42
CA VAL C 208 6.77 -22.75 -14.52
C VAL C 208 5.86 -21.56 -14.27
N ARG C 209 6.04 -20.49 -15.04
CA ARG C 209 5.28 -19.26 -14.78
C ARG C 209 3.86 -19.39 -15.28
N GLY C 210 2.92 -18.87 -14.49
CA GLY C 210 1.53 -18.78 -14.89
C GLY C 210 0.91 -17.45 -14.53
N GLN C 211 0.23 -16.82 -15.49
CA GLN C 211 -0.37 -15.51 -15.30
C GLN C 211 -1.89 -15.64 -15.28
N VAL C 212 -2.52 -14.97 -14.32
CA VAL C 212 -3.96 -15.02 -14.16
C VAL C 212 -4.49 -13.61 -13.93
N LEU C 213 -5.50 -13.23 -14.70
CA LEU C 213 -6.19 -11.95 -14.56
C LEU C 213 -7.38 -12.16 -13.64
N GLN C 214 -7.15 -12.01 -12.34
CA GLN C 214 -8.22 -11.98 -11.36
C GLN C 214 -9.21 -10.88 -11.72
N VAL C 215 -10.50 -11.24 -11.87
CA VAL C 215 -11.50 -10.26 -12.30
C VAL C 215 -12.76 -10.46 -11.47
N GLN C 216 -13.61 -9.44 -11.47
CA GLN C 216 -14.90 -9.51 -10.81
C GLN C 216 -15.99 -9.79 -11.85
N ALA C 217 -16.64 -10.94 -11.72
CA ALA C 217 -17.75 -11.31 -12.60
C ALA C 217 -18.64 -12.27 -11.84
N PRO C 218 -19.49 -11.75 -10.94
CA PRO C 218 -20.22 -12.63 -10.00
C PRO C 218 -21.21 -13.56 -10.66
N TRP C 219 -21.59 -13.33 -11.92
CA TRP C 219 -22.59 -14.20 -12.55
C TRP C 219 -22.04 -15.61 -12.77
N VAL C 220 -20.73 -15.73 -12.98
CA VAL C 220 -20.12 -17.05 -13.20
C VAL C 220 -19.94 -17.73 -11.86
N GLU C 221 -20.60 -18.86 -11.66
CA GLU C 221 -20.47 -19.64 -10.44
C GLU C 221 -19.87 -21.02 -10.67
N HIS C 222 -19.51 -21.36 -11.91
CA HIS C 222 -18.98 -22.67 -12.24
C HIS C 222 -17.61 -22.52 -12.89
N PHE C 223 -16.87 -23.63 -12.89
CA PHE C 223 -15.46 -23.70 -13.36
C PHE C 223 -15.39 -24.47 -14.68
N ILE C 224 -14.74 -23.88 -15.69
CA ILE C 224 -14.57 -24.56 -17.01
C ILE C 224 -13.07 -24.70 -17.31
N ARG C 225 -12.62 -25.92 -17.64
CA ARG C 225 -11.20 -26.15 -18.00
C ARG C 225 -11.15 -27.06 -19.23
N ASP C 226 -10.37 -26.71 -20.25
CA ASP C 226 -10.22 -27.60 -21.42
C ASP C 226 -9.29 -28.76 -21.05
N GLY C 227 -9.22 -29.78 -21.88
CA GLY C 227 -8.28 -30.90 -21.63
C GLY C 227 -6.91 -30.37 -21.27
N SER C 228 -6.40 -29.42 -22.05
CA SER C 228 -5.15 -28.71 -21.71
C SER C 228 -5.53 -27.72 -20.63
N GLY C 229 -4.61 -27.38 -19.75
CA GLY C 229 -4.89 -26.40 -18.67
C GLY C 229 -4.63 -25.02 -19.20
N LEU C 230 -4.48 -24.90 -20.51
CA LEU C 230 -4.09 -23.60 -21.11
C LEU C 230 -5.14 -22.54 -20.78
N THR C 231 -6.43 -22.85 -20.86
CA THR C 231 -7.48 -21.86 -20.47
C THR C 231 -8.25 -22.39 -19.25
N TYR C 232 -8.32 -21.59 -18.20
CA TYR C 232 -9.06 -21.99 -16.98
C TYR C 232 -9.84 -20.80 -16.40
N ILE C 233 -11.13 -21.04 -16.15
CA ILE C 233 -12.10 -20.05 -15.69
C ILE C 233 -12.72 -20.52 -14.38
N TYR C 234 -12.02 -20.32 -13.27
CA TYR C 234 -12.45 -20.86 -11.98
C TYR C 234 -13.16 -19.78 -11.18
N PRO C 235 -14.38 -19.99 -10.71
CA PRO C 235 -15.03 -18.97 -9.89
C PRO C 235 -14.47 -18.93 -8.48
N GLY C 236 -14.68 -17.77 -7.83
CA GLY C 236 -14.22 -17.58 -6.47
C GLY C 236 -15.22 -16.78 -5.67
N THR C 237 -15.03 -16.77 -4.35
CA THR C 237 -15.90 -16.01 -3.47
C THR C 237 -15.50 -14.55 -3.40
N SER C 238 -14.22 -14.25 -3.60
CA SER C 238 -13.74 -12.87 -3.66
C SER C 238 -13.72 -12.35 -5.09
N HIS C 239 -12.95 -13.00 -5.95
CA HIS C 239 -12.88 -12.65 -7.37
C HIS C 239 -12.87 -13.93 -8.19
N VAL C 240 -13.51 -13.88 -9.35
CA VAL C 240 -13.43 -15.00 -10.29
C VAL C 240 -12.04 -15.01 -10.91
N THR C 241 -11.38 -16.17 -10.81
CA THR C 241 -10.00 -16.37 -11.22
C THR C 241 -10.00 -16.80 -12.69
N LEU C 242 -9.48 -15.93 -13.55
CA LEU C 242 -9.52 -16.16 -14.99
C LEU C 242 -8.10 -16.15 -15.52
N GLY C 243 -7.59 -17.30 -15.94
CA GLY C 243 -6.19 -17.37 -16.34
C GLY C 243 -5.95 -18.28 -17.52
N GLY C 244 -4.84 -18.01 -18.21
CA GLY C 244 -4.44 -18.85 -19.33
C GLY C 244 -3.00 -18.74 -19.81
N THR C 245 -2.04 -19.03 -18.95
CA THR C 245 -0.64 -18.97 -19.34
C THR C 245 0.16 -19.97 -18.51
N ARG C 246 1.14 -20.64 -19.17
CA ARG C 246 2.01 -21.64 -18.52
C ARG C 246 3.42 -21.52 -19.11
N GLN C 247 4.11 -20.43 -18.75
CA GLN C 247 5.47 -20.23 -19.22
C GLN C 247 6.41 -21.25 -18.59
N LYS C 248 7.49 -21.56 -19.31
CA LYS C 248 8.45 -22.58 -18.88
C LYS C 248 9.77 -21.90 -18.52
N GLY C 249 10.24 -22.16 -17.30
CA GLY C 249 11.53 -21.63 -16.86
C GLY C 249 11.64 -20.12 -16.90
N ASP C 250 10.58 -19.41 -16.51
CA ASP C 250 10.56 -17.96 -16.54
C ASP C 250 10.37 -17.43 -15.12
N TRP C 251 11.33 -16.63 -14.66
CA TRP C 251 11.27 -15.99 -13.35
C TRP C 251 10.66 -14.59 -13.40
N ASN C 252 10.16 -14.18 -14.56
CA ASN C 252 9.67 -12.82 -14.73
C ASN C 252 8.39 -12.61 -13.92
N LEU C 253 8.51 -11.86 -12.83
CA LEU C 253 7.35 -11.54 -11.99
C LEU C 253 6.56 -10.33 -12.50
N SER C 254 7.07 -9.63 -13.51
CA SER C 254 6.36 -8.49 -14.06
C SER C 254 5.20 -8.97 -14.93
N PRO C 255 3.99 -8.46 -14.73
CA PRO C 255 2.86 -8.88 -15.57
C PRO C 255 3.09 -8.50 -17.03
N ASP C 256 2.62 -9.36 -17.93
CA ASP C 256 2.84 -9.21 -19.37
C ASP C 256 1.53 -8.93 -20.06
N ALA C 257 1.52 -7.90 -20.90
CA ALA C 257 0.29 -7.49 -21.58
C ALA C 257 -0.07 -8.41 -22.75
N GLU C 258 0.93 -9.03 -23.37
CA GLU C 258 0.65 -9.96 -24.47
C GLU C 258 -0.19 -11.14 -23.99
N ASN C 259 0.21 -11.75 -22.87
CA ASN C 259 -0.51 -12.92 -22.36
C ASN C 259 -1.92 -12.57 -21.92
N SER C 260 -2.10 -11.36 -21.38
CA SER C 260 -3.41 -10.97 -20.86
C SER C 260 -4.46 -10.95 -21.96
N ARG C 261 -4.10 -10.47 -23.15
CA ARG C 261 -5.06 -10.42 -24.23
C ARG C 261 -5.53 -11.81 -24.62
N GLU C 262 -4.59 -12.76 -24.74
CA GLU C 262 -4.99 -14.13 -25.06
C GLU C 262 -5.82 -14.75 -23.93
N ILE C 263 -5.43 -14.48 -22.67
CA ILE C 263 -6.24 -14.96 -21.55
C ILE C 263 -7.69 -14.51 -21.72
N LEU C 264 -7.89 -13.19 -21.89
CA LEU C 264 -9.23 -12.65 -21.99
C LEU C 264 -9.95 -13.15 -23.25
N SER C 265 -9.27 -13.16 -24.40
CA SER C 265 -9.91 -13.54 -25.65
C SER C 265 -10.35 -15.00 -25.63
N ARG C 266 -9.42 -15.90 -25.32
CA ARG C 266 -9.76 -17.31 -25.20
C ARG C 266 -10.87 -17.53 -24.18
N CYS C 267 -10.70 -16.99 -22.96
CA CYS C 267 -11.66 -17.27 -21.90
C CYS C 267 -13.04 -16.70 -22.23
N CYS C 268 -13.09 -15.53 -22.87
CA CYS C 268 -14.36 -14.95 -23.25
C CYS C 268 -14.96 -15.63 -24.47
N ALA C 269 -14.14 -16.33 -25.26
CA ALA C 269 -14.69 -17.27 -26.23
C ALA C 269 -15.36 -18.44 -25.53
N LEU C 270 -14.79 -18.88 -24.40
CA LEU C 270 -15.46 -19.89 -23.58
C LEU C 270 -16.77 -19.36 -23.01
N GLU C 271 -16.69 -18.40 -22.08
CA GLU C 271 -17.90 -17.83 -21.48
C GLU C 271 -18.16 -16.45 -22.06
N PRO C 272 -19.22 -16.28 -22.86
CA PRO C 272 -19.50 -14.96 -23.43
C PRO C 272 -19.97 -13.95 -22.40
N SER C 273 -20.68 -14.38 -21.37
CA SER C 273 -21.16 -13.47 -20.34
C SER C 273 -20.04 -12.69 -19.69
N LEU C 274 -18.81 -13.20 -19.77
CA LEU C 274 -17.64 -12.53 -19.19
C LEU C 274 -17.28 -11.25 -19.92
N HIS C 275 -17.91 -10.96 -21.06
CA HIS C 275 -17.57 -9.75 -21.82
C HIS C 275 -17.79 -8.48 -20.99
N GLY C 276 -18.79 -8.48 -20.12
CA GLY C 276 -19.03 -7.36 -19.24
C GLY C 276 -18.24 -7.46 -17.95
N ALA C 277 -16.91 -7.53 -18.07
CA ALA C 277 -16.03 -7.67 -16.93
C ALA C 277 -15.95 -6.37 -16.14
N CYS C 278 -15.52 -6.50 -14.88
CA CYS C 278 -15.37 -5.37 -13.98
C CYS C 278 -14.16 -5.61 -13.08
N ASN C 279 -13.37 -4.55 -12.89
CA ASN C 279 -12.21 -4.56 -11.98
C ASN C 279 -11.24 -5.68 -12.36
N ILE C 280 -10.73 -5.59 -13.59
CA ILE C 280 -9.76 -6.56 -14.08
C ILE C 280 -8.40 -6.22 -13.49
N ARG C 281 -7.74 -7.23 -12.90
CA ARG C 281 -6.44 -7.06 -12.26
C ARG C 281 -5.59 -8.29 -12.51
N GLU C 282 -4.41 -8.11 -13.08
CA GLU C 282 -3.55 -9.22 -13.46
C GLU C 282 -2.52 -9.49 -12.36
N LYS C 283 -2.43 -10.74 -11.93
CA LYS C 283 -1.40 -11.22 -11.04
C LYS C 283 -0.66 -12.36 -11.75
N VAL C 284 0.56 -12.63 -11.29
CA VAL C 284 1.37 -13.70 -11.85
C VAL C 284 1.94 -14.55 -10.71
N GLY C 285 2.32 -15.77 -11.06
CA GLY C 285 2.93 -16.66 -10.08
C GLY C 285 3.90 -17.60 -10.75
N LEU C 286 4.77 -18.18 -9.92
CA LEU C 286 5.80 -19.11 -10.38
C LEU C 286 5.55 -20.47 -9.74
N ARG C 287 5.03 -21.41 -10.53
CA ARG C 287 4.83 -22.77 -10.06
C ARG C 287 6.18 -23.42 -9.79
N PRO C 288 6.47 -23.84 -8.56
CA PRO C 288 7.78 -24.46 -8.28
C PRO C 288 7.83 -25.92 -8.76
N TYR C 289 8.01 -26.10 -10.07
CA TYR C 289 7.81 -27.44 -10.63
C TYR C 289 9.07 -28.28 -10.47
N ARG C 290 8.85 -29.53 -10.05
CA ARG C 290 9.83 -30.59 -9.97
C ARG C 290 9.22 -31.85 -10.58
N PRO C 291 9.99 -32.60 -11.37
CA PRO C 291 9.45 -33.83 -11.97
C PRO C 291 8.85 -34.78 -10.95
N GLY C 292 9.59 -35.09 -9.90
CA GLY C 292 9.09 -35.88 -8.79
C GLY C 292 9.00 -35.01 -7.54
N VAL C 293 7.83 -35.05 -6.89
CA VAL C 293 7.66 -34.29 -5.67
C VAL C 293 8.65 -34.78 -4.63
N ARG C 294 9.30 -33.82 -3.97
CA ARG C 294 10.40 -34.13 -3.05
C ARG C 294 9.86 -34.27 -1.64
N LEU C 295 9.81 -35.52 -1.16
CA LEU C 295 9.42 -35.90 0.21
C LEU C 295 10.45 -36.91 0.74
N GLN C 296 11.67 -36.44 0.99
CA GLN C 296 12.74 -37.30 1.50
C GLN C 296 13.46 -36.61 2.65
N THR C 297 14.02 -37.42 3.54
CA THR C 297 14.82 -36.93 4.65
C THR C 297 16.30 -36.97 4.26
N GLU C 298 16.99 -35.86 4.50
CA GLU C 298 18.41 -35.72 4.17
C GLU C 298 19.12 -35.18 5.40
N LEU C 299 20.04 -35.96 5.95
CA LEU C 299 20.77 -35.57 7.15
C LEU C 299 22.15 -35.09 6.72
N LEU C 300 22.36 -33.78 6.77
CA LEU C 300 23.56 -33.17 6.23
C LEU C 300 24.53 -32.81 7.35
N ALA C 301 25.81 -32.76 7.00
CA ALA C 301 26.84 -32.38 7.96
C ALA C 301 28.06 -31.88 7.19
N ARG C 302 28.85 -31.02 7.84
CA ARG C 302 30.07 -30.48 7.25
C ARG C 302 31.16 -30.48 8.32
N ASP C 303 31.70 -31.66 8.60
CA ASP C 303 32.77 -31.85 9.59
C ASP C 303 32.39 -31.30 10.96
N GLY C 304 31.09 -31.29 11.26
CA GLY C 304 30.60 -30.90 12.56
C GLY C 304 29.51 -31.85 13.01
N GLN C 305 28.69 -31.43 13.98
CA GLN C 305 27.57 -32.26 14.40
C GLN C 305 26.56 -32.38 13.27
N ARG C 306 26.04 -33.58 13.06
CA ARG C 306 25.14 -33.82 11.96
C ARG C 306 23.79 -33.15 12.20
N LEU C 307 23.34 -32.38 11.21
CA LEU C 307 22.06 -31.68 11.27
C LEU C 307 21.05 -32.42 10.43
N PRO C 308 19.94 -32.90 11.02
CA PRO C 308 18.90 -33.55 10.21
C PRO C 308 18.00 -32.53 9.53
N VAL C 309 17.66 -32.80 8.27
CA VAL C 309 16.75 -31.97 7.51
C VAL C 309 15.75 -32.90 6.83
N VAL C 310 14.52 -32.44 6.66
CA VAL C 310 13.53 -33.17 5.88
C VAL C 310 12.98 -32.23 4.81
N HIS C 311 13.10 -32.63 3.55
CA HIS C 311 12.70 -31.78 2.44
C HIS C 311 11.25 -32.10 2.06
N HIS C 312 10.50 -31.04 1.76
CA HIS C 312 9.08 -31.15 1.42
C HIS C 312 8.80 -30.02 0.43
N TYR C 313 9.13 -30.25 -0.83
CA TYR C 313 8.90 -29.20 -1.83
C TYR C 313 8.77 -29.84 -3.20
N GLY C 314 8.68 -28.99 -4.23
CA GLY C 314 8.57 -29.47 -5.59
C GLY C 314 7.17 -29.90 -6.00
N HIS C 315 6.14 -29.37 -5.34
CA HIS C 315 4.78 -29.75 -5.68
C HIS C 315 4.38 -29.25 -7.06
N GLY C 316 5.00 -28.18 -7.53
CA GLY C 316 4.68 -27.69 -8.86
C GLY C 316 3.30 -27.09 -8.93
N SER C 317 2.50 -27.54 -9.89
CA SER C 317 1.16 -27.02 -10.14
C SER C 317 0.06 -28.00 -9.75
N GLY C 318 0.32 -28.84 -8.75
CA GLY C 318 -0.70 -29.75 -8.30
C GLY C 318 -0.64 -30.00 -6.81
N GLY C 319 -0.02 -29.08 -6.09
CA GLY C 319 0.20 -29.28 -4.67
C GLY C 319 -1.04 -29.06 -3.83
N ILE C 320 -1.79 -28.00 -4.13
CA ILE C 320 -2.99 -27.68 -3.35
C ILE C 320 -3.96 -28.86 -3.36
N SER C 321 -4.01 -29.60 -4.47
CA SER C 321 -4.86 -30.78 -4.53
C SER C 321 -4.39 -31.88 -3.59
N VAL C 322 -3.12 -31.89 -3.20
CA VAL C 322 -2.58 -32.95 -2.36
C VAL C 322 -1.69 -32.36 -1.27
N HIS C 323 -2.14 -31.28 -0.64
CA HIS C 323 -1.31 -30.62 0.36
C HIS C 323 -1.49 -31.22 1.76
N TRP C 324 -2.57 -31.97 2.01
CA TRP C 324 -2.68 -32.73 3.25
C TRP C 324 -2.08 -34.13 3.16
N GLY C 325 -1.94 -34.69 1.95
CA GLY C 325 -1.33 -35.99 1.82
C GLY C 325 0.17 -35.96 2.03
N THR C 326 0.85 -35.11 1.27
CA THR C 326 2.28 -34.89 1.48
C THR C 326 2.55 -34.43 2.90
N ALA C 327 1.62 -33.66 3.49
CA ALA C 327 1.79 -33.25 4.88
C ALA C 327 1.78 -34.46 5.82
N LEU C 328 0.87 -35.40 5.60
CA LEU C 328 0.84 -36.60 6.44
C LEU C 328 2.11 -37.43 6.27
N GLU C 329 2.54 -37.63 5.03
CA GLU C 329 3.75 -38.44 4.79
C GLU C 329 4.98 -37.76 5.37
N ALA C 330 5.09 -36.44 5.25
CA ALA C 330 6.21 -35.71 5.83
C ALA C 330 6.15 -35.70 7.35
N ALA C 331 4.95 -35.67 7.93
CA ALA C 331 4.85 -35.77 9.38
C ALA C 331 5.31 -37.14 9.86
N ARG C 332 5.02 -38.19 9.09
CA ARG C 332 5.57 -39.50 9.42
C ARG C 332 7.10 -39.52 9.29
N LEU C 333 7.65 -38.86 8.27
CA LEU C 333 9.11 -38.77 8.17
C LEU C 333 9.71 -38.06 9.37
N VAL C 334 9.09 -36.95 9.80
CA VAL C 334 9.59 -36.21 10.94
C VAL C 334 9.47 -37.03 12.22
N SER C 335 8.37 -37.77 12.37
CA SER C 335 8.23 -38.65 13.53
C SER C 335 9.26 -39.76 13.52
N GLU C 336 9.61 -40.28 12.34
CA GLU C 336 10.67 -41.28 12.26
C GLU C 336 12.01 -40.69 12.70
N CYS C 337 12.32 -39.47 12.26
CA CYS C 337 13.57 -38.84 12.69
C CYS C 337 13.56 -38.54 14.19
N VAL C 338 12.42 -38.13 14.72
CA VAL C 338 12.31 -37.87 16.15
C VAL C 338 12.49 -39.16 16.95
N HIS C 339 11.91 -40.25 16.48
CA HIS C 339 12.13 -41.55 17.12
C HIS C 339 13.58 -41.99 17.00
N ALA C 340 14.25 -41.60 15.92
CA ALA C 340 15.68 -41.90 15.78
C ALA C 340 16.52 -41.11 16.77
N LEU C 341 16.07 -39.90 17.14
CA LEU C 341 16.82 -39.13 18.14
C LEU C 341 16.49 -39.59 19.57
N ARG C 342 15.22 -39.87 19.85
CA ARG C 342 14.85 -40.34 21.20
C ARG C 342 15.50 -41.69 21.52
N THR C 343 15.70 -42.54 20.52
CA THR C 343 16.41 -43.80 20.72
C THR C 343 17.90 -43.59 20.44
N PRO C 344 18.79 -44.00 21.36
CA PRO C 344 20.24 -43.83 21.22
C PRO C 344 20.80 -44.38 19.91
N THR D 12 -51.37 3.63 -34.38
CA THR D 12 -52.29 2.73 -35.06
C THR D 12 -52.79 1.65 -34.10
N ALA D 13 -51.94 1.27 -33.15
CA ALA D 13 -52.30 0.29 -32.13
C ALA D 13 -52.54 1.01 -30.80
N ARG D 14 -53.74 0.83 -30.25
CA ARG D 14 -54.06 1.36 -28.93
C ARG D 14 -53.95 0.25 -27.89
N ILE D 15 -52.72 -0.21 -27.71
CA ILE D 15 -52.42 -1.39 -26.90
C ILE D 15 -51.71 -0.96 -25.63
N ALA D 16 -51.97 -1.69 -24.54
CA ALA D 16 -51.39 -1.36 -23.25
C ALA D 16 -51.39 -2.60 -22.36
N VAL D 17 -50.51 -2.59 -21.37
CA VAL D 17 -50.39 -3.66 -20.38
C VAL D 17 -50.44 -3.05 -19.00
N VAL D 18 -51.18 -3.69 -18.09
CA VAL D 18 -51.24 -3.28 -16.69
C VAL D 18 -50.48 -4.30 -15.86
N GLY D 19 -49.59 -3.80 -15.00
CA GLY D 19 -48.77 -4.66 -14.18
C GLY D 19 -47.35 -4.80 -14.69
N ALA D 20 -46.39 -4.26 -13.96
CA ALA D 20 -44.98 -4.34 -14.33
C ALA D 20 -44.27 -5.53 -13.70
N GLY D 21 -45.02 -6.57 -13.30
CA GLY D 21 -44.40 -7.75 -12.73
C GLY D 21 -43.56 -8.50 -13.74
N VAL D 22 -42.89 -9.58 -13.33
CA VAL D 22 -42.08 -10.35 -14.27
C VAL D 22 -42.93 -10.84 -15.43
N VAL D 23 -44.15 -11.29 -15.16
CA VAL D 23 -45.01 -11.79 -16.24
C VAL D 23 -45.64 -10.66 -17.03
N GLY D 24 -45.87 -9.50 -16.42
CA GLY D 24 -46.38 -8.37 -17.18
C GLY D 24 -45.36 -7.83 -18.15
N LEU D 25 -44.13 -7.61 -17.67
CA LEU D 25 -43.05 -7.21 -18.56
C LEU D 25 -42.80 -8.27 -19.63
N SER D 26 -42.87 -9.55 -19.27
CA SER D 26 -42.64 -10.61 -20.25
C SER D 26 -43.74 -10.63 -21.31
N THR D 27 -45.00 -10.45 -20.90
CA THR D 27 -46.10 -10.36 -21.85
C THR D 27 -45.89 -9.20 -22.81
N ALA D 28 -45.50 -8.04 -22.27
CA ALA D 28 -45.22 -6.89 -23.14
C ALA D 28 -44.06 -7.20 -24.10
N VAL D 29 -43.04 -7.90 -23.63
CA VAL D 29 -41.90 -8.25 -24.47
C VAL D 29 -42.35 -9.11 -25.65
N CYS D 30 -43.10 -10.17 -25.37
CA CYS D 30 -43.53 -11.06 -26.44
C CYS D 30 -44.52 -10.38 -27.38
N ILE D 31 -45.33 -9.45 -26.86
CA ILE D 31 -46.27 -8.74 -27.73
C ILE D 31 -45.53 -7.75 -28.62
N SER D 32 -44.40 -7.20 -28.15
CA SER D 32 -43.67 -6.22 -28.93
C SER D 32 -43.14 -6.77 -30.25
N LYS D 33 -42.86 -8.07 -30.30
CA LYS D 33 -42.25 -8.69 -31.48
C LYS D 33 -43.18 -9.68 -32.18
N LEU D 34 -44.49 -9.55 -31.97
CA LEU D 34 -45.46 -10.41 -32.64
C LEU D 34 -46.65 -9.64 -33.20
N VAL D 35 -46.68 -8.32 -33.06
CA VAL D 35 -47.77 -7.49 -33.57
C VAL D 35 -47.15 -6.33 -34.34
N PRO D 36 -47.62 -6.05 -35.60
CA PRO D 36 -47.28 -4.86 -36.42
C PRO D 36 -47.75 -3.54 -35.80
N ARG D 37 -46.90 -2.50 -35.85
CA ARG D 37 -47.31 -1.15 -35.37
C ARG D 37 -47.79 -1.16 -33.92
N CYS D 38 -47.04 -1.80 -33.01
CA CYS D 38 -47.41 -1.76 -31.57
C CYS D 38 -46.93 -0.44 -30.95
N SER D 39 -47.80 0.24 -30.20
CA SER D 39 -47.34 1.23 -29.23
C SER D 39 -47.67 0.74 -27.83
N VAL D 40 -46.99 -0.33 -27.41
CA VAL D 40 -47.27 -0.97 -26.14
C VAL D 40 -46.81 -0.09 -24.99
N THR D 41 -47.66 0.05 -23.97
CA THR D 41 -47.34 0.80 -22.76
C THR D 41 -47.61 -0.07 -21.55
N ILE D 42 -46.86 0.20 -20.48
CA ILE D 42 -46.93 -0.58 -19.24
C ILE D 42 -47.23 0.38 -18.10
N ILE D 43 -48.38 0.20 -17.46
CA ILE D 43 -48.83 1.03 -16.35
C ILE D 43 -49.07 0.13 -15.14
N SER D 44 -48.49 0.50 -14.01
CA SER D 44 -48.64 -0.30 -12.80
C SER D 44 -48.46 0.59 -11.58
N ASP D 45 -49.14 0.23 -10.49
CA ASP D 45 -49.09 1.03 -9.27
C ASP D 45 -47.69 0.98 -8.65
N LYS D 46 -47.14 -0.22 -8.51
CA LYS D 46 -45.79 -0.42 -8.00
C LYS D 46 -44.90 -0.84 -9.15
N PHE D 47 -43.80 -0.13 -9.34
CA PHE D 47 -42.91 -0.43 -10.46
C PHE D 47 -41.86 -1.47 -10.07
N THR D 48 -41.07 -1.86 -11.07
CA THR D 48 -40.11 -2.97 -10.96
C THR D 48 -39.34 -3.04 -9.65
N PRO D 49 -38.68 -1.99 -9.15
CA PRO D 49 -37.88 -2.15 -7.93
C PRO D 49 -38.65 -2.68 -6.73
N ASP D 50 -39.96 -2.40 -6.66
CA ASP D 50 -40.80 -2.80 -5.54
C ASP D 50 -42.00 -3.59 -6.06
N THR D 51 -41.76 -4.84 -6.47
CA THR D 51 -42.82 -5.78 -6.79
C THR D 51 -42.54 -7.10 -6.06
N THR D 52 -43.52 -7.99 -6.10
CA THR D 52 -43.33 -9.33 -5.54
C THR D 52 -42.42 -10.19 -6.42
N SER D 53 -42.30 -9.85 -7.71
CA SER D 53 -41.43 -10.62 -8.60
C SER D 53 -39.97 -10.43 -8.24
N ASP D 54 -39.61 -9.22 -7.76
CA ASP D 54 -38.23 -8.97 -7.35
C ASP D 54 -37.91 -9.72 -6.05
N VAL D 55 -38.86 -9.74 -5.12
CA VAL D 55 -38.68 -10.48 -3.87
C VAL D 55 -38.52 -11.96 -4.14
N ALA D 56 -39.07 -12.45 -5.25
CA ALA D 56 -38.92 -13.85 -5.62
C ALA D 56 -37.45 -14.22 -5.77
N ALA D 57 -37.10 -15.41 -5.27
CA ALA D 57 -35.71 -15.84 -5.31
C ALA D 57 -35.19 -15.91 -6.73
N GLY D 58 -36.01 -16.36 -7.68
CA GLY D 58 -35.63 -16.42 -9.07
C GLY D 58 -35.18 -17.76 -9.57
N MET D 59 -35.34 -18.82 -8.77
CA MET D 59 -34.91 -20.15 -9.17
C MET D 59 -35.91 -20.75 -10.16
N LEU D 60 -35.40 -21.21 -11.30
CA LEU D 60 -36.23 -21.83 -12.33
C LEU D 60 -36.49 -23.30 -11.99
N ILE D 61 -37.10 -23.50 -10.83
CA ILE D 61 -37.59 -24.81 -10.39
C ILE D 61 -39.11 -24.72 -10.35
N PRO D 62 -39.83 -25.46 -11.20
CA PRO D 62 -41.28 -25.27 -11.32
C PRO D 62 -42.02 -26.00 -10.21
N HIS D 63 -43.28 -25.60 -10.04
CA HIS D 63 -44.20 -26.24 -9.11
C HIS D 63 -45.50 -26.50 -9.84
N THR D 64 -45.89 -27.77 -9.92
CA THR D 64 -46.96 -28.18 -10.82
C THR D 64 -48.27 -27.49 -10.49
N TYR D 65 -49.04 -27.18 -11.54
CA TYR D 65 -50.38 -26.63 -11.40
C TYR D 65 -51.40 -27.75 -11.41
N PRO D 66 -52.33 -27.78 -10.44
CA PRO D 66 -53.28 -28.90 -10.41
C PRO D 66 -54.35 -28.82 -11.49
N ASP D 67 -54.73 -27.62 -11.93
CA ASP D 67 -55.85 -27.44 -12.85
C ASP D 67 -55.39 -27.21 -14.29
N THR D 68 -54.12 -27.46 -14.59
CA THR D 68 -53.58 -27.26 -15.92
C THR D 68 -52.93 -28.55 -16.41
N PRO D 69 -53.13 -28.91 -17.68
CA PRO D 69 -52.51 -30.13 -18.22
C PRO D 69 -50.99 -30.12 -18.06
N ILE D 70 -50.42 -31.31 -17.96
CA ILE D 70 -49.01 -31.44 -17.61
C ILE D 70 -48.10 -31.06 -18.78
N HIS D 71 -48.45 -31.49 -19.99
CA HIS D 71 -47.58 -31.23 -21.14
C HIS D 71 -47.55 -29.75 -21.50
N THR D 72 -48.65 -29.03 -21.28
CA THR D 72 -48.63 -27.59 -21.47
C THR D 72 -47.62 -26.93 -20.54
N GLN D 73 -47.64 -27.33 -19.26
CA GLN D 73 -46.66 -26.81 -18.31
C GLN D 73 -45.24 -27.19 -18.72
N LYS D 74 -45.07 -28.40 -19.26
CA LYS D 74 -43.74 -28.85 -19.66
C LYS D 74 -43.19 -28.03 -20.81
N GLN D 75 -44.01 -27.74 -21.82
CA GLN D 75 -43.55 -26.89 -22.92
C GLN D 75 -43.34 -25.44 -22.45
N TRP D 76 -44.17 -24.97 -21.51
CA TRP D 76 -43.93 -23.67 -20.89
C TRP D 76 -42.53 -23.60 -20.31
N PHE D 77 -42.18 -24.61 -19.49
CA PHE D 77 -40.84 -24.67 -18.93
C PHE D 77 -39.79 -24.74 -20.02
N ARG D 78 -40.01 -25.54 -21.07
CA ARG D 78 -39.00 -25.67 -22.10
C ARG D 78 -38.69 -24.31 -22.72
N GLU D 79 -39.71 -23.55 -23.09
CA GLU D 79 -39.48 -22.25 -23.72
C GLU D 79 -38.83 -21.28 -22.74
N THR D 80 -39.33 -21.21 -21.51
CA THR D 80 -38.73 -20.31 -20.52
C THR D 80 -37.27 -20.65 -20.27
N PHE D 81 -36.99 -21.94 -20.07
CA PHE D 81 -35.64 -22.40 -19.79
C PHE D 81 -34.69 -22.05 -20.94
N ASN D 82 -35.09 -22.34 -22.17
CA ASN D 82 -34.19 -22.07 -23.29
C ASN D 82 -33.98 -20.58 -23.49
N HIS D 83 -35.05 -19.77 -23.35
CA HIS D 83 -34.92 -18.34 -23.56
C HIS D 83 -34.03 -17.70 -22.50
N LEU D 84 -34.07 -18.21 -21.26
CA LEU D 84 -33.14 -17.71 -20.26
C LEU D 84 -31.74 -18.29 -20.42
N PHE D 85 -31.66 -19.51 -20.94
CA PHE D 85 -30.38 -20.15 -21.19
C PHE D 85 -29.55 -19.34 -22.17
N ALA D 86 -30.17 -18.88 -23.25
CA ALA D 86 -29.44 -18.09 -24.24
C ALA D 86 -28.84 -16.83 -23.60
N ILE D 87 -29.57 -16.18 -22.69
CA ILE D 87 -29.06 -14.97 -22.06
C ILE D 87 -27.99 -15.30 -21.03
N ALA D 88 -28.08 -16.46 -20.39
CA ALA D 88 -27.01 -16.87 -19.47
C ALA D 88 -25.69 -17.05 -20.20
N ASN D 89 -25.74 -17.34 -21.50
CA ASN D 89 -24.53 -17.41 -22.31
C ASN D 89 -24.54 -16.29 -23.35
N SER D 90 -24.84 -15.09 -22.91
CA SER D 90 -24.76 -13.90 -23.74
C SER D 90 -24.06 -12.80 -22.95
N ALA D 91 -23.45 -11.86 -23.67
CA ALA D 91 -22.73 -10.77 -23.02
C ALA D 91 -23.63 -9.89 -22.16
N GLU D 92 -24.95 -10.03 -22.27
CA GLU D 92 -25.89 -9.24 -21.49
C GLU D 92 -26.27 -9.90 -20.16
N ALA D 93 -25.69 -11.06 -19.85
CA ALA D 93 -26.03 -11.75 -18.62
C ALA D 93 -25.75 -10.90 -17.39
N GLY D 94 -24.79 -9.96 -17.49
CA GLY D 94 -24.56 -9.05 -16.38
C GLY D 94 -25.71 -8.08 -16.18
N ASP D 95 -26.27 -7.55 -17.27
CA ASP D 95 -27.40 -6.63 -17.16
C ASP D 95 -28.69 -7.37 -16.85
N ALA D 96 -28.89 -8.54 -17.47
CA ALA D 96 -30.11 -9.31 -17.26
C ALA D 96 -30.11 -10.06 -15.95
N GLY D 97 -28.95 -10.26 -15.32
CA GLY D 97 -28.89 -10.96 -14.06
C GLY D 97 -29.41 -12.38 -14.12
N VAL D 98 -29.10 -13.10 -15.19
CA VAL D 98 -29.51 -14.49 -15.37
C VAL D 98 -28.25 -15.34 -15.47
N HIS D 99 -28.20 -16.41 -14.68
CA HIS D 99 -27.04 -17.28 -14.75
C HIS D 99 -27.39 -18.68 -14.27
N LEU D 100 -26.57 -19.64 -14.68
CA LEU D 100 -26.78 -21.02 -14.29
C LEU D 100 -26.40 -21.22 -12.83
N VAL D 101 -27.14 -22.11 -12.16
CA VAL D 101 -26.87 -22.50 -10.78
C VAL D 101 -26.91 -24.03 -10.70
N SER D 102 -25.97 -24.59 -9.95
CA SER D 102 -25.86 -26.03 -9.78
C SER D 102 -26.11 -26.38 -8.32
N GLY D 103 -26.87 -27.44 -8.10
CA GLY D 103 -27.16 -27.80 -6.72
C GLY D 103 -27.93 -29.09 -6.62
N TRP D 104 -28.49 -29.30 -5.42
CA TRP D 104 -29.11 -30.57 -5.05
C TRP D 104 -30.53 -30.35 -4.54
N GLN D 105 -31.38 -31.33 -4.81
CA GLN D 105 -32.74 -31.39 -4.29
C GLN D 105 -32.83 -32.63 -3.39
N ILE D 106 -33.18 -32.43 -2.13
CA ILE D 106 -33.08 -33.51 -1.15
C ILE D 106 -34.48 -34.00 -0.80
N PHE D 107 -34.53 -35.19 -0.21
CA PHE D 107 -35.77 -35.81 0.24
C PHE D 107 -35.49 -36.68 1.46
N GLN D 108 -36.28 -36.45 2.52
CA GLN D 108 -36.17 -37.22 3.75
C GLN D 108 -36.41 -38.70 3.53
N SER D 109 -37.08 -39.08 2.44
CA SER D 109 -37.34 -40.48 2.16
C SER D 109 -37.57 -40.64 0.66
N THR D 110 -37.51 -41.89 0.21
CA THR D 110 -37.74 -42.23 -1.19
C THR D 110 -39.12 -41.79 -1.64
N PRO D 111 -39.22 -40.80 -2.53
CA PRO D 111 -40.53 -40.31 -2.96
C PRO D 111 -41.24 -41.34 -3.84
N THR D 112 -42.53 -41.11 -4.04
CA THR D 112 -43.33 -42.00 -4.87
C THR D 112 -42.81 -42.03 -6.31
N GLU D 113 -42.68 -40.86 -6.93
CA GLU D 113 -42.12 -40.73 -8.27
C GLU D 113 -40.72 -40.10 -8.12
N GLU D 114 -39.69 -40.87 -8.46
CA GLU D 114 -38.32 -40.39 -8.30
C GLU D 114 -37.96 -39.33 -9.33
N VAL D 115 -38.50 -39.43 -10.54
CA VAL D 115 -38.17 -38.52 -11.62
C VAL D 115 -39.40 -37.67 -11.92
N PRO D 116 -39.36 -36.36 -11.70
CA PRO D 116 -40.49 -35.51 -12.10
C PRO D 116 -40.53 -35.30 -13.61
N PHE D 117 -41.45 -34.48 -14.09
CA PHE D 117 -41.53 -34.21 -15.52
C PHE D 117 -40.54 -33.15 -15.95
N TRP D 118 -40.19 -32.22 -15.08
CA TRP D 118 -39.25 -31.16 -15.41
C TRP D 118 -37.79 -31.59 -15.32
N ALA D 119 -37.53 -32.89 -15.15
CA ALA D 119 -36.16 -33.38 -15.11
C ALA D 119 -35.54 -33.48 -16.50
N ASP D 120 -36.35 -33.57 -17.56
CA ASP D 120 -35.85 -33.69 -18.91
C ASP D 120 -35.44 -32.34 -19.51
N VAL D 121 -35.95 -31.23 -18.97
CA VAL D 121 -35.61 -29.91 -19.49
C VAL D 121 -34.40 -29.34 -18.76
N VAL D 122 -34.33 -29.50 -17.45
CA VAL D 122 -33.17 -29.00 -16.70
C VAL D 122 -31.96 -29.87 -17.01
N LEU D 123 -30.79 -29.25 -17.04
CA LEU D 123 -29.57 -29.92 -17.49
C LEU D 123 -28.99 -30.80 -16.39
N GLY D 124 -28.43 -31.94 -16.81
CA GLY D 124 -27.71 -32.82 -15.93
C GLY D 124 -28.49 -33.33 -14.74
N PHE D 125 -29.70 -33.83 -14.98
CA PHE D 125 -30.49 -34.40 -13.90
C PHE D 125 -29.96 -35.77 -13.54
N ARG D 126 -29.72 -35.98 -12.25
CA ARG D 126 -29.14 -37.23 -11.77
C ARG D 126 -29.47 -37.35 -10.28
N LYS D 127 -29.17 -38.52 -9.74
CA LYS D 127 -29.35 -38.76 -8.30
C LYS D 127 -28.04 -38.47 -7.57
N MET D 128 -28.17 -38.27 -6.26
CA MET D 128 -26.99 -38.00 -5.45
C MET D 128 -26.26 -39.30 -5.13
N THR D 129 -24.94 -39.29 -5.31
CA THR D 129 -24.13 -40.50 -5.16
C THR D 129 -23.97 -40.85 -3.69
N GLU D 130 -23.10 -41.83 -3.41
CA GLU D 130 -22.84 -42.24 -2.03
C GLU D 130 -22.27 -41.09 -1.22
N ALA D 131 -21.21 -40.45 -1.73
CA ALA D 131 -20.58 -39.36 -1.03
C ALA D 131 -21.32 -38.03 -1.20
N GLU D 132 -22.18 -37.93 -2.21
CA GLU D 132 -22.92 -36.68 -2.41
C GLU D 132 -23.92 -36.45 -1.30
N LEU D 133 -24.57 -37.52 -0.81
CA LEU D 133 -25.51 -37.42 0.29
C LEU D 133 -24.84 -37.41 1.65
N LYS D 134 -23.50 -37.48 1.70
CA LYS D 134 -22.81 -37.36 2.98
C LYS D 134 -23.04 -36.00 3.62
N LYS D 135 -23.39 -34.98 2.81
CA LYS D 135 -23.62 -33.65 3.36
C LYS D 135 -24.88 -33.57 4.21
N PHE D 136 -25.83 -34.48 4.02
CA PHE D 136 -27.13 -34.42 4.68
C PHE D 136 -27.46 -35.78 5.27
N PRO D 137 -26.94 -36.07 6.47
CA PRO D 137 -27.15 -37.41 7.05
C PRO D 137 -28.57 -37.66 7.50
N GLN D 138 -29.40 -36.61 7.64
CA GLN D 138 -30.79 -36.76 8.04
C GLN D 138 -31.71 -37.02 6.86
N TYR D 139 -31.17 -37.42 5.71
CA TYR D 139 -31.96 -37.60 4.51
C TYR D 139 -31.56 -38.88 3.81
N VAL D 140 -32.51 -39.43 3.04
CA VAL D 140 -32.36 -40.72 2.39
C VAL D 140 -32.14 -40.57 0.89
N PHE D 141 -32.96 -39.77 0.21
CA PHE D 141 -32.87 -39.72 -1.24
C PHE D 141 -32.54 -38.32 -1.70
N GLY D 142 -31.93 -38.23 -2.88
CA GLY D 142 -31.60 -36.93 -3.44
C GLY D 142 -31.29 -36.91 -4.92
N GLN D 143 -31.52 -35.76 -5.53
CA GLN D 143 -31.23 -35.50 -6.93
C GLN D 143 -30.26 -34.33 -7.02
N ALA D 144 -29.62 -34.19 -8.18
CA ALA D 144 -28.70 -33.09 -8.40
C ALA D 144 -28.83 -32.62 -9.84
N PHE D 145 -28.92 -31.31 -10.03
CA PHE D 145 -29.06 -30.79 -11.39
C PHE D 145 -28.53 -29.37 -11.45
N THR D 146 -28.74 -28.72 -12.59
CA THR D 146 -28.22 -27.39 -12.88
C THR D 146 -29.30 -26.63 -13.65
N THR D 147 -29.95 -25.69 -12.97
CA THR D 147 -30.97 -24.86 -13.59
C THR D 147 -30.43 -23.43 -13.74
N LEU D 148 -31.34 -22.46 -13.80
CA LEU D 148 -30.96 -21.06 -13.94
C LEU D 148 -31.68 -20.20 -12.91
N LYS D 149 -31.12 -19.02 -12.70
CA LYS D 149 -31.63 -18.05 -11.74
C LYS D 149 -31.65 -16.68 -12.40
N TYR D 150 -32.76 -15.97 -12.24
CA TYR D 150 -32.91 -14.59 -12.69
C TYR D 150 -32.88 -13.67 -11.48
N GLU D 151 -32.00 -12.67 -11.52
CA GLU D 151 -31.92 -11.69 -10.45
C GLU D 151 -33.10 -10.73 -10.54
N GLY D 152 -33.90 -10.69 -9.47
CA GLY D 152 -35.10 -9.89 -9.43
C GLY D 152 -34.89 -8.44 -9.82
N PRO D 153 -34.20 -7.68 -8.97
CA PRO D 153 -34.02 -6.24 -9.23
C PRO D 153 -33.14 -5.93 -10.42
N ALA D 154 -32.71 -6.96 -11.16
CA ALA D 154 -31.83 -6.77 -12.31
C ALA D 154 -32.43 -7.22 -13.62
N TYR D 155 -33.31 -8.22 -13.62
CA TYR D 155 -33.84 -8.75 -14.87
C TYR D 155 -35.02 -7.93 -15.38
N LEU D 156 -35.86 -7.43 -14.49
CA LEU D 156 -37.02 -6.63 -14.89
C LEU D 156 -36.60 -5.29 -15.50
N PRO D 157 -35.62 -4.56 -14.92
CA PRO D 157 -35.09 -3.40 -15.64
C PRO D 157 -34.42 -3.78 -16.95
N TRP D 158 -33.85 -4.98 -17.02
CA TRP D 158 -33.33 -5.46 -18.29
C TRP D 158 -34.45 -5.68 -19.31
N LEU D 159 -35.66 -6.00 -18.83
CA LEU D 159 -36.80 -6.04 -19.74
C LEU D 159 -37.24 -4.64 -20.12
N GLU D 160 -37.09 -3.67 -19.21
CA GLU D 160 -37.32 -2.27 -19.58
C GLU D 160 -36.40 -1.84 -20.72
N LYS D 161 -35.17 -2.33 -20.71
CA LYS D 161 -34.27 -2.12 -21.86
C LYS D 161 -34.99 -2.38 -23.18
N ARG D 162 -35.43 -3.62 -23.40
CA ARG D 162 -36.06 -3.99 -24.67
C ARG D 162 -37.37 -3.24 -24.88
N ILE D 163 -38.20 -3.16 -23.83
CA ILE D 163 -39.54 -2.60 -23.99
C ILE D 163 -39.46 -1.12 -24.36
N LYS D 164 -38.58 -0.37 -23.70
CA LYS D 164 -38.35 1.03 -24.09
C LYS D 164 -37.65 1.12 -25.43
N GLY D 165 -36.89 0.09 -25.82
CA GLY D 165 -36.31 0.10 -27.15
C GLY D 165 -37.35 0.00 -28.25
N SER D 166 -38.43 -0.76 -27.99
CA SER D 166 -39.48 -0.95 -28.99
C SER D 166 -40.49 0.19 -29.04
N GLY D 167 -40.44 1.12 -28.08
CA GLY D 167 -41.35 2.25 -28.11
C GLY D 167 -42.47 2.19 -27.10
N GLY D 168 -42.23 2.73 -25.91
CA GLY D 168 -43.24 2.75 -24.86
C GLY D 168 -42.74 3.46 -23.62
N TRP D 169 -43.55 4.37 -23.08
CA TRP D 169 -43.15 5.15 -21.92
C TRP D 169 -43.78 4.59 -20.66
N THR D 170 -43.09 4.79 -19.54
CA THR D 170 -43.45 4.17 -18.26
C THR D 170 -44.29 5.14 -17.43
N LEU D 171 -45.47 4.68 -17.03
CA LEU D 171 -46.36 5.44 -16.16
C LEU D 171 -46.69 4.60 -14.93
N THR D 172 -46.67 5.24 -13.76
CA THR D 172 -46.80 4.55 -12.48
C THR D 172 -47.96 5.15 -11.68
N ARG D 173 -49.17 4.64 -11.92
CA ARG D 173 -50.35 5.08 -11.19
C ARG D 173 -51.27 3.89 -10.96
N ARG D 174 -52.00 3.94 -9.85
CA ARG D 174 -52.94 2.90 -9.49
C ARG D 174 -54.21 2.99 -10.33
N ILE D 175 -54.63 1.87 -10.90
CA ILE D 175 -55.85 1.77 -11.69
C ILE D 175 -56.87 0.97 -10.89
N GLU D 176 -58.07 1.52 -10.74
CA GLU D 176 -59.11 0.89 -9.93
C GLU D 176 -59.93 -0.11 -10.72
N ASP D 177 -60.41 0.25 -11.91
CA ASP D 177 -61.21 -0.65 -12.73
C ASP D 177 -60.65 -0.71 -14.14
N LEU D 178 -61.06 -1.76 -14.87
CA LEU D 178 -60.59 -1.92 -16.24
C LEU D 178 -61.24 -0.93 -17.20
N TRP D 179 -62.38 -0.36 -16.83
CA TRP D 179 -62.99 0.72 -17.60
C TRP D 179 -62.23 2.04 -17.47
N GLU D 180 -61.14 2.08 -16.71
CA GLU D 180 -60.35 3.29 -16.59
C GLU D 180 -59.70 3.64 -17.92
N LEU D 181 -59.17 2.64 -18.62
CA LEU D 181 -58.63 2.81 -19.96
C LEU D 181 -59.63 2.43 -21.05
N HIS D 182 -60.90 2.25 -20.69
CA HIS D 182 -61.93 1.88 -21.66
C HIS D 182 -61.96 2.80 -22.88
N PRO D 183 -61.95 4.12 -22.75
CA PRO D 183 -61.94 4.96 -23.97
C PRO D 183 -60.54 5.11 -24.55
N SER D 184 -59.52 5.02 -23.69
CA SER D 184 -58.18 5.42 -24.10
C SER D 184 -57.52 4.37 -24.99
N PHE D 185 -57.57 3.10 -24.59
CA PHE D 185 -56.87 2.04 -25.30
C PHE D 185 -57.85 1.07 -25.94
N ASP D 186 -57.31 0.17 -26.78
CA ASP D 186 -58.11 -0.81 -27.49
C ASP D 186 -57.94 -2.23 -26.97
N ILE D 187 -56.84 -2.55 -26.31
CA ILE D 187 -56.66 -3.83 -25.63
C ILE D 187 -55.76 -3.64 -24.42
N VAL D 188 -56.26 -3.99 -23.24
CA VAL D 188 -55.47 -3.96 -22.02
C VAL D 188 -55.34 -5.39 -21.50
N VAL D 189 -54.12 -5.76 -21.10
CA VAL D 189 -53.81 -7.12 -20.71
C VAL D 189 -53.64 -7.15 -19.19
N ASN D 190 -54.59 -7.79 -18.50
CA ASN D 190 -54.57 -7.85 -17.04
C ASN D 190 -53.44 -8.74 -16.55
N CYS D 191 -52.28 -8.14 -16.27
CA CYS D 191 -51.12 -8.84 -15.74
C CYS D 191 -50.79 -8.41 -14.32
N SER D 192 -51.78 -7.87 -13.59
CA SER D 192 -51.55 -7.36 -12.25
C SER D 192 -51.29 -8.45 -11.22
N GLY D 193 -51.57 -9.71 -11.55
CA GLY D 193 -51.39 -10.78 -10.59
C GLY D 193 -52.38 -10.72 -9.44
N LEU D 194 -51.87 -10.72 -8.22
CA LEU D 194 -52.74 -10.66 -7.05
C LEU D 194 -53.67 -9.45 -7.09
N GLY D 195 -53.15 -8.31 -7.55
CA GLY D 195 -53.96 -7.10 -7.66
C GLY D 195 -55.19 -7.26 -8.53
N SER D 196 -55.30 -8.34 -9.30
CA SER D 196 -56.47 -8.59 -10.12
C SER D 196 -57.67 -9.06 -9.31
N ARG D 197 -57.48 -9.44 -8.04
CA ARG D 197 -58.61 -9.83 -7.20
C ARG D 197 -59.72 -8.77 -7.24
N GLN D 198 -59.34 -7.49 -7.20
CA GLN D 198 -60.31 -6.42 -7.36
C GLN D 198 -60.58 -6.12 -8.82
N LEU D 199 -59.57 -6.28 -9.68
CA LEU D 199 -59.70 -5.83 -11.07
C LEU D 199 -60.64 -6.72 -11.87
N ALA D 200 -60.61 -8.02 -11.60
CA ALA D 200 -61.46 -8.97 -12.31
C ALA D 200 -62.45 -9.69 -11.41
N GLY D 201 -62.41 -9.44 -10.10
CA GLY D 201 -63.39 -10.04 -9.20
C GLY D 201 -63.26 -11.55 -9.09
N ASP D 202 -62.04 -12.04 -9.05
CA ASP D 202 -61.78 -13.48 -8.98
C ASP D 202 -61.84 -13.92 -7.53
N SER D 203 -62.92 -14.63 -7.16
CA SER D 203 -63.04 -15.19 -5.83
C SER D 203 -62.13 -16.39 -5.61
N LYS D 204 -61.49 -16.89 -6.67
CA LYS D 204 -60.55 -18.00 -6.56
C LYS D 204 -59.13 -17.56 -6.29
N ILE D 205 -58.86 -16.26 -6.31
CA ILE D 205 -57.51 -15.73 -6.14
C ILE D 205 -57.31 -15.38 -4.67
N PHE D 206 -56.31 -16.01 -4.05
CA PHE D 206 -55.98 -15.77 -2.66
C PHE D 206 -54.46 -15.77 -2.51
N PRO D 207 -53.91 -14.92 -1.65
CA PRO D 207 -52.46 -14.82 -1.54
C PRO D 207 -51.86 -15.96 -0.73
N VAL D 208 -50.67 -16.39 -1.14
CA VAL D 208 -49.85 -17.30 -0.36
C VAL D 208 -48.68 -16.49 0.18
N ARG D 209 -48.57 -16.40 1.50
CA ARG D 209 -47.53 -15.56 2.07
C ARG D 209 -46.17 -16.24 1.95
N GLY D 210 -45.15 -15.46 1.57
CA GLY D 210 -43.81 -15.98 1.54
C GLY D 210 -42.87 -15.00 2.19
N GLN D 211 -42.10 -15.46 3.18
CA GLN D 211 -41.16 -14.61 3.87
C GLN D 211 -39.77 -15.21 3.71
N VAL D 212 -38.79 -14.36 3.39
CA VAL D 212 -37.45 -14.80 3.08
C VAL D 212 -36.46 -13.87 3.78
N LEU D 213 -35.22 -14.36 3.89
CA LEU D 213 -34.13 -13.59 4.51
C LEU D 213 -32.97 -13.50 3.52
N GLN D 214 -32.64 -12.28 3.09
CA GLN D 214 -31.48 -12.10 2.20
C GLN D 214 -30.27 -11.92 3.11
N VAL D 215 -29.40 -12.92 3.15
CA VAL D 215 -28.23 -12.89 4.06
C VAL D 215 -26.99 -12.93 3.20
N GLN D 216 -25.89 -12.32 3.63
CA GLN D 216 -24.71 -12.25 2.74
C GLN D 216 -23.73 -13.34 3.14
N ALA D 217 -23.72 -14.45 2.40
CA ALA D 217 -22.81 -15.58 2.68
C ALA D 217 -22.23 -16.02 1.34
N PRO D 218 -21.16 -15.39 0.83
CA PRO D 218 -20.66 -15.69 -0.50
C PRO D 218 -20.25 -17.16 -0.71
N TRP D 219 -19.65 -17.80 0.28
CA TRP D 219 -19.15 -19.19 0.13
C TRP D 219 -20.23 -20.12 -0.42
N VAL D 220 -21.51 -19.83 -0.19
CA VAL D 220 -22.60 -20.72 -0.56
C VAL D 220 -22.95 -20.43 -2.02
N GLU D 221 -22.66 -21.38 -2.89
CA GLU D 221 -22.89 -21.22 -4.33
C GLU D 221 -23.79 -22.30 -4.90
N HIS D 222 -24.44 -23.10 -4.06
CA HIS D 222 -25.35 -24.15 -4.51
C HIS D 222 -26.73 -23.94 -3.90
N PHE D 223 -27.73 -24.48 -4.58
CA PHE D 223 -29.10 -24.44 -4.07
C PHE D 223 -29.44 -25.76 -3.38
N ILE D 224 -30.27 -25.66 -2.35
CA ILE D 224 -30.66 -26.81 -1.54
C ILE D 224 -32.16 -26.71 -1.28
N ARG D 225 -32.91 -27.74 -1.68
CA ARG D 225 -34.35 -27.79 -1.49
C ARG D 225 -34.75 -29.20 -1.08
N ASP D 226 -35.54 -29.31 -0.01
CA ASP D 226 -35.92 -30.62 0.53
C ASP D 226 -37.25 -31.12 -0.02
N GLY D 227 -37.56 -30.84 -1.28
CA GLY D 227 -38.79 -31.30 -1.90
C GLY D 227 -40.05 -30.64 -1.41
N SER D 228 -39.99 -29.88 -0.32
CA SER D 228 -41.14 -29.15 0.22
C SER D 228 -40.81 -27.66 0.24
N GLY D 229 -41.84 -26.86 0.46
CA GLY D 229 -41.65 -25.44 0.65
C GLY D 229 -41.21 -25.03 2.03
N LEU D 230 -40.95 -26.01 2.90
CA LEU D 230 -40.58 -25.71 4.28
C LEU D 230 -39.19 -25.09 4.38
N THR D 231 -38.30 -25.43 3.45
CA THR D 231 -36.90 -25.01 3.56
C THR D 231 -36.29 -24.93 2.17
N TYR D 232 -35.76 -23.75 1.82
CA TYR D 232 -35.04 -23.59 0.56
C TYR D 232 -33.95 -22.53 0.72
N ILE D 233 -32.75 -22.90 0.27
CA ILE D 233 -31.56 -22.06 0.37
C ILE D 233 -31.01 -21.90 -1.05
N TYR D 234 -31.18 -20.73 -1.63
CA TYR D 234 -30.77 -20.47 -3.00
C TYR D 234 -29.77 -19.34 -3.06
N PRO D 235 -28.61 -19.51 -3.71
CA PRO D 235 -27.63 -18.43 -3.75
C PRO D 235 -27.84 -17.48 -4.91
N GLY D 236 -27.27 -16.28 -4.76
CA GLY D 236 -27.41 -15.24 -5.76
C GLY D 236 -26.09 -14.58 -6.11
N THR D 237 -26.15 -13.39 -6.72
CA THR D 237 -24.96 -12.65 -7.08
C THR D 237 -24.51 -11.67 -6.00
N SER D 238 -25.45 -11.15 -5.22
CA SER D 238 -25.14 -10.26 -4.09
C SER D 238 -25.51 -10.89 -2.76
N HIS D 239 -26.73 -11.41 -2.64
CA HIS D 239 -27.24 -11.99 -1.41
C HIS D 239 -27.70 -13.42 -1.66
N VAL D 240 -27.37 -14.30 -0.72
CA VAL D 240 -27.95 -15.63 -0.68
C VAL D 240 -29.35 -15.53 -0.09
N THR D 241 -30.34 -16.01 -0.83
CA THR D 241 -31.74 -15.93 -0.45
C THR D 241 -32.11 -17.20 0.33
N LEU D 242 -32.53 -17.02 1.58
CA LEU D 242 -32.77 -18.15 2.47
C LEU D 242 -34.18 -18.04 3.02
N GLY D 243 -35.04 -19.01 2.70
CA GLY D 243 -36.40 -18.87 3.15
C GLY D 243 -37.14 -20.19 3.16
N GLY D 244 -38.25 -20.21 3.90
CA GLY D 244 -39.10 -21.38 3.94
C GLY D 244 -40.46 -21.06 4.52
N THR D 245 -41.21 -20.22 3.82
CA THR D 245 -42.51 -19.75 4.30
C THR D 245 -43.55 -19.91 3.20
N ARG D 246 -44.65 -20.59 3.51
CA ARG D 246 -45.79 -20.73 2.62
C ARG D 246 -47.07 -20.59 3.46
N GLN D 247 -47.26 -19.40 4.03
CA GLN D 247 -48.43 -19.16 4.88
C GLN D 247 -49.65 -18.91 4.00
N LYS D 248 -50.63 -19.79 4.10
CA LYS D 248 -51.76 -19.83 3.19
C LYS D 248 -52.84 -18.84 3.59
N GLY D 249 -53.28 -18.03 2.63
CA GLY D 249 -54.38 -17.11 2.83
C GLY D 249 -54.10 -15.93 3.74
N ASP D 250 -52.85 -15.75 4.15
CA ASP D 250 -52.47 -14.65 5.04
C ASP D 250 -51.98 -13.48 4.21
N TRP D 251 -52.63 -12.32 4.37
CA TRP D 251 -52.26 -11.11 3.65
C TRP D 251 -51.24 -10.27 4.39
N ASN D 252 -50.70 -10.75 5.51
CA ASN D 252 -49.74 -9.96 6.28
C ASN D 252 -48.47 -9.71 5.47
N LEU D 253 -48.17 -8.44 5.22
CA LEU D 253 -46.91 -8.04 4.62
C LEU D 253 -45.94 -7.46 5.64
N SER D 254 -46.22 -7.63 6.93
CA SER D 254 -45.29 -7.23 7.97
C SER D 254 -44.37 -8.41 8.30
N PRO D 255 -43.06 -8.24 8.26
CA PRO D 255 -42.16 -9.37 8.52
C PRO D 255 -42.30 -9.84 9.97
N ASP D 256 -42.43 -11.15 10.14
CA ASP D 256 -42.63 -11.76 11.44
C ASP D 256 -41.30 -12.33 11.91
N ALA D 257 -40.94 -11.99 13.16
CA ALA D 257 -39.67 -12.48 13.71
C ALA D 257 -39.69 -13.99 13.89
N GLU D 258 -40.84 -14.56 14.22
CA GLU D 258 -40.94 -16.00 14.42
C GLU D 258 -40.72 -16.74 13.10
N ASN D 259 -41.29 -16.21 12.01
CA ASN D 259 -41.09 -16.77 10.68
C ASN D 259 -39.61 -16.92 10.37
N SER D 260 -38.86 -15.83 10.48
CA SER D 260 -37.44 -15.87 10.19
C SER D 260 -36.65 -16.69 11.20
N ARG D 261 -37.13 -16.74 12.44
CA ARG D 261 -36.45 -17.58 13.45
C ARG D 261 -36.49 -19.04 12.97
N GLU D 262 -37.67 -19.54 12.61
CA GLU D 262 -37.74 -20.92 12.19
C GLU D 262 -37.08 -21.15 10.83
N ILE D 263 -37.11 -20.14 9.94
CA ILE D 263 -36.38 -20.27 8.68
C ILE D 263 -34.89 -20.52 8.96
N LEU D 264 -34.26 -19.63 9.73
CA LEU D 264 -32.84 -19.76 10.01
C LEU D 264 -32.53 -21.06 10.75
N SER D 265 -33.39 -21.44 11.70
CA SER D 265 -33.15 -22.66 12.46
C SER D 265 -33.23 -23.90 11.58
N ARG D 266 -34.24 -23.97 10.71
CA ARG D 266 -34.39 -25.12 9.82
C ARG D 266 -33.24 -25.22 8.83
N CYS D 267 -32.77 -24.08 8.31
CA CYS D 267 -31.79 -24.13 7.25
C CYS D 267 -30.35 -24.14 7.74
N CYS D 268 -30.10 -23.81 9.01
CA CYS D 268 -28.76 -23.91 9.53
C CYS D 268 -28.30 -25.36 9.71
N ALA D 269 -29.25 -26.31 9.68
CA ALA D 269 -28.90 -27.72 9.84
C ALA D 269 -28.50 -28.36 8.52
N LEU D 270 -29.01 -27.86 7.39
CA LEU D 270 -28.60 -28.39 6.09
C LEU D 270 -27.17 -28.00 5.78
N GLU D 271 -26.89 -26.70 5.71
CA GLU D 271 -25.54 -26.20 5.51
C GLU D 271 -25.04 -25.59 6.81
N PRO D 272 -24.08 -26.22 7.51
CA PRO D 272 -23.59 -25.64 8.77
C PRO D 272 -22.76 -24.39 8.57
N SER D 273 -22.07 -24.27 7.43
CA SER D 273 -21.27 -23.08 7.16
C SER D 273 -22.10 -21.80 7.18
N LEU D 274 -23.42 -21.91 7.04
CA LEU D 274 -24.31 -20.76 7.15
C LEU D 274 -24.28 -20.12 8.54
N HIS D 275 -23.61 -20.75 9.50
CA HIS D 275 -23.54 -20.23 10.87
C HIS D 275 -23.03 -18.79 10.89
N GLY D 276 -21.88 -18.55 10.30
CA GLY D 276 -21.29 -17.22 10.27
C GLY D 276 -21.88 -16.32 9.21
N ALA D 277 -23.19 -16.07 9.31
CA ALA D 277 -23.92 -15.26 8.34
C ALA D 277 -23.85 -13.78 8.70
N CYS D 278 -24.04 -12.93 7.69
CA CYS D 278 -23.96 -11.49 7.87
C CYS D 278 -25.06 -10.81 7.05
N ASN D 279 -25.42 -9.61 7.48
CA ASN D 279 -26.38 -8.75 6.78
C ASN D 279 -27.69 -9.52 6.52
N ILE D 280 -28.30 -9.97 7.62
CA ILE D 280 -29.52 -10.76 7.52
C ILE D 280 -30.70 -9.83 7.29
N ARG D 281 -30.85 -9.34 6.06
CA ARG D 281 -31.98 -8.47 5.75
C ARG D 281 -33.23 -9.32 5.55
N GLU D 282 -34.38 -8.75 5.87
CA GLU D 282 -35.63 -9.51 5.85
C GLU D 282 -36.56 -8.95 4.79
N LYS D 283 -37.12 -9.83 3.96
CA LYS D 283 -37.99 -9.41 2.86
C LYS D 283 -39.19 -10.35 2.77
N VAL D 284 -40.39 -9.79 2.66
CA VAL D 284 -41.60 -10.59 2.53
C VAL D 284 -42.29 -10.24 1.23
N GLY D 285 -42.90 -11.25 0.60
CA GLY D 285 -43.70 -11.08 -0.59
C GLY D 285 -44.94 -11.97 -0.59
N LEU D 286 -46.06 -11.42 -1.01
CA LEU D 286 -47.28 -12.20 -1.17
C LEU D 286 -47.31 -12.75 -2.60
N ARG D 287 -47.31 -14.07 -2.72
CA ARG D 287 -47.37 -14.59 -4.08
C ARG D 287 -48.81 -14.89 -4.48
N PRO D 288 -49.19 -14.50 -5.69
CA PRO D 288 -50.54 -14.84 -6.18
C PRO D 288 -50.65 -16.34 -6.36
N TYR D 289 -51.84 -16.87 -6.06
CA TYR D 289 -52.10 -18.28 -6.27
C TYR D 289 -53.50 -18.43 -6.86
N ARG D 290 -53.57 -19.09 -8.02
CA ARG D 290 -54.82 -19.44 -8.65
C ARG D 290 -54.70 -20.91 -9.04
N PRO D 291 -55.65 -21.77 -8.63
CA PRO D 291 -55.50 -23.21 -8.91
C PRO D 291 -55.19 -23.52 -10.36
N GLY D 292 -55.79 -22.82 -11.30
CA GLY D 292 -55.34 -22.83 -12.68
C GLY D 292 -54.96 -21.44 -13.12
N VAL D 293 -53.82 -21.30 -13.80
CA VAL D 293 -53.37 -19.98 -14.23
C VAL D 293 -54.41 -19.37 -15.16
N ARG D 294 -54.76 -18.11 -14.88
CA ARG D 294 -55.74 -17.42 -15.72
C ARG D 294 -55.12 -17.05 -17.05
N LEU D 295 -55.70 -17.54 -18.14
CA LEU D 295 -55.11 -17.34 -19.47
C LEU D 295 -56.24 -17.45 -20.50
N GLN D 296 -57.03 -16.38 -20.60
CA GLN D 296 -58.08 -16.31 -21.61
C GLN D 296 -58.38 -14.86 -21.90
N THR D 297 -59.08 -14.64 -23.00
CA THR D 297 -59.49 -13.32 -23.45
C THR D 297 -60.98 -13.15 -23.18
N GLU D 298 -61.32 -12.23 -22.30
CA GLU D 298 -62.69 -11.88 -22.01
C GLU D 298 -63.06 -10.59 -22.74
N LEU D 299 -64.35 -10.32 -22.83
CA LEU D 299 -64.84 -9.15 -23.55
C LEU D 299 -65.95 -8.50 -22.75
N LEU D 300 -65.75 -7.26 -22.34
CA LEU D 300 -66.77 -6.52 -21.61
C LEU D 300 -67.17 -5.29 -22.42
N ALA D 301 -68.21 -4.60 -21.98
CA ALA D 301 -68.73 -3.47 -22.73
C ALA D 301 -69.29 -2.43 -21.78
N ARG D 302 -68.85 -1.19 -21.95
CA ARG D 302 -69.38 -0.08 -21.17
C ARG D 302 -70.25 0.77 -22.09
N ASP D 303 -71.55 0.79 -21.80
CA ASP D 303 -72.53 1.64 -22.49
C ASP D 303 -72.37 1.58 -24.01
N GLY D 304 -72.19 0.38 -24.55
CA GLY D 304 -72.11 0.17 -25.97
C GLY D 304 -70.72 -0.03 -26.54
N GLN D 305 -69.67 0.34 -25.82
CA GLN D 305 -68.32 0.15 -26.34
C GLN D 305 -67.81 -1.20 -25.82
N ARG D 306 -67.61 -2.13 -26.74
CA ARG D 306 -67.10 -3.47 -26.43
C ARG D 306 -65.57 -3.43 -26.45
N LEU D 307 -64.96 -3.58 -25.28
CA LEU D 307 -63.51 -3.64 -25.10
C LEU D 307 -63.08 -5.02 -24.63
N PRO D 308 -62.04 -5.57 -25.23
CA PRO D 308 -61.53 -6.87 -24.79
C PRO D 308 -60.41 -6.72 -23.78
N VAL D 309 -60.34 -7.69 -22.87
CA VAL D 309 -59.34 -7.74 -21.81
C VAL D 309 -58.72 -9.13 -21.84
N VAL D 310 -57.41 -9.19 -22.04
CA VAL D 310 -56.66 -10.44 -21.98
C VAL D 310 -56.16 -10.64 -20.56
N HIS D 311 -56.60 -11.71 -19.90
CA HIS D 311 -56.29 -11.96 -18.50
C HIS D 311 -55.08 -12.87 -18.39
N HIS D 312 -54.02 -12.37 -17.74
CA HIS D 312 -52.76 -13.11 -17.56
C HIS D 312 -52.30 -12.90 -16.12
N TYR D 313 -52.85 -13.69 -15.21
CA TYR D 313 -52.54 -13.57 -13.79
C TYR D 313 -52.83 -14.89 -13.10
N GLY D 314 -52.59 -14.92 -11.79
CA GLY D 314 -52.80 -16.12 -11.00
C GLY D 314 -51.77 -17.18 -11.32
N HIS D 315 -50.50 -16.81 -11.26
CA HIS D 315 -49.42 -17.68 -11.69
C HIS D 315 -48.94 -18.64 -10.61
N GLY D 316 -49.44 -18.52 -9.38
CA GLY D 316 -49.03 -19.48 -8.37
C GLY D 316 -47.61 -19.24 -7.89
N SER D 317 -47.06 -20.26 -7.23
CA SER D 317 -45.70 -20.25 -6.74
C SER D 317 -44.70 -20.76 -7.77
N GLY D 318 -45.11 -20.94 -9.02
CA GLY D 318 -44.21 -21.38 -10.07
C GLY D 318 -44.30 -20.49 -11.29
N GLY D 319 -44.58 -19.21 -11.09
CA GLY D 319 -44.87 -18.33 -12.21
C GLY D 319 -43.64 -18.01 -13.05
N ILE D 320 -42.51 -17.72 -12.40
CA ILE D 320 -41.33 -17.30 -13.13
C ILE D 320 -40.80 -18.42 -14.01
N SER D 321 -40.84 -19.66 -13.50
CA SER D 321 -40.34 -20.82 -14.24
C SER D 321 -41.09 -21.05 -15.54
N VAL D 322 -42.19 -20.34 -15.78
CA VAL D 322 -42.96 -20.48 -17.01
C VAL D 322 -43.27 -19.10 -17.59
N HIS D 323 -42.64 -18.06 -17.04
CA HIS D 323 -43.05 -16.69 -17.34
C HIS D 323 -42.90 -16.34 -18.82
N TRP D 324 -42.11 -17.09 -19.58
CA TRP D 324 -42.12 -16.94 -21.03
C TRP D 324 -43.24 -17.78 -21.66
N GLY D 325 -43.29 -19.08 -21.32
CA GLY D 325 -44.27 -19.98 -21.90
C GLY D 325 -45.71 -19.53 -21.73
N THR D 326 -45.99 -18.76 -20.69
CA THR D 326 -47.31 -18.18 -20.50
C THR D 326 -47.46 -16.87 -21.26
N ALA D 327 -46.43 -16.02 -21.24
CA ALA D 327 -46.50 -14.73 -21.91
C ALA D 327 -46.88 -14.89 -23.38
N LEU D 328 -46.15 -15.74 -24.10
CA LEU D 328 -46.47 -16.03 -25.48
C LEU D 328 -47.91 -16.47 -25.65
N GLU D 329 -48.41 -17.30 -24.72
CA GLU D 329 -49.81 -17.70 -24.78
C GLU D 329 -50.71 -16.48 -24.75
N ALA D 330 -50.48 -15.58 -23.80
CA ALA D 330 -51.17 -14.30 -23.79
C ALA D 330 -51.00 -13.60 -25.13
N ALA D 331 -49.76 -13.57 -25.64
CA ALA D 331 -49.50 -12.98 -26.94
C ALA D 331 -50.41 -13.58 -28.00
N ARG D 332 -50.54 -14.91 -28.01
CA ARG D 332 -51.48 -15.55 -28.93
C ARG D 332 -52.86 -14.91 -28.81
N LEU D 333 -53.41 -14.92 -27.59
CA LEU D 333 -54.74 -14.36 -27.37
C LEU D 333 -54.79 -12.89 -27.77
N VAL D 334 -53.67 -12.18 -27.66
CA VAL D 334 -53.64 -10.78 -28.09
C VAL D 334 -53.66 -10.70 -29.61
N SER D 335 -52.81 -11.48 -30.27
CA SER D 335 -52.74 -11.43 -31.72
C SER D 335 -54.07 -11.87 -32.33
N GLU D 336 -54.60 -12.99 -31.86
CA GLU D 336 -55.92 -13.44 -32.27
C GLU D 336 -56.96 -12.34 -32.10
N CYS D 337 -56.80 -11.49 -31.08
CA CYS D 337 -57.71 -10.38 -30.89
C CYS D 337 -57.40 -9.24 -31.85
N VAL D 338 -56.11 -8.94 -32.06
CA VAL D 338 -55.75 -7.81 -32.91
C VAL D 338 -56.27 -8.01 -34.32
N HIS D 339 -56.07 -9.22 -34.86
CA HIS D 339 -56.61 -9.54 -36.18
C HIS D 339 -58.11 -9.33 -36.24
N ALA D 340 -58.82 -9.57 -35.14
CA ALA D 340 -60.27 -9.39 -35.14
C ALA D 340 -60.66 -7.94 -35.42
N LEU D 341 -59.78 -7.00 -35.08
CA LEU D 341 -60.03 -5.59 -35.37
C LEU D 341 -59.45 -5.16 -36.72
N ARG D 342 -58.60 -5.99 -37.33
CA ARG D 342 -58.07 -5.65 -38.65
C ARG D 342 -59.02 -6.11 -39.74
N THR D 343 -59.52 -7.33 -39.64
CA THR D 343 -60.52 -7.89 -40.54
C THR D 343 -61.68 -8.45 -39.73
N PRO D 344 -62.91 -8.39 -40.26
CA PRO D 344 -64.07 -8.90 -39.53
C PRO D 344 -64.03 -10.41 -39.35
N THR E 12 48.75 -14.84 -40.39
CA THR E 12 48.09 -14.63 -39.10
C THR E 12 49.06 -14.05 -38.08
N ALA E 13 48.99 -12.73 -37.90
CA ALA E 13 49.89 -12.04 -36.98
C ALA E 13 49.48 -12.32 -35.54
N ARG E 14 50.40 -11.99 -34.62
CA ARG E 14 50.21 -12.19 -33.18
C ARG E 14 50.46 -10.86 -32.49
N ILE E 15 49.38 -10.14 -32.16
CA ILE E 15 49.45 -8.78 -31.65
C ILE E 15 48.93 -8.74 -30.22
N ALA E 16 49.74 -8.20 -29.31
CA ALA E 16 49.37 -8.01 -27.93
C ALA E 16 49.23 -6.52 -27.62
N VAL E 17 48.44 -6.23 -26.59
CA VAL E 17 48.08 -4.86 -26.22
C VAL E 17 48.34 -4.71 -24.73
N VAL E 18 49.48 -4.13 -24.37
CA VAL E 18 49.71 -3.77 -22.97
C VAL E 18 48.92 -2.51 -22.65
N GLY E 19 48.36 -2.45 -21.45
CA GLY E 19 47.50 -1.33 -21.11
C GLY E 19 46.05 -1.56 -21.52
N ALA E 20 45.15 -1.59 -20.55
CA ALA E 20 43.72 -1.77 -20.80
C ALA E 20 42.92 -0.58 -20.28
N GLY E 21 43.45 0.62 -20.45
CA GLY E 21 42.67 1.81 -20.14
C GLY E 21 41.59 2.03 -21.19
N VAL E 22 41.03 3.25 -21.19
CA VAL E 22 40.06 3.59 -22.22
C VAL E 22 40.71 3.51 -23.59
N VAL E 23 41.95 3.96 -23.71
CA VAL E 23 42.61 3.86 -25.00
C VAL E 23 43.18 2.47 -25.22
N GLY E 24 43.47 1.74 -24.14
CA GLY E 24 43.93 0.37 -24.29
C GLY E 24 42.90 -0.52 -24.98
N LEU E 25 41.63 -0.30 -24.69
CA LEU E 25 40.55 -0.98 -25.39
C LEU E 25 40.17 -0.30 -26.69
N SER E 26 40.25 1.04 -26.77
CA SER E 26 39.90 1.71 -28.01
C SER E 26 40.84 1.32 -29.14
N THR E 27 42.15 1.42 -28.89
CA THR E 27 43.14 1.08 -29.91
C THR E 27 43.00 -0.37 -30.35
N ALA E 28 42.69 -1.28 -29.42
CA ALA E 28 42.60 -2.69 -29.78
C ALA E 28 41.31 -2.99 -30.53
N VAL E 29 40.18 -2.40 -30.12
CA VAL E 29 38.92 -2.65 -30.80
C VAL E 29 38.94 -2.04 -32.19
N CYS E 30 39.75 -0.99 -32.41
CA CYS E 30 39.90 -0.46 -33.75
C CYS E 30 40.99 -1.16 -34.54
N ILE E 31 41.98 -1.75 -33.86
CA ILE E 31 43.01 -2.54 -34.53
C ILE E 31 42.44 -3.85 -35.04
N SER E 32 41.36 -4.33 -34.43
CA SER E 32 40.73 -5.55 -34.91
C SER E 32 40.07 -5.36 -36.27
N LYS E 33 39.75 -4.12 -36.66
CA LYS E 33 39.11 -3.85 -37.94
C LYS E 33 39.98 -3.02 -38.87
N LEU E 34 41.29 -2.96 -38.60
CA LEU E 34 42.23 -2.33 -39.51
C LEU E 34 43.41 -3.21 -39.88
N VAL E 35 43.55 -4.37 -39.27
CA VAL E 35 44.60 -5.33 -39.59
C VAL E 35 43.94 -6.52 -40.28
N PRO E 36 44.48 -7.02 -41.40
CA PRO E 36 43.86 -8.15 -42.10
C PRO E 36 43.67 -9.37 -41.21
N ARG E 37 44.76 -9.95 -40.74
CA ARG E 37 44.74 -11.10 -39.85
C ARG E 37 45.14 -10.61 -38.45
N CYS E 38 44.16 -10.52 -37.56
CA CYS E 38 44.34 -9.90 -36.25
C CYS E 38 44.14 -10.93 -35.15
N SER E 39 45.14 -11.08 -34.28
CA SER E 39 45.02 -11.88 -33.08
C SER E 39 45.21 -10.99 -31.85
N VAL E 40 44.41 -9.93 -31.76
CA VAL E 40 44.61 -8.91 -30.74
C VAL E 40 44.26 -9.48 -29.37
N THR E 41 45.25 -9.48 -28.46
CA THR E 41 45.02 -9.93 -27.08
C THR E 41 45.56 -8.87 -26.13
N ILE E 42 44.71 -8.39 -25.23
CA ILE E 42 45.11 -7.35 -24.27
C ILE E 42 45.70 -8.02 -23.03
N ILE E 43 46.56 -7.27 -22.33
CA ILE E 43 47.21 -7.71 -21.11
C ILE E 43 47.37 -6.50 -20.20
N SER E 44 46.94 -6.60 -18.94
CA SER E 44 47.07 -5.44 -18.02
C SER E 44 47.01 -5.84 -16.55
N ASP E 45 47.75 -5.13 -15.70
CA ASP E 45 47.72 -5.38 -14.23
C ASP E 45 46.32 -5.07 -13.71
N LYS E 46 45.72 -3.97 -14.16
CA LYS E 46 44.39 -3.55 -13.67
C LYS E 46 43.43 -3.43 -14.86
N PHE E 47 42.13 -3.64 -14.63
CA PHE E 47 41.17 -3.65 -15.75
C PHE E 47 39.99 -2.72 -15.51
N THR E 48 38.86 -3.01 -16.16
CA THR E 48 37.69 -2.11 -16.10
C THR E 48 37.21 -1.88 -14.66
N PRO E 49 37.21 -2.86 -13.75
CA PRO E 49 36.66 -2.61 -12.42
C PRO E 49 37.36 -1.43 -11.74
N ASP E 50 38.69 -1.31 -11.89
CA ASP E 50 39.44 -0.24 -11.18
C ASP E 50 40.61 0.26 -12.03
N THR E 51 40.34 0.98 -13.10
CA THR E 51 41.35 1.58 -13.97
C THR E 51 41.24 3.11 -13.85
N THR E 52 42.37 3.79 -14.01
CA THR E 52 42.36 5.25 -13.96
C THR E 52 41.36 5.86 -14.94
N SER E 53 40.99 5.13 -15.98
CA SER E 53 39.97 5.57 -16.92
C SER E 53 38.55 5.39 -16.39
N ASP E 54 38.38 4.70 -15.27
CA ASP E 54 37.08 4.67 -14.59
C ASP E 54 36.95 5.78 -13.56
N VAL E 55 38.07 6.19 -12.95
CA VAL E 55 38.06 7.31 -12.02
C VAL E 55 37.76 8.61 -12.74
N ALA E 56 38.20 8.71 -14.00
CA ALA E 56 37.97 9.92 -14.78
C ALA E 56 36.48 10.21 -14.90
N ALA E 57 36.13 11.49 -14.85
CA ALA E 57 34.72 11.89 -14.87
C ALA E 57 34.02 11.38 -16.12
N GLY E 58 34.58 11.68 -17.29
CA GLY E 58 34.03 11.21 -18.55
C GLY E 58 33.52 12.28 -19.49
N MET E 59 33.64 13.56 -19.15
CA MET E 59 33.17 14.61 -20.04
C MET E 59 34.05 14.70 -21.28
N LEU E 60 33.41 14.90 -22.42
CA LEU E 60 34.13 15.02 -23.69
C LEU E 60 34.50 16.47 -23.95
N ILE E 61 35.33 17.00 -23.07
CA ILE E 61 35.85 18.36 -23.14
C ILE E 61 37.36 18.27 -23.40
N PRO E 62 37.84 18.66 -24.58
CA PRO E 62 39.26 18.47 -24.89
C PRO E 62 40.14 19.54 -24.29
N HIS E 63 41.28 19.10 -23.77
CA HIS E 63 42.32 19.99 -23.28
C HIS E 63 43.37 20.18 -24.36
N THR E 64 44.03 21.34 -24.35
CA THR E 64 44.97 21.71 -25.40
C THR E 64 46.27 20.94 -25.23
N TYR E 65 46.60 20.10 -26.20
CA TYR E 65 47.89 19.43 -26.24
C TYR E 65 48.96 20.41 -26.71
N PRO E 66 49.98 20.71 -25.90
CA PRO E 66 50.96 21.72 -26.31
C PRO E 66 51.85 21.28 -27.47
N ASP E 67 52.37 20.05 -27.42
CA ASP E 67 53.33 19.63 -28.44
C ASP E 67 52.65 19.30 -29.77
N THR E 68 51.57 18.52 -29.74
CA THR E 68 50.90 18.15 -30.97
C THR E 68 50.20 19.37 -31.57
N PRO E 69 50.15 19.46 -32.90
CA PRO E 69 49.57 20.65 -33.54
C PRO E 69 48.07 20.74 -33.31
N ILE E 70 47.49 21.85 -33.75
CA ILE E 70 46.08 22.15 -33.49
C ILE E 70 45.17 21.51 -34.52
N HIS E 71 45.58 21.46 -35.79
CA HIS E 71 44.69 20.94 -36.82
C HIS E 71 44.43 19.45 -36.63
N THR E 72 45.47 18.67 -36.36
CA THR E 72 45.26 17.25 -36.12
C THR E 72 44.58 17.01 -34.76
N GLN E 73 44.76 17.93 -33.81
CA GLN E 73 44.01 17.86 -32.56
C GLN E 73 42.51 17.99 -32.80
N LYS E 74 42.13 18.99 -33.59
CA LYS E 74 40.73 19.18 -33.95
C LYS E 74 40.21 17.97 -34.73
N GLN E 75 41.02 17.44 -35.64
CA GLN E 75 40.65 16.24 -36.36
C GLN E 75 40.37 15.07 -35.41
N TRP E 76 41.25 14.89 -34.42
CA TRP E 76 41.05 13.85 -33.41
C TRP E 76 39.73 14.04 -32.69
N PHE E 77 39.48 15.25 -32.19
CA PHE E 77 38.26 15.44 -31.41
C PHE E 77 37.01 15.27 -32.26
N ARG E 78 37.06 15.62 -33.54
CA ARG E 78 35.93 15.38 -34.42
C ARG E 78 35.69 13.88 -34.58
N GLU E 79 36.75 13.13 -34.89
CA GLU E 79 36.61 11.68 -35.08
C GLU E 79 36.15 10.98 -33.81
N THR E 80 36.39 11.55 -32.63
CA THR E 80 35.89 10.96 -31.40
C THR E 80 34.46 11.37 -31.10
N PHE E 81 34.15 12.66 -31.27
CA PHE E 81 32.81 13.15 -30.98
C PHE E 81 31.77 12.47 -31.86
N ASN E 82 32.11 12.21 -33.12
CA ASN E 82 31.14 11.55 -33.99
C ASN E 82 30.89 10.12 -33.55
N HIS E 83 31.96 9.38 -33.23
CA HIS E 83 31.79 7.98 -32.84
C HIS E 83 31.05 7.85 -31.52
N LEU E 84 31.21 8.81 -30.61
CA LEU E 84 30.44 8.77 -29.37
C LEU E 84 28.99 9.21 -29.60
N PHE E 85 28.79 10.16 -30.51
CA PHE E 85 27.45 10.59 -30.88
C PHE E 85 26.64 9.41 -31.41
N ALA E 86 27.23 8.64 -32.32
CA ALA E 86 26.53 7.48 -32.88
C ALA E 86 26.08 6.53 -31.78
N ILE E 87 26.87 6.40 -30.71
CA ILE E 87 26.49 5.54 -29.60
C ILE E 87 25.42 6.20 -28.73
N ALA E 88 25.37 7.53 -28.70
CA ALA E 88 24.34 8.21 -27.91
C ALA E 88 22.93 7.81 -28.35
N ASN E 89 22.74 7.61 -29.65
CA ASN E 89 21.46 7.14 -30.18
C ASN E 89 21.41 5.63 -30.31
N SER E 90 22.50 4.92 -30.03
CA SER E 90 22.47 3.47 -30.05
C SER E 90 21.61 2.94 -28.91
N ALA E 91 20.81 1.91 -29.21
CA ALA E 91 20.01 1.28 -28.16
C ALA E 91 20.88 0.71 -27.05
N GLU E 92 22.16 0.48 -27.31
CA GLU E 92 23.11 0.04 -26.30
C GLU E 92 23.65 1.18 -25.45
N ALA E 93 23.00 2.35 -25.48
CA ALA E 93 23.47 3.47 -24.66
C ALA E 93 23.35 3.15 -23.17
N GLY E 94 22.42 2.28 -22.81
CA GLY E 94 22.38 1.79 -21.44
C GLY E 94 23.50 0.81 -21.15
N ASP E 95 23.87 0.00 -22.15
CA ASP E 95 25.01 -0.89 -21.98
C ASP E 95 26.33 -0.14 -22.07
N ALA E 96 26.45 0.76 -23.06
CA ALA E 96 27.68 1.51 -23.24
C ALA E 96 27.81 2.67 -22.28
N GLY E 97 26.72 3.10 -21.65
CA GLY E 97 26.78 4.17 -20.67
C GLY E 97 27.20 5.51 -21.22
N VAL E 98 26.84 5.81 -22.47
CA VAL E 98 27.18 7.07 -23.12
C VAL E 98 25.90 7.88 -23.26
N HIS E 99 25.97 9.16 -22.91
CA HIS E 99 24.78 10.00 -23.01
C HIS E 99 25.20 11.46 -23.18
N LEU E 100 24.27 12.24 -23.73
CA LEU E 100 24.48 13.66 -23.95
C LEU E 100 24.17 14.46 -22.70
N VAL E 101 24.91 15.55 -22.50
CA VAL E 101 24.71 16.49 -21.43
C VAL E 101 24.79 17.90 -22.00
N SER E 102 24.00 18.81 -21.43
CA SER E 102 24.03 20.21 -21.79
C SER E 102 24.47 21.03 -20.58
N GLY E 103 25.22 22.11 -20.82
CA GLY E 103 25.70 22.86 -19.69
C GLY E 103 26.39 24.16 -20.01
N TRP E 104 27.29 24.59 -19.14
CA TRP E 104 27.94 25.88 -19.27
C TRP E 104 29.39 25.78 -18.80
N GLN E 105 30.24 26.59 -19.42
CA GLN E 105 31.63 26.78 -19.00
C GLN E 105 31.81 28.27 -18.71
N ILE E 106 31.91 28.62 -17.44
CA ILE E 106 31.88 30.01 -17.02
C ILE E 106 33.31 30.52 -16.85
N PHE E 107 33.46 31.84 -16.81
CA PHE E 107 34.75 32.51 -16.73
C PHE E 107 34.63 33.73 -15.83
N GLN E 108 35.55 33.81 -14.86
CA GLN E 108 35.55 34.88 -13.86
C GLN E 108 35.77 36.24 -14.49
N SER E 109 36.75 36.35 -15.38
CA SER E 109 37.09 37.61 -16.03
C SER E 109 36.79 37.52 -17.52
N THR E 110 37.24 38.52 -18.26
CA THR E 110 37.11 38.51 -19.71
C THR E 110 37.88 37.31 -20.27
N PRO E 111 37.26 36.48 -21.12
CA PRO E 111 37.96 35.30 -21.61
C PRO E 111 39.04 35.66 -22.61
N THR E 112 40.19 35.01 -22.48
CA THR E 112 41.27 35.19 -23.45
C THR E 112 40.80 34.80 -24.84
N GLU E 113 40.12 33.67 -24.95
CA GLU E 113 39.44 33.26 -26.17
C GLU E 113 37.95 33.28 -25.91
N GLU E 114 37.19 33.91 -26.80
CA GLU E 114 35.74 33.88 -26.73
C GLU E 114 35.16 32.73 -27.52
N VAL E 115 35.99 32.01 -28.26
CA VAL E 115 35.64 30.76 -28.95
C VAL E 115 36.90 29.90 -29.00
N PRO E 116 36.87 28.69 -28.46
CA PRO E 116 38.03 27.79 -28.56
C PRO E 116 37.99 27.06 -29.90
N PHE E 117 39.03 26.24 -30.14
CA PHE E 117 39.11 25.56 -31.41
C PHE E 117 38.12 24.40 -31.51
N TRP E 118 37.62 23.90 -30.37
CA TRP E 118 36.66 22.82 -30.35
C TRP E 118 35.21 23.30 -30.34
N ALA E 119 34.97 24.58 -30.64
CA ALA E 119 33.61 25.11 -30.62
C ALA E 119 32.84 24.73 -31.88
N ASP E 120 33.53 24.55 -33.01
CA ASP E 120 32.84 24.23 -34.26
C ASP E 120 32.29 22.81 -34.25
N VAL E 121 32.94 21.91 -33.51
CA VAL E 121 32.56 20.50 -33.54
C VAL E 121 31.49 20.17 -32.51
N VAL E 122 31.56 20.78 -31.32
CA VAL E 122 30.60 20.48 -30.26
C VAL E 122 29.21 20.99 -30.67
N LEU E 123 28.18 20.35 -30.12
CA LEU E 123 26.81 20.64 -30.50
C LEU E 123 26.31 21.92 -29.84
N GLY E 124 25.76 22.82 -30.66
CA GLY E 124 25.09 24.00 -30.17
C GLY E 124 25.94 24.92 -29.32
N PHE E 125 27.09 25.34 -29.84
CA PHE E 125 27.97 26.23 -29.09
C PHE E 125 27.49 27.67 -29.21
N ARG E 126 27.53 28.39 -28.09
CA ARG E 126 27.06 29.76 -28.02
C ARG E 126 27.56 30.38 -26.72
N LYS E 127 27.30 31.66 -26.56
CA LYS E 127 27.56 32.37 -25.31
C LYS E 127 26.28 32.43 -24.49
N MET E 128 26.45 32.67 -23.19
CA MET E 128 25.32 32.65 -22.28
C MET E 128 24.59 34.00 -22.29
N THR E 129 23.27 33.95 -22.16
CA THR E 129 22.47 35.16 -22.11
C THR E 129 22.70 35.89 -20.79
N GLU E 130 22.19 37.13 -20.72
CA GLU E 130 22.33 37.93 -19.51
C GLU E 130 21.68 37.22 -18.32
N ALA E 131 20.49 36.68 -18.51
CA ALA E 131 19.82 35.94 -17.45
C ALA E 131 20.58 34.67 -17.10
N GLU E 132 21.18 34.02 -18.11
CA GLU E 132 22.02 32.85 -17.84
C GLU E 132 23.25 33.24 -17.03
N LEU E 133 23.82 34.42 -17.30
CA LEU E 133 24.94 34.89 -16.50
C LEU E 133 24.52 35.21 -15.08
N LYS E 134 23.28 35.67 -14.88
CA LYS E 134 22.85 36.06 -13.54
C LYS E 134 22.60 34.88 -12.62
N LYS E 135 22.76 33.64 -13.07
CA LYS E 135 22.74 32.52 -12.15
C LYS E 135 24.06 32.37 -11.40
N PHE E 136 25.09 33.11 -11.82
CA PHE E 136 26.39 33.10 -11.15
C PHE E 136 26.85 34.54 -11.03
N PRO E 137 26.54 35.20 -9.90
CA PRO E 137 26.86 36.63 -9.77
C PRO E 137 28.35 36.91 -9.68
N GLN E 138 29.18 35.91 -9.37
CA GLN E 138 30.61 36.13 -9.23
C GLN E 138 31.32 36.25 -10.57
N TYR E 139 30.72 35.73 -11.64
CA TYR E 139 31.41 35.56 -12.91
C TYR E 139 30.95 36.58 -13.94
N VAL E 140 31.85 36.89 -14.86
CA VAL E 140 31.61 37.89 -15.90
C VAL E 140 31.17 37.25 -17.21
N PHE E 141 31.91 36.25 -17.70
CA PHE E 141 31.62 35.69 -19.00
C PHE E 141 31.22 34.23 -18.86
N GLY E 142 30.52 33.71 -19.86
CA GLY E 142 30.20 32.29 -19.88
C GLY E 142 29.87 31.74 -21.25
N GLN E 143 30.22 30.47 -21.48
CA GLN E 143 29.91 29.75 -22.70
C GLN E 143 28.86 28.68 -22.39
N ALA E 144 28.10 28.29 -23.41
CA ALA E 144 27.08 27.26 -23.25
C ALA E 144 27.08 26.37 -24.47
N PHE E 145 26.94 25.07 -24.24
CA PHE E 145 26.93 24.10 -25.33
C PHE E 145 26.39 22.77 -24.81
N THR E 146 26.55 21.74 -25.64
CA THR E 146 26.04 20.39 -25.37
C THR E 146 27.11 19.40 -25.83
N THR E 147 27.66 18.64 -24.88
CA THR E 147 28.71 17.68 -25.18
C THR E 147 28.31 16.32 -24.63
N LEU E 148 29.10 15.30 -24.94
CA LEU E 148 28.80 13.94 -24.56
C LEU E 148 29.57 13.53 -23.30
N LYS E 149 29.17 12.40 -22.73
CA LYS E 149 29.85 11.86 -21.56
C LYS E 149 29.68 10.34 -21.56
N TYR E 150 30.70 9.66 -21.05
CA TYR E 150 30.68 8.21 -20.88
C TYR E 150 30.86 7.86 -19.41
N GLU E 151 30.73 6.56 -19.11
CA GLU E 151 30.87 6.05 -17.76
C GLU E 151 31.84 4.88 -17.78
N GLY E 152 32.90 4.98 -16.97
CA GLY E 152 33.93 3.97 -16.92
C GLY E 152 33.42 2.55 -16.77
N PRO E 153 32.83 2.25 -15.59
CA PRO E 153 32.43 0.86 -15.30
C PRO E 153 31.27 0.37 -16.15
N ALA E 154 30.88 1.15 -17.15
CA ALA E 154 29.86 0.73 -18.11
C ALA E 154 30.36 0.75 -19.54
N TYR E 155 31.20 1.71 -19.89
CA TYR E 155 31.73 1.84 -21.26
C TYR E 155 32.96 0.97 -21.48
N LEU E 156 33.82 0.82 -20.48
CA LEU E 156 34.95 -0.08 -20.60
C LEU E 156 34.48 -1.53 -20.68
N PRO E 157 33.56 -1.99 -19.82
CA PRO E 157 33.03 -3.34 -20.02
C PRO E 157 32.30 -3.51 -21.33
N TRP E 158 31.73 -2.44 -21.89
CA TRP E 158 31.08 -2.53 -23.19
C TRP E 158 32.11 -2.68 -24.32
N LEU E 159 33.21 -1.94 -24.22
CA LEU E 159 34.32 -2.13 -25.14
C LEU E 159 34.83 -3.57 -25.08
N GLU E 160 34.95 -4.13 -23.88
CA GLU E 160 35.32 -5.54 -23.79
C GLU E 160 34.22 -6.44 -24.35
N LYS E 161 32.96 -6.06 -24.13
CA LYS E 161 31.81 -6.83 -24.59
C LYS E 161 31.87 -7.06 -26.09
N ARG E 162 32.21 -6.02 -26.84
CA ARG E 162 32.30 -6.14 -28.29
C ARG E 162 33.72 -6.24 -28.83
N ILE E 163 34.73 -6.35 -27.96
CA ILE E 163 36.07 -6.70 -28.40
C ILE E 163 36.38 -8.19 -28.17
N LYS E 164 35.67 -8.84 -27.25
CA LYS E 164 35.80 -10.29 -27.11
C LYS E 164 35.16 -11.03 -28.27
N GLY E 165 34.24 -10.39 -28.99
CA GLY E 165 33.64 -10.95 -30.18
C GLY E 165 34.48 -10.83 -31.43
N SER E 166 35.66 -10.22 -31.33
CA SER E 166 36.60 -10.10 -32.44
C SER E 166 37.62 -11.21 -32.46
N GLY E 167 37.46 -12.22 -31.61
CA GLY E 167 38.42 -13.31 -31.53
C GLY E 167 39.57 -13.07 -30.57
N GLY E 168 39.45 -12.09 -29.68
CA GLY E 168 40.52 -11.76 -28.76
C GLY E 168 40.08 -11.85 -27.32
N TRP E 169 40.96 -12.36 -26.46
CA TRP E 169 40.75 -12.44 -25.02
C TRP E 169 41.95 -11.84 -24.32
N THR E 170 41.79 -11.56 -23.02
CA THR E 170 42.75 -10.78 -22.26
C THR E 170 43.26 -11.58 -21.07
N LEU E 171 44.58 -11.60 -20.90
CA LEU E 171 45.23 -12.23 -19.77
C LEU E 171 45.68 -11.17 -18.77
N THR E 172 45.49 -11.46 -17.48
CA THR E 172 45.80 -10.52 -16.41
C THR E 172 47.17 -10.88 -15.83
N ARG E 173 48.17 -10.06 -16.13
CA ARG E 173 49.51 -10.24 -15.58
C ARG E 173 50.19 -8.88 -15.44
N ARG E 174 51.02 -8.77 -14.41
CA ARG E 174 51.80 -7.55 -14.20
C ARG E 174 53.06 -7.61 -15.06
N ILE E 175 53.19 -6.67 -16.00
CA ILE E 175 54.33 -6.61 -16.89
C ILE E 175 55.33 -5.61 -16.33
N GLU E 176 56.52 -6.08 -15.99
CA GLU E 176 57.60 -5.25 -15.49
C GLU E 176 58.57 -4.81 -16.57
N ASP E 177 58.93 -5.70 -17.48
CA ASP E 177 59.79 -5.39 -18.60
C ASP E 177 59.03 -5.58 -19.91
N LEU E 178 59.34 -4.73 -20.89
CA LEU E 178 58.66 -4.77 -22.17
C LEU E 178 59.17 -5.87 -23.08
N TRP E 179 60.32 -6.47 -22.77
CA TRP E 179 60.86 -7.56 -23.59
C TRP E 179 60.24 -8.90 -23.27
N GLU E 180 59.56 -9.04 -22.12
CA GLU E 180 59.14 -10.33 -21.60
C GLU E 180 58.16 -11.06 -22.51
N LEU E 181 57.76 -10.48 -23.64
CA LEU E 181 56.84 -11.09 -24.57
C LEU E 181 57.49 -11.45 -25.90
N HIS E 182 58.81 -11.29 -26.00
CA HIS E 182 59.50 -11.57 -27.26
C HIS E 182 59.26 -13.00 -27.76
N PRO E 183 59.40 -14.05 -26.93
CA PRO E 183 59.12 -15.40 -27.47
C PRO E 183 57.66 -15.61 -27.82
N SER E 184 56.74 -14.86 -27.22
CA SER E 184 55.32 -15.10 -27.39
C SER E 184 54.73 -14.40 -28.62
N PHE E 185 54.99 -13.10 -28.78
CA PHE E 185 54.31 -12.30 -29.78
C PHE E 185 55.31 -11.58 -30.67
N ASP E 186 54.77 -10.90 -31.69
CA ASP E 186 55.59 -10.23 -32.70
C ASP E 186 55.64 -8.73 -32.47
N ILE E 187 54.51 -8.05 -32.67
CA ILE E 187 54.41 -6.60 -32.57
C ILE E 187 53.53 -6.27 -31.37
N VAL E 188 54.05 -5.46 -30.45
CA VAL E 188 53.34 -5.09 -29.24
C VAL E 188 52.99 -3.60 -29.31
N VAL E 189 51.80 -3.28 -28.82
CA VAL E 189 51.34 -1.90 -28.72
C VAL E 189 51.47 -1.48 -27.25
N ASN E 190 51.70 -0.19 -27.03
CA ASN E 190 51.93 0.33 -25.68
C ASN E 190 50.77 1.25 -25.31
N CYS E 191 49.93 0.80 -24.39
CA CYS E 191 48.84 1.62 -23.87
C CYS E 191 48.83 1.62 -22.35
N SER E 192 49.98 1.38 -21.72
CA SER E 192 50.11 1.35 -20.27
C SER E 192 49.88 2.72 -19.64
N GLY E 193 49.92 3.79 -20.42
CA GLY E 193 49.71 5.13 -19.89
C GLY E 193 50.75 5.52 -18.86
N LEU E 194 50.35 5.55 -17.59
CA LEU E 194 51.31 5.88 -16.54
C LEU E 194 52.24 4.71 -16.25
N GLY E 195 51.80 3.48 -16.50
CA GLY E 195 52.71 2.35 -16.38
C GLY E 195 53.83 2.39 -17.39
N SER E 196 53.57 2.99 -18.56
CA SER E 196 54.60 3.10 -19.59
C SER E 196 55.82 3.87 -19.07
N ARG E 197 55.63 4.71 -18.05
CA ARG E 197 56.75 5.39 -17.41
C ARG E 197 57.87 4.42 -17.06
N GLN E 198 57.51 3.23 -16.59
CA GLN E 198 58.51 2.21 -16.32
C GLN E 198 58.82 1.37 -17.55
N LEU E 199 57.86 1.18 -18.44
CA LEU E 199 58.02 0.25 -19.55
C LEU E 199 58.63 0.90 -20.78
N ALA E 200 58.85 2.22 -20.77
CA ALA E 200 59.41 2.91 -21.92
C ALA E 200 60.56 3.83 -21.56
N GLY E 201 60.83 4.07 -20.28
CA GLY E 201 61.96 4.87 -19.86
C GLY E 201 61.75 6.33 -20.18
N ASP E 202 60.52 6.69 -20.51
CA ASP E 202 60.19 8.07 -20.82
C ASP E 202 60.25 8.92 -19.56
N SER E 203 60.87 10.09 -19.66
CA SER E 203 61.09 10.96 -18.52
C SER E 203 60.12 12.14 -18.46
N LYS E 204 59.30 12.35 -19.48
CA LYS E 204 58.36 13.46 -19.50
C LYS E 204 56.91 12.98 -19.43
N ILE E 205 56.69 11.80 -18.83
CA ILE E 205 55.34 11.33 -18.56
C ILE E 205 55.14 11.36 -17.04
N PHE E 206 54.86 12.57 -16.50
CA PHE E 206 54.74 12.74 -15.06
C PHE E 206 53.27 12.82 -14.67
N PRO E 207 52.85 12.06 -13.66
CA PRO E 207 51.43 12.03 -13.30
C PRO E 207 51.00 13.31 -12.61
N VAL E 208 49.75 13.69 -12.86
CA VAL E 208 49.10 14.82 -12.20
C VAL E 208 48.01 14.25 -11.31
N ARG E 209 48.17 14.41 -9.99
CA ARG E 209 47.20 13.86 -9.05
C ARG E 209 45.91 14.66 -9.09
N GLY E 210 44.79 13.95 -9.09
CA GLY E 210 43.48 14.57 -9.11
C GLY E 210 42.52 13.89 -8.16
N GLN E 211 41.94 14.68 -7.27
CA GLN E 211 40.96 14.20 -6.29
C GLN E 211 39.58 14.63 -6.74
N VAL E 212 38.61 13.72 -6.60
CA VAL E 212 37.23 14.00 -6.96
C VAL E 212 36.34 13.41 -5.87
N LEU E 213 35.14 13.97 -5.75
CA LEU E 213 34.15 13.50 -4.78
C LEU E 213 33.01 12.85 -5.56
N GLN E 214 32.76 11.58 -5.27
CA GLN E 214 31.70 10.81 -5.91
C GLN E 214 30.44 10.85 -5.05
N VAL E 215 29.93 12.07 -4.90
CA VAL E 215 28.67 12.31 -4.21
C VAL E 215 27.55 12.01 -5.19
N GLN E 216 26.31 11.96 -4.72
CA GLN E 216 25.16 11.73 -5.58
C GLN E 216 24.05 12.71 -5.24
N ALA E 217 23.69 13.56 -6.20
CA ALA E 217 22.59 14.51 -6.06
C ALA E 217 21.85 14.52 -7.39
N PRO E 218 20.74 13.77 -7.49
CA PRO E 218 20.17 13.48 -8.82
C PRO E 218 19.65 14.70 -9.56
N TRP E 219 19.32 15.80 -8.87
CA TRP E 219 18.70 16.94 -9.54
C TRP E 219 19.68 17.76 -10.37
N VAL E 220 20.98 17.51 -10.26
CA VAL E 220 21.97 18.24 -11.06
C VAL E 220 22.03 17.61 -12.44
N GLU E 221 21.55 18.34 -13.45
CA GLU E 221 21.48 17.81 -14.80
C GLU E 221 22.33 18.62 -15.78
N HIS E 222 23.22 19.47 -15.30
CA HIS E 222 24.10 20.27 -16.14
C HIS E 222 25.52 20.19 -15.62
N PHE E 223 26.47 20.53 -16.49
CA PHE E 223 27.88 20.60 -16.10
C PHE E 223 28.29 22.06 -15.99
N ILE E 224 29.18 22.34 -15.04
CA ILE E 224 29.67 23.68 -14.78
C ILE E 224 31.19 23.61 -14.63
N ARG E 225 31.91 24.34 -15.48
CA ARG E 225 33.37 24.40 -15.45
C ARG E 225 33.80 25.86 -15.49
N ASP E 226 34.76 26.22 -14.63
CA ASP E 226 35.18 27.60 -14.50
C ASP E 226 36.35 27.96 -15.43
N GLY E 227 36.57 27.17 -16.49
CA GLY E 227 37.64 27.45 -17.42
C GLY E 227 39.03 27.09 -16.95
N SER E 228 39.17 26.61 -15.72
CA SER E 228 40.45 26.18 -15.19
C SER E 228 40.25 24.85 -14.46
N GLY E 229 41.35 24.30 -13.96
CA GLY E 229 41.27 23.10 -13.14
C GLY E 229 40.83 23.33 -11.72
N LEU E 230 40.40 24.55 -11.38
CA LEU E 230 40.01 24.85 -10.02
C LEU E 230 38.75 24.09 -9.61
N THR E 231 37.77 24.04 -10.51
CA THR E 231 36.45 23.53 -10.15
C THR E 231 35.76 22.94 -11.38
N TYR E 232 35.08 21.81 -11.18
CA TYR E 232 34.21 21.27 -12.22
C TYR E 232 33.18 20.35 -11.57
N ILE E 233 31.94 20.46 -12.07
CA ILE E 233 30.79 19.72 -11.60
C ILE E 233 30.22 18.97 -12.78
N TYR E 234 30.32 17.65 -12.77
CA TYR E 234 29.92 16.83 -13.92
C TYR E 234 28.87 15.81 -13.51
N PRO E 235 27.63 15.93 -13.98
CA PRO E 235 26.60 14.95 -13.59
C PRO E 235 26.84 13.62 -14.27
N GLY E 236 26.36 12.56 -13.60
CA GLY E 236 26.52 11.21 -14.10
C GLY E 236 25.20 10.46 -14.11
N THR E 237 25.29 9.18 -14.48
CA THR E 237 24.11 8.33 -14.55
C THR E 237 23.69 7.82 -13.18
N SER E 238 24.63 7.60 -12.27
CA SER E 238 24.34 7.10 -10.94
C SER E 238 24.95 7.96 -9.84
N HIS E 239 25.45 9.13 -10.17
CA HIS E 239 26.20 9.95 -9.23
C HIS E 239 26.41 11.33 -9.84
N VAL E 240 27.17 12.16 -9.14
CA VAL E 240 27.52 13.52 -9.55
C VAL E 240 28.98 13.71 -9.17
N THR E 241 29.86 13.77 -10.17
CA THR E 241 31.31 13.84 -9.96
C THR E 241 31.70 15.29 -9.71
N LEU E 242 32.18 15.61 -8.51
CA LEU E 242 32.58 16.98 -8.17
C LEU E 242 34.09 17.00 -7.96
N GLY E 243 34.83 17.64 -8.86
CA GLY E 243 36.28 17.63 -8.78
C GLY E 243 36.92 18.98 -8.98
N GLY E 244 38.05 19.18 -8.31
CA GLY E 244 38.80 20.41 -8.46
C GLY E 244 40.27 20.34 -8.15
N THR E 245 40.86 19.15 -8.22
CA THR E 245 42.25 18.93 -7.87
C THR E 245 43.05 18.52 -9.12
N ARG E 246 44.16 19.21 -9.35
CA ARG E 246 45.08 18.90 -10.45
C ARG E 246 46.51 19.08 -9.95
N GLN E 247 46.90 18.29 -8.95
CA GLN E 247 48.22 18.40 -8.35
C GLN E 247 49.26 17.73 -9.23
N LYS E 248 50.36 18.44 -9.50
CA LYS E 248 51.42 17.94 -10.36
C LYS E 248 52.52 17.28 -9.54
N GLY E 249 53.10 16.21 -10.08
CA GLY E 249 54.20 15.51 -9.45
C GLY E 249 53.86 14.75 -8.18
N ASP E 250 52.57 14.64 -7.83
CA ASP E 250 52.16 13.92 -6.63
C ASP E 250 51.69 12.53 -7.02
N TRP E 251 52.28 11.51 -6.40
CA TRP E 251 51.91 10.12 -6.64
C TRP E 251 51.01 9.56 -5.55
N ASN E 252 50.55 10.39 -4.63
CA ASN E 252 49.70 9.91 -3.54
C ASN E 252 48.37 9.41 -4.08
N LEU E 253 47.92 8.28 -3.53
CA LEU E 253 46.62 7.71 -3.88
C LEU E 253 45.64 7.67 -2.73
N SER E 254 46.05 8.05 -1.53
CA SER E 254 45.11 8.09 -0.41
C SER E 254 44.33 9.40 -0.43
N PRO E 255 43.05 9.38 -0.07
CA PRO E 255 42.24 10.60 -0.12
C PRO E 255 42.74 11.64 0.88
N ASP E 256 42.84 12.88 0.42
CA ASP E 256 43.29 14.00 1.25
C ASP E 256 42.08 14.83 1.64
N ALA E 257 41.96 15.11 2.95
CA ALA E 257 40.77 15.81 3.45
C ALA E 257 40.80 17.28 3.07
N GLU E 258 41.98 17.89 3.03
CA GLU E 258 42.09 19.31 2.66
C GLU E 258 41.59 19.53 1.23
N ASN E 259 42.00 18.66 0.31
CA ASN E 259 41.52 18.75 -1.07
C ASN E 259 40.01 18.66 -1.12
N SER E 260 39.41 17.78 -0.32
CA SER E 260 37.95 17.65 -0.32
C SER E 260 37.28 18.89 0.25
N ARG E 261 37.85 19.47 1.30
CA ARG E 261 37.33 20.70 1.88
C ARG E 261 37.25 21.79 0.82
N GLU E 262 38.38 22.05 0.15
CA GLU E 262 38.37 23.10 -0.88
C GLU E 262 37.49 22.71 -2.06
N ILE E 263 37.44 21.42 -2.42
CA ILE E 263 36.63 20.99 -3.55
C ILE E 263 35.16 21.29 -3.29
N LEU E 264 34.67 20.94 -2.10
CA LEU E 264 33.26 21.17 -1.81
C LEU E 264 32.97 22.67 -1.65
N SER E 265 33.90 23.43 -1.07
CA SER E 265 33.65 24.87 -0.96
C SER E 265 33.63 25.55 -2.32
N ARG E 266 34.52 25.14 -3.23
CA ARG E 266 34.58 25.75 -4.55
C ARG E 266 33.40 25.30 -5.42
N CYS E 267 32.98 24.03 -5.29
CA CYS E 267 31.88 23.52 -6.10
C CYS E 267 30.53 23.99 -5.60
N CYS E 268 30.37 24.17 -4.28
CA CYS E 268 29.08 24.54 -3.73
C CYS E 268 28.73 25.98 -4.07
N ALA E 269 29.74 26.83 -4.29
CA ALA E 269 29.47 28.21 -4.65
C ALA E 269 28.88 28.32 -6.04
N LEU E 270 29.16 27.35 -6.92
CA LEU E 270 28.57 27.37 -8.26
C LEU E 270 27.06 27.19 -8.20
N GLU E 271 26.61 26.12 -7.54
CA GLU E 271 25.18 25.93 -7.31
C GLU E 271 24.97 25.64 -5.82
N PRO E 272 24.08 26.38 -5.15
CA PRO E 272 23.87 26.13 -3.72
C PRO E 272 23.07 24.87 -3.42
N SER E 273 22.44 24.28 -4.42
CA SER E 273 21.55 23.12 -4.16
C SER E 273 22.35 21.90 -3.74
N LEU E 274 23.67 21.96 -3.89
CA LEU E 274 24.53 20.78 -3.62
C LEU E 274 24.66 20.55 -2.13
N HIS E 275 24.07 21.44 -1.33
CA HIS E 275 24.17 21.34 0.14
C HIS E 275 23.16 20.32 0.64
N GLY E 276 22.30 19.85 -0.23
CA GLY E 276 21.48 18.73 0.20
C GLY E 276 21.87 17.39 -0.40
N ALA E 277 23.16 17.07 -0.38
CA ALA E 277 23.68 15.87 -1.00
C ALA E 277 23.94 14.78 0.04
N CYS E 278 24.07 13.54 -0.45
CA CYS E 278 24.29 12.38 0.41
C CYS E 278 25.29 11.44 -0.26
N ASN E 279 25.84 10.53 0.56
CA ASN E 279 26.82 9.53 0.12
C ASN E 279 28.02 10.20 -0.55
N ILE E 280 28.62 11.12 0.19
CA ILE E 280 29.83 11.81 -0.25
C ILE E 280 31.00 10.83 -0.12
N ARG E 281 31.64 10.52 -1.23
CA ARG E 281 32.77 9.60 -1.25
C ARG E 281 33.85 10.16 -2.16
N GLU E 282 35.07 10.24 -1.66
CA GLU E 282 36.19 10.84 -2.37
C GLU E 282 37.11 9.76 -2.92
N LYS E 283 37.40 9.86 -4.22
CA LYS E 283 38.29 8.95 -4.93
C LYS E 283 39.28 9.76 -5.75
N VAL E 284 40.51 9.27 -5.88
CA VAL E 284 41.58 10.02 -6.53
C VAL E 284 42.23 9.16 -7.61
N GLY E 285 42.91 9.83 -8.53
CA GLY E 285 43.62 9.15 -9.60
C GLY E 285 44.69 10.04 -10.20
N LEU E 286 45.63 9.41 -10.89
CA LEU E 286 46.77 10.11 -11.49
C LEU E 286 46.55 10.24 -12.99
N ARG E 287 46.32 11.46 -13.45
CA ARG E 287 46.27 11.73 -14.87
C ARG E 287 47.64 11.50 -15.50
N PRO E 288 47.75 10.71 -16.55
CA PRO E 288 49.06 10.47 -17.20
C PRO E 288 49.49 11.65 -18.07
N TYR E 289 49.95 12.72 -17.41
CA TYR E 289 50.30 13.94 -18.12
C TYR E 289 51.64 13.79 -18.84
N ARG E 290 51.72 14.35 -20.05
CA ARG E 290 52.89 14.30 -20.91
C ARG E 290 52.78 15.47 -21.86
N PRO E 291 53.88 16.15 -22.20
CA PRO E 291 53.76 17.32 -23.11
C PRO E 291 53.01 17.00 -24.40
N GLY E 292 53.35 15.92 -25.05
CA GLY E 292 52.61 15.48 -26.24
C GLY E 292 52.36 14.01 -26.19
N VAL E 293 51.15 13.61 -26.60
CA VAL E 293 50.84 12.20 -26.71
C VAL E 293 51.83 11.53 -27.64
N ARG E 294 52.33 10.37 -27.20
CA ARG E 294 53.34 9.62 -27.97
C ARG E 294 52.66 8.58 -28.84
N LEU E 295 52.65 8.84 -30.14
CA LEU E 295 52.17 7.87 -31.11
C LEU E 295 53.26 7.66 -32.15
N GLN E 296 54.35 7.04 -31.71
CA GLN E 296 55.49 6.73 -32.55
C GLN E 296 55.87 5.28 -32.35
N THR E 297 56.33 4.63 -33.42
CA THR E 297 56.76 3.25 -33.39
C THR E 297 58.27 3.19 -33.20
N GLU E 298 58.73 2.17 -32.47
CA GLU E 298 60.11 2.05 -32.03
C GLU E 298 60.60 0.66 -32.35
N LEU E 299 61.73 0.58 -33.07
CA LEU E 299 62.39 -0.68 -33.38
C LEU E 299 63.51 -0.85 -32.35
N LEU E 300 63.25 -1.65 -31.32
CA LEU E 300 64.20 -1.85 -30.23
C LEU E 300 64.66 -3.30 -30.24
N ALA E 301 65.97 -3.49 -30.08
CA ALA E 301 66.55 -4.82 -30.08
C ALA E 301 67.77 -4.80 -29.17
N ARG E 302 67.88 -5.82 -28.31
CA ARG E 302 68.99 -5.92 -27.37
C ARG E 302 69.99 -6.97 -27.83
N ASP E 303 70.57 -6.70 -29.01
CA ASP E 303 71.52 -7.61 -29.65
C ASP E 303 70.93 -9.00 -29.87
N GLY E 304 69.60 -9.06 -30.02
CA GLY E 304 68.89 -10.26 -30.34
C GLY E 304 68.00 -10.05 -31.55
N GLN E 305 66.86 -10.74 -31.55
CA GLN E 305 65.90 -10.56 -32.63
C GLN E 305 65.22 -9.20 -32.49
N ARG E 306 64.95 -8.58 -33.64
CA ARG E 306 64.34 -7.25 -33.66
C ARG E 306 62.97 -7.29 -32.98
N LEU E 307 62.66 -6.25 -32.21
CA LEU E 307 61.37 -6.18 -31.51
C LEU E 307 60.74 -4.83 -31.79
N PRO E 308 59.64 -4.76 -32.54
CA PRO E 308 58.97 -3.47 -32.76
C PRO E 308 57.80 -3.24 -31.83
N VAL E 309 57.74 -2.05 -31.22
CA VAL E 309 56.67 -1.67 -30.31
C VAL E 309 56.15 -0.31 -30.74
N VAL E 310 54.84 -0.19 -30.91
CA VAL E 310 54.23 1.11 -31.25
C VAL E 310 53.66 1.74 -29.98
N HIS E 311 53.96 3.01 -29.75
CA HIS E 311 53.60 3.67 -28.51
C HIS E 311 52.26 4.41 -28.63
N HIS E 312 51.48 4.38 -27.54
CA HIS E 312 50.14 4.98 -27.46
C HIS E 312 49.89 5.34 -25.99
N TYR E 313 50.51 6.42 -25.54
CA TYR E 313 50.40 6.80 -24.14
C TYR E 313 50.73 8.28 -23.98
N GLY E 314 50.48 8.78 -22.77
CA GLY E 314 50.73 10.17 -22.44
C GLY E 314 49.58 11.10 -22.68
N HIS E 315 48.34 10.60 -22.71
CA HIS E 315 47.20 11.41 -23.11
C HIS E 315 46.99 12.59 -22.18
N GLY E 316 47.09 12.37 -20.87
CA GLY E 316 46.93 13.45 -19.92
C GLY E 316 45.48 13.69 -19.55
N SER E 317 45.14 14.95 -19.32
CA SER E 317 43.80 15.33 -18.88
C SER E 317 42.81 15.47 -20.04
N GLY E 318 43.24 15.32 -21.28
CA GLY E 318 42.30 15.41 -22.38
C GLY E 318 42.35 14.20 -23.29
N GLY E 319 42.59 13.03 -22.70
CA GLY E 319 42.81 11.85 -23.51
C GLY E 319 41.52 11.24 -24.02
N ILE E 320 40.53 11.07 -23.14
CA ILE E 320 39.28 10.44 -23.54
C ILE E 320 38.57 11.28 -24.59
N SER E 321 38.83 12.58 -24.62
CA SER E 321 38.22 13.43 -25.63
C SER E 321 38.75 13.13 -27.03
N VAL E 322 39.97 12.60 -27.11
CA VAL E 322 40.62 12.32 -28.39
C VAL E 322 41.00 10.85 -28.53
N HIS E 323 40.35 9.97 -27.76
CA HIS E 323 40.81 8.59 -27.69
C HIS E 323 40.55 7.82 -28.98
N TRP E 324 39.44 8.09 -29.66
CA TRP E 324 39.18 7.40 -30.92
C TRP E 324 40.15 7.83 -32.01
N GLY E 325 40.45 9.13 -32.10
CA GLY E 325 41.42 9.60 -33.08
C GLY E 325 42.79 8.99 -32.86
N THR E 326 43.25 8.96 -31.62
CA THR E 326 44.52 8.32 -31.31
C THR E 326 44.46 6.82 -31.59
N ALA E 327 43.31 6.19 -31.40
CA ALA E 327 43.16 4.77 -31.71
C ALA E 327 43.34 4.53 -33.20
N LEU E 328 42.70 5.36 -34.03
CA LEU E 328 42.87 5.24 -35.48
C LEU E 328 44.32 5.46 -35.89
N GLU E 329 44.98 6.45 -35.27
CA GLU E 329 46.35 6.85 -35.68
C GLU E 329 47.42 5.93 -35.08
N ALA E 330 47.06 5.10 -34.11
CA ALA E 330 47.89 3.99 -33.64
C ALA E 330 47.69 2.74 -34.47
N ALA E 331 46.43 2.41 -34.78
CA ALA E 331 46.19 1.22 -35.60
C ALA E 331 46.74 1.41 -37.00
N ARG E 332 46.79 2.64 -37.50
CA ARG E 332 47.48 2.91 -38.76
C ARG E 332 48.98 2.61 -38.64
N LEU E 333 49.61 3.09 -37.57
CA LEU E 333 51.02 2.75 -37.34
C LEU E 333 51.23 1.23 -37.29
N VAL E 334 50.30 0.54 -36.64
CA VAL E 334 50.39 -0.91 -36.52
C VAL E 334 50.29 -1.58 -37.88
N SER E 335 49.33 -1.13 -38.69
CA SER E 335 49.16 -1.70 -40.02
C SER E 335 50.37 -1.45 -40.90
N GLU E 336 51.01 -0.28 -40.73
CA GLU E 336 52.28 -0.04 -41.40
C GLU E 336 53.32 -1.09 -41.02
N CYS E 337 53.51 -1.30 -39.71
CA CYS E 337 54.48 -2.30 -39.27
C CYS E 337 54.10 -3.71 -39.72
N VAL E 338 52.81 -3.99 -39.86
CA VAL E 338 52.37 -5.33 -40.26
C VAL E 338 52.67 -5.58 -41.73
N HIS E 339 52.22 -4.67 -42.60
CA HIS E 339 52.51 -4.78 -44.02
C HIS E 339 54.00 -4.74 -44.29
N ALA E 340 54.79 -4.15 -43.39
CA ALA E 340 56.25 -4.23 -43.54
C ALA E 340 56.76 -5.65 -43.30
N LEU E 341 56.05 -6.45 -42.51
CA LEU E 341 56.47 -7.83 -42.27
C LEU E 341 55.87 -8.82 -43.26
N ARG E 342 54.75 -8.49 -43.90
CA ARG E 342 54.22 -9.40 -44.91
C ARG E 342 54.99 -9.32 -46.22
N THR E 343 55.62 -8.18 -46.52
CA THR E 343 56.40 -8.02 -47.75
C THR E 343 57.87 -7.86 -47.39
N PRO E 344 58.77 -8.69 -47.94
CA PRO E 344 60.20 -8.61 -47.62
C PRO E 344 60.87 -7.36 -48.18
N THR F 12 -9.52 40.25 11.92
CA THR F 12 -8.99 38.95 11.53
C THR F 12 -9.94 38.22 10.60
N ALA F 13 -9.50 38.00 9.37
CA ALA F 13 -10.34 37.33 8.37
C ALA F 13 -10.22 35.82 8.51
N ARG F 14 -11.35 35.14 8.37
CA ARG F 14 -11.46 33.68 8.51
C ARG F 14 -11.59 33.08 7.12
N ILE F 15 -10.46 32.98 6.43
CA ILE F 15 -10.41 32.54 5.04
C ILE F 15 -10.26 31.03 4.97
N ALA F 16 -10.44 30.47 3.77
CA ALA F 16 -10.38 29.01 3.53
C ALA F 16 -10.14 28.73 2.04
N VAL F 17 -9.27 27.77 1.72
CA VAL F 17 -8.98 27.39 0.31
C VAL F 17 -9.36 25.93 0.11
N VAL F 18 -10.12 25.61 -0.94
CA VAL F 18 -10.63 24.21 -1.11
C VAL F 18 -9.78 23.43 -2.11
N GLY F 19 -8.63 23.96 -2.51
CA GLY F 19 -7.75 23.20 -3.42
C GLY F 19 -6.43 22.77 -2.78
N ALA F 20 -6.10 21.48 -2.85
CA ALA F 20 -4.80 20.98 -2.35
C ALA F 20 -3.82 20.86 -3.51
N GLY F 21 -4.25 21.23 -4.71
CA GLY F 21 -3.38 21.13 -5.90
C GLY F 21 -2.38 22.26 -5.98
N VAL F 22 -1.41 22.15 -6.89
CA VAL F 22 -0.36 23.19 -7.05
C VAL F 22 -0.97 24.59 -6.94
N VAL F 23 -2.07 24.85 -7.63
CA VAL F 23 -2.67 26.18 -7.58
C VAL F 23 -3.39 26.39 -6.26
N GLY F 24 -3.99 25.34 -5.68
CA GLY F 24 -4.69 25.50 -4.42
C GLY F 24 -3.75 25.85 -3.28
N LEU F 25 -2.54 25.29 -3.29
CA LEU F 25 -1.58 25.61 -2.24
C LEU F 25 -0.85 26.92 -2.54
N SER F 26 -0.46 27.15 -3.81
CA SER F 26 0.21 28.40 -4.15
C SER F 26 -0.70 29.60 -3.95
N THR F 27 -2.01 29.43 -4.15
CA THR F 27 -2.95 30.51 -3.91
C THR F 27 -2.95 30.91 -2.45
N ALA F 28 -3.04 29.93 -1.55
CA ALA F 28 -2.97 30.25 -0.12
C ALA F 28 -1.63 30.81 0.27
N VAL F 29 -0.55 30.38 -0.41
CA VAL F 29 0.77 30.93 -0.13
C VAL F 29 0.80 32.43 -0.44
N CYS F 30 0.28 32.82 -1.61
CA CYS F 30 0.22 34.24 -1.94
C CYS F 30 -0.80 34.99 -1.10
N ILE F 31 -1.86 34.30 -0.67
CA ILE F 31 -2.86 34.94 0.20
C ILE F 31 -2.22 35.30 1.53
N SER F 32 -1.42 34.39 2.09
CA SER F 32 -0.76 34.64 3.36
C SER F 32 0.04 35.94 3.35
N LYS F 33 0.48 36.38 2.18
CA LYS F 33 1.22 37.64 2.06
C LYS F 33 0.36 38.81 1.60
N LEU F 34 -0.79 38.58 0.97
CA LEU F 34 -1.57 39.70 0.45
C LEU F 34 -2.81 40.04 1.28
N VAL F 35 -3.01 39.43 2.44
CA VAL F 35 -4.11 39.79 3.34
C VAL F 35 -3.51 40.17 4.69
N PRO F 36 -3.93 41.30 5.29
CA PRO F 36 -3.29 41.76 6.53
C PRO F 36 -3.48 40.82 7.72
N ARG F 37 -4.72 40.39 7.95
CA ARG F 37 -5.04 39.50 9.06
C ARG F 37 -5.80 38.31 8.51
N CYS F 38 -5.27 37.10 8.71
CA CYS F 38 -5.78 35.93 8.03
C CYS F 38 -5.85 34.73 8.96
N SER F 39 -6.65 33.76 8.55
CA SER F 39 -6.74 32.47 9.22
C SER F 39 -6.98 31.38 8.17
N VAL F 40 -6.14 31.38 7.13
CA VAL F 40 -6.36 30.50 5.98
C VAL F 40 -6.21 29.04 6.40
N THR F 41 -7.18 28.22 6.00
CA THR F 41 -7.18 26.79 6.26
C THR F 41 -7.39 26.04 4.95
N ILE F 42 -6.60 25.00 4.74
CA ILE F 42 -6.66 24.21 3.51
C ILE F 42 -7.59 23.02 3.74
N ILE F 43 -8.51 22.81 2.80
CA ILE F 43 -9.44 21.69 2.84
C ILE F 43 -9.42 21.01 1.49
N SER F 44 -9.44 19.68 1.50
CA SER F 44 -9.42 18.96 0.23
C SER F 44 -9.73 17.48 0.47
N ASP F 45 -10.21 16.84 -0.60
CA ASP F 45 -10.44 15.40 -0.61
C ASP F 45 -9.14 14.61 -0.80
N LYS F 46 -8.14 15.19 -1.45
CA LYS F 46 -6.87 14.55 -1.73
C LYS F 46 -5.73 15.50 -1.37
N PHE F 47 -4.51 15.00 -1.38
CA PHE F 47 -3.36 15.79 -0.92
C PHE F 47 -2.12 15.35 -1.69
N THR F 48 -0.96 15.79 -1.21
CA THR F 48 0.30 15.55 -1.93
C THR F 48 0.54 14.11 -2.36
N PRO F 49 0.14 13.06 -1.62
CA PRO F 49 0.37 11.72 -2.17
C PRO F 49 -0.33 11.48 -3.50
N ASP F 50 -1.53 12.03 -3.69
CA ASP F 50 -2.32 11.77 -4.91
C ASP F 50 -3.10 13.02 -5.29
N THR F 51 -2.58 13.81 -6.23
CA THR F 51 -3.38 14.79 -6.97
C THR F 51 -2.97 14.72 -8.43
N THR F 52 -3.80 15.30 -9.30
CA THR F 52 -3.44 15.40 -10.71
C THR F 52 -2.32 16.41 -10.95
N SER F 53 -1.87 17.12 -9.92
CA SER F 53 -0.69 17.97 -10.01
C SER F 53 0.58 17.20 -9.70
N ASP F 54 0.52 16.25 -8.77
CA ASP F 54 1.68 15.39 -8.51
C ASP F 54 1.89 14.41 -9.66
N VAL F 55 0.80 13.83 -10.18
CA VAL F 55 0.89 12.92 -11.31
C VAL F 55 1.38 13.64 -12.57
N ALA F 56 1.27 14.96 -12.61
CA ALA F 56 1.74 15.73 -13.76
C ALA F 56 3.23 15.53 -13.97
N ALA F 57 3.65 15.69 -15.22
CA ALA F 57 5.05 15.47 -15.58
C ALA F 57 5.96 16.46 -14.86
N GLY F 58 5.53 17.70 -14.73
CA GLY F 58 6.28 18.70 -14.00
C GLY F 58 7.08 19.68 -14.82
N MET F 59 6.90 19.69 -16.15
CA MET F 59 7.67 20.57 -16.99
C MET F 59 7.09 21.98 -17.00
N LEU F 60 7.95 22.95 -17.28
CA LEU F 60 7.56 24.35 -17.30
C LEU F 60 7.49 24.83 -18.74
N ILE F 61 6.72 24.14 -19.56
CA ILE F 61 6.46 24.48 -20.95
C ILE F 61 5.02 24.97 -21.04
N PRO F 62 4.79 26.26 -21.34
CA PRO F 62 3.42 26.77 -21.28
C PRO F 62 2.59 26.36 -22.48
N HIS F 63 1.31 26.11 -22.23
CA HIS F 63 0.34 25.88 -23.28
C HIS F 63 -0.39 27.17 -23.58
N THR F 64 -0.56 27.49 -24.86
CA THR F 64 -1.21 28.73 -25.25
C THR F 64 -2.68 28.71 -24.82
N TYR F 65 -3.06 29.67 -24.00
CA TYR F 65 -4.44 29.77 -23.54
C TYR F 65 -5.26 30.51 -24.58
N PRO F 66 -6.30 29.89 -25.15
CA PRO F 66 -7.05 30.55 -26.23
C PRO F 66 -7.83 31.75 -25.74
N ASP F 67 -8.55 31.60 -24.62
CA ASP F 67 -9.39 32.69 -24.13
C ASP F 67 -8.57 33.73 -23.38
N THR F 68 -7.63 33.30 -22.55
CA THR F 68 -6.81 34.23 -21.80
C THR F 68 -5.91 35.04 -22.74
N PRO F 69 -5.87 36.36 -22.61
CA PRO F 69 -5.03 37.16 -23.51
C PRO F 69 -3.56 36.79 -23.41
N ILE F 70 -2.83 37.05 -24.50
CA ILE F 70 -1.45 36.61 -24.58
C ILE F 70 -0.54 37.47 -23.71
N HIS F 71 -0.79 38.78 -23.64
CA HIS F 71 0.05 39.64 -22.80
C HIS F 71 -0.11 39.31 -21.32
N THR F 72 -1.35 39.12 -20.86
CA THR F 72 -1.57 38.73 -19.46
C THR F 72 -1.00 37.35 -19.17
N GLN F 73 -1.17 36.41 -20.09
CA GLN F 73 -0.65 35.05 -19.89
C GLN F 73 0.87 35.04 -19.86
N LYS F 74 1.51 35.86 -20.70
CA LYS F 74 2.96 35.95 -20.69
C LYS F 74 3.47 36.61 -19.41
N GLN F 75 2.74 37.60 -18.89
CA GLN F 75 3.09 38.18 -17.60
C GLN F 75 3.02 37.11 -16.50
N TRP F 76 1.93 36.32 -16.49
CA TRP F 76 1.81 35.18 -15.59
C TRP F 76 3.02 34.26 -15.71
N PHE F 77 3.40 33.94 -16.95
CA PHE F 77 4.49 33.01 -17.21
C PHE F 77 5.80 33.51 -16.63
N ARG F 78 6.14 34.77 -16.88
CA ARG F 78 7.40 35.28 -16.36
C ARG F 78 7.40 35.31 -14.85
N GLU F 79 6.26 35.66 -14.24
CA GLU F 79 6.16 35.56 -12.78
C GLU F 79 6.55 34.17 -12.30
N THR F 80 5.93 33.13 -12.87
CA THR F 80 6.18 31.76 -12.41
C THR F 80 7.63 31.33 -12.67
N PHE F 81 8.16 31.63 -13.86
CA PHE F 81 9.51 31.21 -14.20
C PHE F 81 10.53 31.85 -13.28
N ASN F 82 10.47 33.17 -13.12
CA ASN F 82 11.43 33.84 -12.26
C ASN F 82 11.22 33.52 -10.78
N HIS F 83 10.04 33.02 -10.41
CA HIS F 83 9.87 32.56 -9.04
C HIS F 83 10.56 31.22 -8.80
N LEU F 84 10.38 30.27 -9.72
CA LEU F 84 11.04 28.98 -9.51
C LEU F 84 12.53 29.02 -9.83
N PHE F 85 13.02 30.04 -10.54
CA PHE F 85 14.45 30.10 -10.85
C PHE F 85 15.27 30.24 -9.56
N ALA F 86 14.89 31.20 -8.71
CA ALA F 86 15.58 31.39 -7.44
C ALA F 86 15.48 30.17 -6.55
N ILE F 87 14.38 29.43 -6.62
CA ILE F 87 14.25 28.19 -5.86
C ILE F 87 15.19 27.12 -6.42
N ALA F 88 15.33 27.07 -7.75
CA ALA F 88 16.27 26.14 -8.36
C ALA F 88 17.70 26.45 -7.95
N ASN F 89 17.99 27.72 -7.68
CA ASN F 89 19.31 28.00 -7.11
C ASN F 89 19.36 27.77 -5.60
N SER F 90 18.34 28.16 -4.85
CA SER F 90 18.40 28.05 -3.40
C SER F 90 18.65 26.60 -2.99
N ALA F 91 19.30 26.45 -1.83
CA ALA F 91 19.64 25.13 -1.30
C ALA F 91 18.41 24.27 -0.99
N GLU F 92 17.22 24.87 -0.97
CA GLU F 92 15.98 24.13 -0.77
C GLU F 92 15.58 23.31 -1.97
N ALA F 93 16.38 23.31 -3.05
CA ALA F 93 16.02 22.55 -4.24
C ALA F 93 15.99 21.06 -3.97
N GLY F 94 16.76 20.59 -2.99
CA GLY F 94 16.68 19.20 -2.59
C GLY F 94 15.36 18.81 -1.97
N ASP F 95 14.63 19.79 -1.43
CA ASP F 95 13.30 19.58 -0.87
C ASP F 95 12.19 20.02 -1.80
N ALA F 96 12.35 21.18 -2.45
CA ALA F 96 11.32 21.71 -3.33
C ALA F 96 11.26 21.01 -4.68
N GLY F 97 12.27 20.21 -5.03
CA GLY F 97 12.24 19.48 -6.28
C GLY F 97 12.25 20.33 -7.53
N VAL F 98 12.70 21.58 -7.43
CA VAL F 98 12.80 22.46 -8.58
C VAL F 98 14.24 22.41 -9.10
N HIS F 99 14.41 22.03 -10.35
CA HIS F 99 15.74 21.95 -10.92
C HIS F 99 15.70 22.35 -12.40
N LEU F 100 16.85 22.81 -12.89
CA LEU F 100 16.98 23.23 -14.28
C LEU F 100 17.12 22.02 -15.19
N VAL F 101 16.44 22.06 -16.34
CA VAL F 101 16.54 21.02 -17.35
C VAL F 101 16.72 21.68 -18.71
N SER F 102 17.40 20.97 -19.61
CA SER F 102 17.64 21.46 -20.96
C SER F 102 17.07 20.46 -21.96
N GLY F 103 16.99 20.90 -23.21
CA GLY F 103 16.52 19.90 -24.16
C GLY F 103 16.11 20.53 -25.48
N TRP F 104 15.20 19.84 -26.15
CA TRP F 104 14.77 20.27 -27.48
C TRP F 104 13.27 20.04 -27.71
N GLN F 105 12.63 21.10 -28.20
CA GLN F 105 11.26 21.03 -28.72
C GLN F 105 11.36 20.95 -30.24
N ILE F 106 11.12 19.76 -30.77
CA ILE F 106 11.25 19.46 -32.18
C ILE F 106 9.97 19.91 -32.87
N PHE F 107 9.94 19.80 -34.20
CA PHE F 107 8.78 20.09 -35.04
C PHE F 107 8.84 19.19 -36.27
N GLN F 108 7.82 18.33 -36.41
CA GLN F 108 7.64 17.50 -37.61
C GLN F 108 7.51 18.31 -38.87
N SER F 109 7.13 19.59 -38.75
CA SER F 109 7.13 20.52 -39.86
C SER F 109 7.38 21.91 -39.29
N THR F 110 8.19 22.69 -39.99
CA THR F 110 8.56 24.01 -39.50
C THR F 110 7.32 24.89 -39.43
N PRO F 111 6.98 25.44 -38.27
CA PRO F 111 5.77 26.26 -38.16
C PRO F 111 5.95 27.61 -38.82
N THR F 112 4.83 28.33 -38.93
CA THR F 112 4.88 29.68 -39.50
C THR F 112 5.69 30.62 -38.60
N GLU F 113 5.45 30.56 -37.30
CA GLU F 113 6.17 31.38 -36.32
C GLU F 113 7.16 30.47 -35.59
N GLU F 114 8.43 30.56 -35.99
CA GLU F 114 9.44 29.67 -35.43
C GLU F 114 9.67 29.95 -33.95
N VAL F 115 9.65 31.22 -33.56
CA VAL F 115 9.89 31.63 -32.18
C VAL F 115 8.56 32.03 -31.55
N PRO F 116 8.17 31.44 -30.42
CA PRO F 116 6.84 31.73 -29.85
C PRO F 116 6.86 32.92 -28.89
N PHE F 117 5.79 33.04 -28.09
CA PHE F 117 5.66 34.18 -27.20
C PHE F 117 6.42 34.00 -25.89
N TRP F 118 6.60 32.75 -25.45
CA TRP F 118 7.24 32.48 -24.17
C TRP F 118 8.76 32.32 -24.29
N ALA F 119 9.31 32.52 -25.49
CA ALA F 119 10.75 32.39 -25.66
C ALA F 119 11.52 33.56 -25.05
N ASP F 120 10.84 34.66 -24.74
CA ASP F 120 11.54 35.85 -24.24
C ASP F 120 12.09 35.65 -22.84
N VAL F 121 11.39 34.88 -21.99
CA VAL F 121 11.80 34.73 -20.61
C VAL F 121 12.51 33.40 -20.34
N VAL F 122 12.40 32.43 -21.23
CA VAL F 122 13.09 31.15 -21.01
C VAL F 122 14.58 31.34 -21.28
N LEU F 123 15.38 30.47 -20.69
CA LEU F 123 16.83 30.60 -20.75
C LEU F 123 17.38 29.96 -22.03
N GLY F 124 18.15 30.74 -22.78
CA GLY F 124 18.87 30.24 -23.94
C GLY F 124 18.00 29.63 -25.00
N PHE F 125 16.95 30.33 -25.42
CA PHE F 125 16.10 29.83 -26.48
C PHE F 125 16.83 29.96 -27.82
N ARG F 126 16.89 28.86 -28.57
CA ARG F 126 17.72 28.82 -29.76
C ARG F 126 17.16 27.77 -30.72
N LYS F 127 17.46 27.97 -32.01
CA LYS F 127 17.14 27.00 -33.04
C LYS F 127 18.31 26.05 -33.22
N MET F 128 18.02 24.76 -33.38
CA MET F 128 19.07 23.76 -33.45
C MET F 128 19.88 23.91 -34.72
N THR F 129 21.19 23.65 -34.62
CA THR F 129 22.03 23.62 -35.80
C THR F 129 21.77 22.34 -36.59
N GLU F 130 22.37 22.26 -37.78
CA GLU F 130 22.17 21.10 -38.64
C GLU F 130 22.65 19.82 -37.96
N ALA F 131 23.77 19.91 -37.24
CA ALA F 131 24.25 18.74 -36.50
C ALA F 131 23.29 18.39 -35.36
N GLU F 132 22.71 19.42 -34.72
CA GLU F 132 21.73 19.17 -33.66
C GLU F 132 20.45 18.56 -34.22
N LEU F 133 19.96 19.11 -35.34
CA LEU F 133 18.74 18.60 -35.99
C LEU F 133 18.90 17.19 -36.53
N LYS F 134 20.08 16.57 -36.40
CA LYS F 134 20.33 15.23 -36.93
C LYS F 134 20.30 14.14 -35.86
N LYS F 135 20.13 14.51 -34.60
CA LYS F 135 19.89 13.46 -33.57
C LYS F 135 18.59 12.77 -33.95
N PHE F 136 17.59 13.55 -34.31
CA PHE F 136 16.28 13.04 -34.69
C PHE F 136 16.06 13.29 -36.18
N PRO F 137 16.27 12.28 -37.04
CA PRO F 137 16.17 12.52 -38.48
C PRO F 137 14.76 12.42 -39.05
N GLN F 138 13.77 12.02 -38.25
CA GLN F 138 12.39 12.01 -38.72
C GLN F 138 11.76 13.39 -38.77
N TYR F 139 12.45 14.42 -38.31
CA TYR F 139 11.87 15.74 -38.13
C TYR F 139 12.52 16.76 -39.05
N VAL F 140 11.95 17.97 -39.03
CA VAL F 140 12.30 19.06 -39.99
C VAL F 140 12.89 20.24 -39.21
N PHE F 141 12.19 20.73 -38.19
CA PHE F 141 12.66 21.91 -37.43
C PHE F 141 12.52 21.67 -35.93
N GLY F 142 13.30 22.39 -35.13
CA GLY F 142 13.17 22.29 -33.67
C GLY F 142 13.70 23.53 -32.97
N GLN F 143 13.28 23.75 -31.73
CA GLN F 143 13.79 24.88 -30.92
C GLN F 143 14.46 24.31 -29.67
N ALA F 144 15.68 24.71 -29.38
CA ALA F 144 16.40 24.19 -28.20
C ALA F 144 16.41 25.27 -27.11
N PHE F 145 16.04 24.90 -25.88
CA PHE F 145 15.95 25.90 -24.79
C PHE F 145 16.17 25.22 -23.43
N THR F 146 16.46 25.99 -22.39
CA THR F 146 16.60 25.43 -21.03
C THR F 146 15.50 26.00 -20.12
N THR F 147 14.67 25.14 -19.53
CA THR F 147 13.55 25.57 -18.67
C THR F 147 13.74 25.00 -17.27
N LEU F 148 12.68 24.88 -16.49
CA LEU F 148 12.78 24.36 -15.10
C LEU F 148 11.77 23.22 -14.96
N LYS F 149 12.04 22.23 -14.10
CA LYS F 149 11.04 21.16 -13.85
C LYS F 149 10.74 21.04 -12.35
N TYR F 150 9.47 20.81 -12.01
CA TYR F 150 9.07 20.68 -10.59
C TYR F 150 8.55 19.28 -10.33
N GLU F 151 9.09 18.61 -9.32
CA GLU F 151 8.59 17.26 -8.95
C GLU F 151 7.44 17.46 -7.97
N GLY F 152 6.26 16.97 -8.33
CA GLY F 152 5.07 17.18 -7.49
C GLY F 152 5.16 16.53 -6.12
N PRO F 153 5.61 15.26 -6.02
CA PRO F 153 5.61 14.58 -4.73
C PRO F 153 6.60 15.26 -3.80
N ALA F 154 7.43 16.15 -4.33
CA ALA F 154 8.39 16.89 -3.53
C ALA F 154 8.03 18.35 -3.38
N TYR F 155 7.63 19.00 -4.48
CA TYR F 155 7.31 20.42 -4.43
C TYR F 155 6.07 20.69 -3.60
N LEU F 156 5.05 19.84 -3.71
CA LEU F 156 3.83 20.13 -2.97
C LEU F 156 4.02 19.95 -1.46
N PRO F 157 4.75 18.93 -0.99
CA PRO F 157 5.03 18.86 0.45
C PRO F 157 5.83 20.04 0.96
N TRP F 158 6.77 20.56 0.16
CA TRP F 158 7.53 21.73 0.58
C TRP F 158 6.63 22.95 0.67
N LEU F 159 5.71 23.11 -0.29
CA LEU F 159 4.72 24.19 -0.20
C LEU F 159 3.86 24.05 1.05
N GLU F 160 3.46 22.82 1.39
CA GLU F 160 2.71 22.63 2.62
C GLU F 160 3.52 23.01 3.84
N LYS F 161 4.82 22.69 3.85
CA LYS F 161 5.65 23.10 4.99
C LYS F 161 5.77 24.61 5.09
N ARG F 162 5.79 25.32 3.96
CA ARG F 162 5.71 26.77 4.02
C ARG F 162 4.37 27.24 4.59
N ILE F 163 3.29 26.51 4.32
CA ILE F 163 1.99 26.92 4.86
C ILE F 163 1.89 26.62 6.36
N LYS F 164 2.40 25.46 6.79
CA LYS F 164 2.35 25.10 8.21
C LYS F 164 3.00 26.15 9.10
N GLY F 165 4.06 26.79 8.62
CA GLY F 165 4.72 27.83 9.37
C GLY F 165 4.00 29.16 9.42
N SER F 166 2.84 29.28 8.76
CA SER F 166 2.12 30.54 8.68
C SER F 166 0.62 30.27 8.85
N GLY F 167 0.24 29.82 10.05
CA GLY F 167 -1.15 29.65 10.42
C GLY F 167 -2.01 28.89 9.44
N GLY F 168 -1.57 27.69 9.07
CA GLY F 168 -2.34 26.88 8.14
C GLY F 168 -2.39 25.42 8.52
N TRP F 169 -3.58 24.82 8.44
CA TRP F 169 -3.75 23.40 8.68
C TRP F 169 -4.60 22.79 7.58
N THR F 170 -4.42 21.49 7.36
CA THR F 170 -5.05 20.77 6.27
C THR F 170 -6.16 19.88 6.81
N LEU F 171 -7.31 19.89 6.12
CA LEU F 171 -8.46 19.09 6.49
C LEU F 171 -8.77 18.12 5.36
N THR F 172 -8.89 16.83 5.69
CA THR F 172 -9.18 15.78 4.71
C THR F 172 -10.69 15.54 4.73
N ARG F 173 -11.42 16.37 3.99
CA ARG F 173 -12.86 16.20 3.89
C ARG F 173 -13.30 16.45 2.46
N ARG F 174 -14.40 15.80 2.08
CA ARG F 174 -15.05 16.02 0.79
C ARG F 174 -16.07 17.14 0.97
N ILE F 175 -15.85 18.27 0.30
CA ILE F 175 -16.76 19.40 0.38
C ILE F 175 -17.77 19.25 -0.75
N GLU F 176 -18.94 18.69 -0.42
CA GLU F 176 -19.93 18.41 -1.45
C GLU F 176 -20.46 19.68 -2.09
N ASP F 177 -20.65 20.73 -1.31
CA ASP F 177 -21.06 22.02 -1.84
C ASP F 177 -20.49 23.13 -0.97
N LEU F 178 -20.53 24.35 -1.49
CA LEU F 178 -19.86 25.48 -0.85
C LEU F 178 -20.70 26.13 0.23
N TRP F 179 -21.95 25.72 0.42
CA TRP F 179 -22.78 26.29 1.47
C TRP F 179 -22.50 25.68 2.84
N GLU F 180 -21.56 24.74 2.94
CA GLU F 180 -21.19 24.18 4.23
C GLU F 180 -20.37 25.16 5.06
N LEU F 181 -19.70 26.10 4.41
CA LEU F 181 -18.74 26.98 5.08
C LEU F 181 -19.27 28.39 5.30
N HIS F 182 -20.60 28.57 5.25
CA HIS F 182 -21.16 29.92 5.37
C HIS F 182 -20.99 30.48 6.78
N PRO F 183 -21.45 29.82 7.85
CA PRO F 183 -21.31 30.42 9.18
C PRO F 183 -19.92 30.26 9.79
N SER F 184 -19.08 29.41 9.22
CA SER F 184 -17.77 29.12 9.79
C SER F 184 -16.63 29.89 9.13
N PHE F 185 -16.70 30.12 7.82
CA PHE F 185 -15.64 30.79 7.09
C PHE F 185 -16.14 32.10 6.51
N ASP F 186 -15.25 33.10 6.47
CA ASP F 186 -15.63 34.42 5.97
C ASP F 186 -15.60 34.45 4.44
N ILE F 187 -14.51 33.97 3.84
CA ILE F 187 -14.38 33.88 2.39
C ILE F 187 -13.89 32.48 2.05
N VAL F 188 -14.43 31.91 0.97
CA VAL F 188 -14.03 30.59 0.48
C VAL F 188 -13.39 30.76 -0.89
N VAL F 189 -12.21 30.19 -1.05
CA VAL F 189 -11.46 30.23 -2.30
C VAL F 189 -11.52 28.83 -2.92
N ASN F 190 -12.17 28.72 -4.07
CA ASN F 190 -12.42 27.42 -4.71
C ASN F 190 -11.30 27.16 -5.72
N CYS F 191 -10.39 26.27 -5.38
CA CYS F 191 -9.32 25.84 -6.28
C CYS F 191 -9.46 24.34 -6.53
N SER F 192 -10.65 23.89 -6.89
CA SER F 192 -10.96 22.47 -7.01
C SER F 192 -10.56 21.87 -8.34
N GLY F 193 -10.18 22.68 -9.33
CA GLY F 193 -9.78 22.17 -10.62
C GLY F 193 -10.90 21.42 -11.33
N LEU F 194 -10.79 20.09 -11.35
CA LEU F 194 -11.82 19.29 -11.99
C LEU F 194 -13.01 19.04 -11.07
N GLY F 195 -12.78 18.98 -9.76
CA GLY F 195 -13.88 18.84 -8.82
C GLY F 195 -14.81 20.03 -8.78
N SER F 196 -14.46 21.13 -9.44
CA SER F 196 -15.30 22.31 -9.46
C SER F 196 -16.56 22.13 -10.30
N ARG F 197 -16.62 21.07 -11.12
CA ARG F 197 -17.82 20.82 -11.91
C ARG F 197 -19.04 20.66 -11.02
N GLN F 198 -18.92 19.89 -9.94
CA GLN F 198 -20.04 19.65 -9.06
C GLN F 198 -20.28 20.83 -8.12
N LEU F 199 -19.20 21.39 -7.57
CA LEU F 199 -19.34 22.42 -6.55
C LEU F 199 -19.78 23.74 -7.15
N ALA F 200 -19.04 24.23 -8.14
CA ALA F 200 -19.39 25.50 -8.77
C ALA F 200 -20.59 25.36 -9.69
N GLY F 201 -20.77 24.20 -10.31
CA GLY F 201 -21.77 24.02 -11.33
C GLY F 201 -21.33 24.41 -12.72
N ASP F 202 -20.03 24.65 -12.92
CA ASP F 202 -19.53 25.08 -14.22
C ASP F 202 -19.63 23.92 -15.22
N SER F 203 -20.11 24.23 -16.42
CA SER F 203 -20.29 23.24 -17.47
C SER F 203 -19.25 23.32 -18.57
N LYS F 204 -18.37 24.32 -18.54
CA LYS F 204 -17.32 24.47 -19.53
C LYS F 204 -16.03 23.77 -19.11
N ILE F 205 -15.99 23.18 -17.92
CA ILE F 205 -14.81 22.49 -17.42
C ILE F 205 -14.96 21.00 -17.74
N PHE F 206 -14.20 20.51 -18.71
CA PHE F 206 -14.30 19.11 -19.04
C PHE F 206 -12.94 18.44 -18.98
N PRO F 207 -12.86 17.25 -18.38
CA PRO F 207 -11.56 16.61 -18.18
C PRO F 207 -10.96 16.13 -19.49
N VAL F 208 -9.64 16.23 -19.60
CA VAL F 208 -8.91 15.70 -20.75
C VAL F 208 -7.94 14.65 -20.22
N ARG F 209 -8.13 13.40 -20.64
CA ARG F 209 -7.29 12.31 -20.14
C ARG F 209 -5.85 12.47 -20.60
N GLY F 210 -4.93 12.14 -19.70
CA GLY F 210 -3.51 12.10 -20.03
C GLY F 210 -2.85 10.94 -19.32
N GLN F 211 -2.46 9.93 -20.08
CA GLN F 211 -1.84 8.73 -19.55
C GLN F 211 -0.34 8.81 -19.78
N VAL F 212 0.44 8.48 -18.75
CA VAL F 212 1.89 8.58 -18.84
C VAL F 212 2.51 7.33 -18.25
N LEU F 213 3.76 7.07 -18.64
CA LEU F 213 4.52 5.94 -18.17
C LEU F 213 5.75 6.46 -17.44
N GLN F 214 5.87 6.12 -16.16
CA GLN F 214 6.98 6.55 -15.32
C GLN F 214 8.04 5.45 -15.25
N VAL F 215 8.56 5.08 -16.42
CA VAL F 215 9.72 4.21 -16.45
C VAL F 215 10.95 4.99 -16.03
N GLN F 216 12.02 4.26 -15.68
CA GLN F 216 13.25 4.89 -15.21
C GLN F 216 14.40 4.49 -16.12
N ALA F 217 15.04 5.50 -16.72
CA ALA F 217 16.24 5.33 -17.53
C ALA F 217 17.18 6.50 -17.23
N PRO F 218 18.30 6.26 -16.55
CA PRO F 218 19.11 7.39 -16.06
C PRO F 218 19.81 8.18 -17.16
N TRP F 219 20.16 7.56 -18.29
CA TRP F 219 20.94 8.24 -19.31
C TRP F 219 20.20 9.41 -19.94
N VAL F 220 18.89 9.53 -19.74
CA VAL F 220 18.10 10.59 -20.33
C VAL F 220 18.29 11.86 -19.52
N GLU F 221 19.06 12.81 -20.06
CA GLU F 221 19.36 14.06 -19.36
C GLU F 221 18.69 15.27 -20.00
N HIS F 222 17.88 15.08 -21.04
CA HIS F 222 17.25 16.19 -21.75
C HIS F 222 15.77 15.91 -21.93
N PHE F 223 15.04 16.94 -22.36
CA PHE F 223 13.62 16.79 -22.72
C PHE F 223 13.41 16.80 -24.24
N ILE F 224 12.41 16.05 -24.72
CA ILE F 224 12.08 16.06 -26.18
C ILE F 224 10.58 16.32 -26.35
N ARG F 225 10.21 17.32 -27.14
CA ARG F 225 8.78 17.59 -27.45
C ARG F 225 8.65 17.80 -28.96
N ASP F 226 7.61 17.25 -29.59
CA ASP F 226 7.50 17.32 -31.07
C ASP F 226 6.55 18.45 -31.45
N GLY F 227 6.40 19.44 -30.57
CA GLY F 227 5.41 20.51 -30.81
C GLY F 227 4.03 20.01 -30.45
N SER F 228 3.59 18.91 -31.06
CA SER F 228 2.30 18.31 -30.68
C SER F 228 2.48 17.68 -29.30
N GLY F 229 1.50 17.83 -28.42
CA GLY F 229 1.63 17.30 -27.06
C GLY F 229 1.43 15.81 -27.04
N LEU F 230 1.23 15.23 -28.22
CA LEU F 230 0.90 13.82 -28.32
C LEU F 230 2.10 12.92 -28.09
N THR F 231 3.32 13.46 -28.05
CA THR F 231 4.50 12.66 -27.78
C THR F 231 5.50 13.51 -27.03
N TYR F 232 5.94 13.04 -25.86
CA TYR F 232 6.86 13.81 -25.04
C TYR F 232 7.72 12.87 -24.20
N ILE F 233 8.95 13.31 -23.96
CA ILE F 233 9.94 12.59 -23.16
C ILE F 233 10.56 13.59 -22.19
N TYR F 234 10.19 13.50 -20.93
CA TYR F 234 10.62 14.46 -19.91
C TYR F 234 11.49 13.74 -18.90
N PRO F 235 12.75 14.11 -18.73
CA PRO F 235 13.57 13.46 -17.70
C PRO F 235 13.11 13.81 -16.30
N GLY F 236 13.84 13.40 -15.28
CA GLY F 236 13.45 13.72 -13.92
C GLY F 236 14.51 13.24 -12.95
N THR F 237 14.33 13.61 -11.69
CA THR F 237 15.25 13.18 -10.64
C THR F 237 14.89 11.82 -10.06
N SER F 238 13.61 11.45 -10.08
CA SER F 238 13.18 10.14 -9.61
C SER F 238 13.05 9.18 -10.77
N HIS F 239 12.02 9.38 -11.60
CA HIS F 239 11.79 8.59 -12.80
C HIS F 239 11.97 9.46 -14.04
N VAL F 240 11.74 8.85 -15.19
CA VAL F 240 11.73 9.52 -16.49
C VAL F 240 10.32 9.41 -17.05
N THR F 241 9.64 10.54 -17.14
CA THR F 241 8.24 10.61 -17.56
C THR F 241 8.16 10.54 -19.08
N LEU F 242 7.68 9.42 -19.60
CA LEU F 242 7.55 9.22 -21.04
C LEU F 242 6.13 8.81 -21.42
N GLY F 243 5.44 9.69 -22.13
CA GLY F 243 4.07 9.41 -22.55
C GLY F 243 3.57 10.41 -23.58
N GLY F 244 2.39 10.14 -24.12
CA GLY F 244 1.79 11.01 -25.11
C GLY F 244 0.34 10.68 -25.41
N THR F 245 -0.55 11.11 -24.52
CA THR F 245 -1.97 10.85 -24.67
C THR F 245 -2.79 12.10 -24.33
N ARG F 246 -3.63 12.52 -25.27
CA ARG F 246 -4.48 13.69 -25.07
C ARG F 246 -5.86 13.36 -25.63
N GLN F 247 -6.71 12.81 -24.76
CA GLN F 247 -8.04 12.36 -25.13
C GLN F 247 -9.07 13.11 -24.28
N LYS F 248 -9.93 13.88 -24.94
CA LYS F 248 -10.93 14.66 -24.24
C LYS F 248 -12.12 13.79 -23.83
N GLY F 249 -12.83 14.25 -22.81
CA GLY F 249 -14.06 13.60 -22.39
C GLY F 249 -13.92 12.21 -21.82
N ASP F 250 -12.70 11.71 -21.59
CA ASP F 250 -12.50 10.38 -21.02
C ASP F 250 -12.14 10.54 -19.54
N TRP F 251 -13.04 10.12 -18.67
CA TRP F 251 -12.84 10.19 -17.23
C TRP F 251 -12.16 8.95 -16.67
N ASN F 252 -11.84 7.97 -17.50
CA ASN F 252 -11.27 6.71 -17.03
C ASN F 252 -9.91 6.95 -16.37
N LEU F 253 -9.81 6.59 -15.09
CA LEU F 253 -8.55 6.62 -14.37
C LEU F 253 -7.83 5.27 -14.41
N SER F 254 -8.32 4.32 -15.19
CA SER F 254 -7.68 3.02 -15.33
C SER F 254 -6.73 3.03 -16.51
N PRO F 255 -5.48 2.61 -16.31
CA PRO F 255 -4.52 2.59 -17.43
C PRO F 255 -4.98 1.68 -18.55
N ASP F 256 -4.99 2.22 -19.77
CA ASP F 256 -5.32 1.45 -20.96
C ASP F 256 -4.06 0.83 -21.55
N ALA F 257 -4.21 -0.36 -22.14
CA ALA F 257 -3.05 -1.09 -22.63
C ALA F 257 -2.57 -0.55 -23.97
N GLU F 258 -3.48 -0.40 -24.93
CA GLU F 258 -3.08 0.08 -26.25
C GLU F 258 -2.46 1.47 -26.17
N ASN F 259 -2.97 2.32 -25.28
CA ASN F 259 -2.33 3.61 -25.06
C ASN F 259 -0.89 3.45 -24.59
N SER F 260 -0.68 2.55 -23.61
CA SER F 260 0.65 2.30 -23.09
C SER F 260 1.59 1.75 -24.15
N ARG F 261 1.06 1.08 -25.16
CA ARG F 261 1.92 0.57 -26.23
C ARG F 261 2.21 1.63 -27.30
N GLU F 262 1.18 2.38 -27.71
CA GLU F 262 1.39 3.46 -28.67
C GLU F 262 2.41 4.46 -28.15
N ILE F 263 2.27 4.86 -26.88
CA ILE F 263 3.23 5.77 -26.26
C ILE F 263 4.64 5.26 -26.44
N LEU F 264 4.87 4.00 -26.06
CA LEU F 264 6.22 3.46 -26.08
C LEU F 264 6.77 3.42 -27.50
N SER F 265 5.94 3.06 -28.47
CA SER F 265 6.39 3.05 -29.86
C SER F 265 6.90 4.42 -30.28
N ARG F 266 6.07 5.46 -30.14
CA ARG F 266 6.49 6.76 -30.67
C ARG F 266 7.61 7.40 -29.84
N CYS F 267 7.66 7.12 -28.53
CA CYS F 267 8.72 7.71 -27.70
C CYS F 267 10.04 6.94 -27.80
N CYS F 268 10.01 5.66 -28.14
CA CYS F 268 11.21 4.91 -28.42
C CYS F 268 11.72 5.13 -29.84
N ALA F 269 10.87 5.67 -30.72
CA ALA F 269 11.35 6.11 -32.02
C ALA F 269 12.24 7.35 -31.94
N LEU F 270 12.07 8.19 -30.90
CA LEU F 270 12.88 9.40 -30.78
C LEU F 270 14.26 9.09 -30.22
N GLU F 271 14.31 8.69 -28.94
CA GLU F 271 15.54 8.31 -28.27
C GLU F 271 15.61 6.78 -28.26
N PRO F 272 16.40 6.16 -29.14
CA PRO F 272 16.45 4.69 -29.16
C PRO F 272 17.09 4.09 -27.92
N SER F 273 17.90 4.87 -27.18
CA SER F 273 18.47 4.39 -25.93
C SER F 273 17.41 3.83 -24.99
N LEU F 274 16.18 4.35 -25.08
CA LEU F 274 15.09 3.92 -24.23
C LEU F 274 14.77 2.44 -24.37
N HIS F 275 15.36 1.73 -25.34
CA HIS F 275 15.21 0.29 -25.37
C HIS F 275 15.74 -0.38 -24.10
N GLY F 276 16.65 0.28 -23.39
CA GLY F 276 17.22 -0.31 -22.19
C GLY F 276 16.55 0.12 -20.91
N ALA F 277 15.27 0.48 -20.98
CA ALA F 277 14.55 0.92 -19.81
C ALA F 277 14.12 -0.27 -18.96
N CYS F 278 13.84 0.00 -17.69
CA CYS F 278 13.49 -1.05 -16.73
C CYS F 278 12.41 -0.55 -15.79
N ASN F 279 11.64 -1.51 -15.25
CA ASN F 279 10.54 -1.25 -14.32
C ASN F 279 9.52 -0.28 -14.93
N ILE F 280 8.87 -0.78 -15.98
CA ILE F 280 7.86 0.01 -16.67
C ILE F 280 6.62 0.12 -15.78
N ARG F 281 6.32 1.33 -15.34
CA ARG F 281 5.15 1.60 -14.50
C ARG F 281 4.37 2.76 -15.11
N GLU F 282 3.04 2.64 -15.13
CA GLU F 282 2.18 3.61 -15.78
C GLU F 282 1.18 4.19 -14.79
N LYS F 283 0.75 5.41 -15.07
CA LYS F 283 -0.29 6.07 -14.27
C LYS F 283 -0.97 7.12 -15.12
N VAL F 284 -2.20 7.43 -14.77
CA VAL F 284 -3.03 8.35 -15.55
C VAL F 284 -3.30 9.61 -14.73
N GLY F 285 -3.79 10.64 -15.42
CA GLY F 285 -4.19 11.88 -14.79
C GLY F 285 -5.11 12.69 -15.68
N LEU F 286 -6.15 13.28 -15.10
CA LEU F 286 -7.12 14.05 -15.86
C LEU F 286 -6.78 15.53 -15.77
N ARG F 287 -6.50 16.15 -16.92
CA ARG F 287 -6.24 17.58 -17.01
C ARG F 287 -7.55 18.34 -16.82
N PRO F 288 -7.61 19.27 -15.86
CA PRO F 288 -8.76 20.16 -15.62
C PRO F 288 -8.84 21.29 -16.66
N TYR F 289 -9.34 20.93 -17.84
CA TYR F 289 -9.32 21.84 -18.98
C TYR F 289 -10.64 22.57 -19.10
N ARG F 290 -10.55 23.90 -19.20
CA ARG F 290 -11.65 24.79 -19.49
C ARG F 290 -11.11 25.78 -20.52
N PRO F 291 -11.91 26.13 -21.53
CA PRO F 291 -11.40 27.03 -22.58
C PRO F 291 -10.71 28.28 -22.07
N GLY F 292 -11.25 28.91 -21.03
CA GLY F 292 -10.57 30.01 -20.38
C GLY F 292 -10.41 29.72 -18.90
N VAL F 293 -9.20 29.95 -18.38
CA VAL F 293 -8.98 29.70 -16.96
C VAL F 293 -9.90 30.58 -16.14
N ARG F 294 -10.63 29.98 -15.21
CA ARG F 294 -11.60 30.70 -14.40
C ARG F 294 -10.88 31.41 -13.26
N LEU F 295 -11.03 32.75 -13.21
CA LEU F 295 -10.36 33.56 -12.19
C LEU F 295 -11.23 34.79 -11.95
N GLN F 296 -12.31 34.61 -11.20
CA GLN F 296 -13.19 35.71 -10.85
C GLN F 296 -13.84 35.43 -9.50
N THR F 297 -14.45 36.46 -8.94
CA THR F 297 -15.14 36.38 -7.66
C THR F 297 -16.64 36.37 -7.91
N GLU F 298 -17.34 35.44 -7.26
CA GLU F 298 -18.79 35.32 -7.35
C GLU F 298 -19.36 35.40 -5.94
N LEU F 299 -20.16 36.43 -5.69
CA LEU F 299 -20.81 36.59 -4.40
C LEU F 299 -22.21 35.99 -4.53
N LEU F 300 -22.42 34.82 -3.92
CA LEU F 300 -23.65 34.09 -4.15
C LEU F 300 -24.47 33.96 -2.88
N ALA F 301 -25.79 33.98 -3.04
CA ALA F 301 -26.72 33.80 -1.95
C ALA F 301 -27.85 32.88 -2.39
N ARG F 302 -28.54 32.30 -1.40
CA ARG F 302 -29.64 31.37 -1.66
C ARG F 302 -30.59 31.43 -0.47
N ASP F 303 -31.40 32.50 -0.43
CA ASP F 303 -32.32 32.77 0.66
C ASP F 303 -31.60 32.74 2.02
N GLY F 304 -30.71 33.70 2.16
CA GLY F 304 -29.88 33.81 3.35
C GLY F 304 -28.76 34.79 3.09
N GLN F 305 -27.93 34.97 4.12
CA GLN F 305 -26.81 35.90 3.99
C GLN F 305 -25.84 35.41 2.93
N ARG F 306 -25.44 36.32 2.05
CA ARG F 306 -24.62 35.98 0.91
C ARG F 306 -23.20 35.63 1.35
N LEU F 307 -22.62 34.64 0.67
CA LEU F 307 -21.24 34.28 0.93
C LEU F 307 -20.38 34.54 -0.30
N PRO F 308 -19.16 35.05 -0.11
CA PRO F 308 -18.28 35.33 -1.25
C PRO F 308 -17.41 34.14 -1.60
N VAL F 309 -17.26 33.90 -2.90
CA VAL F 309 -16.48 32.79 -3.42
C VAL F 309 -15.46 33.35 -4.39
N VAL F 310 -14.23 32.83 -4.34
CA VAL F 310 -13.19 33.14 -5.30
C VAL F 310 -12.90 31.87 -6.09
N HIS F 311 -12.90 31.97 -7.42
CA HIS F 311 -12.75 30.81 -8.27
C HIS F 311 -11.38 30.81 -8.94
N HIS F 312 -10.69 29.66 -8.87
CA HIS F 312 -9.32 29.53 -9.36
C HIS F 312 -9.15 28.28 -10.22
N TYR F 313 -10.23 27.71 -10.75
CA TYR F 313 -10.17 26.43 -11.41
C TYR F 313 -10.03 26.62 -12.92
N GLY F 314 -10.15 25.51 -13.66
CA GLY F 314 -10.10 25.53 -15.11
C GLY F 314 -8.73 25.83 -15.68
N HIS F 315 -7.68 25.24 -15.11
CA HIS F 315 -6.34 25.61 -15.53
C HIS F 315 -5.97 24.98 -16.87
N GLY F 316 -6.07 23.66 -16.97
CA GLY F 316 -5.86 23.01 -18.25
C GLY F 316 -4.50 22.35 -18.40
N SER F 317 -4.03 22.26 -19.65
CA SER F 317 -2.82 21.53 -19.98
C SER F 317 -1.54 22.30 -19.69
N GLY F 318 -1.63 23.54 -19.21
CA GLY F 318 -0.44 24.32 -18.90
C GLY F 318 -0.60 25.13 -17.64
N GLY F 319 -1.33 24.58 -16.66
CA GLY F 319 -1.63 25.32 -15.46
C GLY F 319 -0.44 25.49 -14.53
N ILE F 320 0.53 24.58 -14.60
CA ILE F 320 1.68 24.66 -13.71
C ILE F 320 2.52 25.89 -14.03
N SER F 321 2.82 26.09 -15.31
CA SER F 321 3.77 27.11 -15.75
C SER F 321 3.26 28.53 -15.48
N VAL F 322 2.05 28.67 -14.97
CA VAL F 322 1.50 29.98 -14.64
C VAL F 322 0.84 29.95 -13.26
N HIS F 323 1.11 28.92 -12.47
CA HIS F 323 0.43 28.78 -11.19
C HIS F 323 0.79 29.89 -10.22
N TRP F 324 2.01 30.43 -10.30
CA TRP F 324 2.36 31.62 -9.52
C TRP F 324 1.74 32.87 -10.11
N GLY F 325 1.56 32.90 -11.44
CA GLY F 325 0.93 34.06 -12.06
C GLY F 325 -0.54 34.16 -11.70
N THR F 326 -1.23 33.02 -11.66
CA THR F 326 -2.64 33.04 -11.27
C THR F 326 -2.79 33.34 -9.78
N ALA F 327 -2.04 32.63 -8.94
CA ALA F 327 -2.14 32.82 -7.49
C ALA F 327 -1.95 34.29 -7.12
N LEU F 328 -0.78 34.84 -7.46
CA LEU F 328 -0.51 36.25 -7.17
C LEU F 328 -1.57 37.17 -7.77
N GLU F 329 -2.21 36.74 -8.87
CA GLU F 329 -3.26 37.56 -9.48
C GLU F 329 -4.61 37.30 -8.83
N ALA F 330 -4.86 36.09 -8.36
CA ALA F 330 -6.12 35.78 -7.69
C ALA F 330 -6.09 36.15 -6.22
N ALA F 331 -4.92 36.05 -5.57
CA ALA F 331 -4.80 36.52 -4.20
C ALA F 331 -5.18 37.99 -4.10
N ARG F 332 -4.73 38.80 -5.07
CA ARG F 332 -5.19 40.19 -5.15
C ARG F 332 -6.72 40.26 -5.06
N LEU F 333 -7.41 39.41 -5.80
CA LEU F 333 -8.87 39.37 -5.73
C LEU F 333 -9.33 39.14 -4.30
N VAL F 334 -8.77 38.13 -3.63
CA VAL F 334 -9.07 37.91 -2.22
C VAL F 334 -8.73 39.16 -1.42
N SER F 335 -7.56 39.74 -1.70
CA SER F 335 -7.15 40.98 -1.05
C SER F 335 -8.13 42.10 -1.34
N GLU F 336 -8.75 42.10 -2.52
CA GLU F 336 -9.74 43.12 -2.82
C GLU F 336 -11.06 42.84 -2.11
N CYS F 337 -11.35 41.57 -1.81
CA CYS F 337 -12.61 41.25 -1.16
C CYS F 337 -12.55 41.53 0.33
N VAL F 338 -11.47 41.08 1.00
CA VAL F 338 -11.34 41.31 2.43
C VAL F 338 -11.33 42.81 2.73
N HIS F 339 -10.61 43.60 1.92
CA HIS F 339 -10.60 45.05 2.12
C HIS F 339 -12.00 45.64 1.98
N ALA F 340 -12.86 45.00 1.19
CA ALA F 340 -14.23 45.49 1.06
C ALA F 340 -15.04 45.21 2.31
N LEU F 341 -14.69 44.15 3.05
CA LEU F 341 -15.47 43.80 4.24
C LEU F 341 -15.04 44.59 5.47
N ARG F 342 -13.75 44.94 5.56
CA ARG F 342 -13.26 45.66 6.73
C ARG F 342 -13.79 47.09 6.77
N THR F 343 -14.11 47.66 5.62
CA THR F 343 -14.66 49.02 5.54
C THR F 343 -15.98 48.98 4.79
N PRO F 344 -17.12 49.18 5.47
CA PRO F 344 -18.45 49.18 4.84
C PRO F 344 -18.62 50.29 3.81
PA FAD G . -25.87 3.38 20.52
O1A FAD G . -26.26 4.53 19.67
O2A FAD G . -24.36 3.13 20.57
O5B FAD G . -26.64 2.09 20.07
C5B FAD G . -28.00 2.16 19.59
C4B FAD G . -28.17 1.26 18.40
O4B FAD G . -29.51 0.73 18.39
C3B FAD G . -28.01 1.94 17.05
O3B FAD G . -26.65 2.03 16.65
C2B FAD G . -28.79 0.99 16.14
O2B FAD G . -28.02 -0.16 15.79
C1B FAD G . -29.95 0.58 17.05
N9A FAD G . -31.17 1.35 16.86
C8A FAD G . -31.36 2.68 17.16
N7A FAD G . -32.56 3.13 16.88
C5A FAD G . -33.21 2.01 16.37
C6A FAD G . -34.52 1.81 15.87
N6A FAD G . -35.44 2.77 15.82
N1A FAD G . -34.83 0.57 15.43
C2A FAD G . -33.90 -0.39 15.47
N3A FAD G . -32.65 -0.32 15.91
C4A FAD G . -32.36 0.92 16.34
N1 FAD G . -18.83 7.40 26.55
C2 FAD G . -17.85 7.09 27.45
O2 FAD G . -18.08 6.41 28.45
N3 FAD G . -16.56 7.53 27.23
C4 FAD G . -16.13 8.29 26.16
O4 FAD G . -14.96 8.63 26.07
C4X FAD G . -17.19 8.62 25.21
N5 FAD G . -16.87 9.35 24.18
C5X FAD G . -17.87 9.66 23.28
C6 FAD G . -17.55 10.42 22.16
C7 FAD G . -18.52 10.78 21.22
C7M FAD G . -18.14 11.60 20.02
C8 FAD G . -19.85 10.34 21.41
C8M FAD G . -20.92 10.69 20.41
C9 FAD G . -20.17 9.57 22.53
C9A FAD G . -19.20 9.23 23.45
N10 FAD G . -19.48 8.45 24.60
C10 FAD G . -18.50 8.13 25.49
C1' FAD G . -20.85 7.97 24.85
C2' FAD G . -21.11 6.58 24.28
O2' FAD G . -20.49 6.45 22.99
C3' FAD G . -22.61 6.35 24.14
O3' FAD G . -23.29 7.07 25.17
C4' FAD G . -23.04 4.88 24.19
O4' FAD G . -22.00 4.07 23.65
C5' FAD G . -24.34 4.64 23.44
O5' FAD G . -25.03 3.55 24.06
P FAD G . -26.08 2.69 23.25
O1P FAD G . -27.37 2.56 24.05
O2P FAD G . -25.47 1.41 22.79
O3P FAD G . -26.38 3.62 22.00
C1 GOL H . -14.88 13.15 27.14
O1 GOL H . -14.01 12.65 28.11
C2 GOL H . -15.69 11.94 26.62
O2 GOL H . -16.51 11.40 27.61
C3 GOL H . -16.50 12.48 25.41
O3 GOL H . -17.44 13.37 25.92
C TRS I . 0.88 3.74 19.40
C1 TRS I . -0.12 3.65 18.26
C2 TRS I . 0.26 4.51 20.56
C3 TRS I . 1.28 2.34 19.86
N TRS I . 2.07 4.44 18.94
O1 TRS I . 0.45 2.94 17.18
O2 TRS I . -0.08 5.81 20.15
O3 TRS I . 2.14 2.45 20.98
P PO4 J . 1.92 6.89 36.10
O1 PO4 J . 2.61 5.69 35.49
O2 PO4 J . 0.97 6.43 37.17
O3 PO4 J . 1.14 7.62 35.02
O4 PO4 J . 2.94 7.82 36.69
PA FAD K . 27.73 4.00 17.14
O1A FAD K . 28.46 2.88 17.75
O2A FAD K . 26.22 3.78 16.98
O5B FAD K . 28.34 4.38 15.75
C5B FAD K . 29.76 4.60 15.59
C4B FAD K . 30.02 4.84 14.13
O4B FAD K . 31.39 5.21 13.92
C3B FAD K . 29.83 3.64 13.22
O3B FAD K . 28.46 3.40 12.95
C2B FAD K . 30.61 4.07 11.98
O2B FAD K . 29.82 4.90 11.12
C1B FAD K . 31.75 4.89 12.59
N9A FAD K . 33.04 4.19 12.61
C8A FAD K . 33.41 3.17 13.44
N7A FAD K . 34.62 2.72 13.21
C5A FAD K . 35.08 3.50 12.16
C6A FAD K . 36.29 3.52 11.45
N6A FAD K . 37.32 2.71 11.70
N1A FAD K . 36.41 4.42 10.44
C2A FAD K . 35.39 5.23 10.18
N3A FAD K . 34.20 5.30 10.79
C4A FAD K . 34.10 4.40 11.76
N1 FAD K . 20.97 2.21 25.35
C2 FAD K . 19.99 2.73 26.14
O2 FAD K . 20.18 3.69 26.87
N3 FAD K . 18.73 2.14 26.12
C4 FAD K . 18.35 1.05 25.36
O4 FAD K . 17.20 0.62 25.44
C4X FAD K . 19.41 0.52 24.53
N5 FAD K . 19.13 -0.51 23.78
C5X FAD K . 20.14 -1.03 22.98
C6 FAD K . 19.87 -2.13 22.18
C7 FAD K . 20.85 -2.68 21.35
C7M FAD K . 20.51 -3.87 20.50
C8 FAD K . 22.13 -2.11 21.34
C8M FAD K . 23.22 -2.69 20.46
C9 FAD K . 22.41 -1.02 22.14
C9A FAD K . 21.43 -0.47 22.96
N10 FAD K . 21.68 0.65 23.78
C10 FAD K . 20.69 1.17 24.59
C1' FAD K . 23.01 1.28 23.81
C2' FAD K . 23.15 2.39 22.78
O2' FAD K . 22.66 1.96 21.51
C3' FAD K . 24.63 2.77 22.63
O3' FAD K . 25.00 3.56 23.76
C4' FAD K . 24.92 3.55 21.36
O4' FAD K . 24.63 2.74 20.22
C5' FAD K . 26.34 4.07 21.28
O5' FAD K . 26.63 4.46 19.92
P FAD K . 27.85 5.39 19.57
O1P FAD K . 29.13 4.78 20.14
O2P FAD K . 27.55 6.76 20.00
O3P FAD K . 27.93 5.32 18.00
C1 GOL L . 17.54 -1.92 27.37
O1 GOL L . 17.22 -1.24 28.57
C2 GOL L . 19.03 -2.19 27.26
O2 GOL L . 19.49 -2.93 28.38
C3 GOL L . 19.41 -2.93 26.00
O3 GOL L . 20.76 -3.35 26.04
PA FAD M . 5.05 -21.62 -1.87
O1A FAD M . 5.78 -21.96 -3.13
O2A FAD M . 3.57 -21.26 -2.03
O5B FAD M . 5.80 -20.47 -1.11
C5B FAD M . 7.13 -20.66 -0.60
C4B FAD M . 7.33 -19.80 0.62
O4B FAD M . 8.52 -20.22 1.32
C3B FAD M . 7.55 -18.32 0.35
O3B FAD M . 6.31 -17.63 0.19
C2B FAD M . 8.28 -17.87 1.61
O2B FAD M . 7.37 -17.57 2.67
C1B FAD M . 9.12 -19.10 1.96
N9A FAD M . 10.51 -19.01 1.54
C8A FAD M . 11.01 -19.15 0.26
N7A FAD M . 12.32 -19.02 0.18
C5A FAD M . 12.70 -18.77 1.49
C6A FAD M . 13.96 -18.55 2.08
N6A FAD M . 15.11 -18.52 1.40
N1A FAD M . 13.99 -18.34 3.42
C2A FAD M . 12.85 -18.37 4.11
N3A FAD M . 11.61 -18.57 3.65
C4A FAD M . 11.60 -18.77 2.33
N1 FAD M . -2.07 -26.20 -7.31
C2 FAD M . -3.23 -26.93 -7.30
O2 FAD M . -3.31 -28.01 -6.72
N3 FAD M . -4.35 -26.43 -7.96
C4 FAD M . -4.42 -25.24 -8.66
O4 FAD M . -5.47 -24.91 -9.20
C4X FAD M . -3.19 -24.49 -8.65
N5 FAD M . -3.16 -23.34 -9.28
C5X FAD M . -1.98 -22.63 -9.29
C6 FAD M . -1.94 -21.41 -9.96
C7 FAD M . -0.78 -20.64 -9.99
C7M FAD M . -0.79 -19.33 -10.73
C8 FAD M . 0.37 -21.10 -9.34
C8M FAD M . 1.64 -20.29 -9.35
C9 FAD M . 0.33 -22.32 -8.67
C9A FAD M . -0.83 -23.08 -8.63
N10 FAD M . -0.89 -24.32 -7.96
C10 FAD M . -2.06 -25.05 -7.95
C1' FAD M . 0.27 -24.85 -7.26
C2' FAD M . 0.32 -24.47 -5.78
O2' FAD M . -0.10 -23.11 -5.61
C3' FAD M . 1.76 -24.61 -5.27
O3' FAD M . 2.26 -25.88 -5.65
C4' FAD M . 1.88 -24.46 -3.75
O4' FAD M . 1.17 -23.32 -3.31
C5' FAD M . 3.34 -24.36 -3.32
O5' FAD M . 3.39 -24.21 -1.88
P FAD M . 4.75 -24.32 -1.11
O1P FAD M . 5.81 -24.94 -2.04
O2P FAD M . 4.57 -25.03 0.17
O3P FAD M . 5.16 -22.82 -0.84
C TRS N . -20.67 -15.47 -6.16
C1 TRS N . -21.94 -16.12 -6.68
C2 TRS N . -19.76 -15.08 -7.32
C3 TRS N . -21.02 -14.23 -5.34
N TRS N . -19.96 -16.43 -5.32
O1 TRS N . -22.81 -16.37 -5.60
O2 TRS N . -19.53 -16.23 -8.11
O3 TRS N . -19.84 -13.57 -4.93
C1 GOL O . -3.80 -24.70 -13.17
O1 GOL O . -3.05 -24.19 -12.08
C2 GOL O . -4.46 -26.00 -12.82
O2 GOL O . -3.53 -26.90 -12.22
C3 GOL O . -5.13 -26.67 -14.00
O3 GOL O . -4.22 -26.87 -15.06
PA FAD P . -46.58 -9.50 -9.46
O1A FAD P . -46.84 -9.52 -8.00
O2A FAD P . -45.11 -9.61 -9.87
O5B FAD P . -47.22 -8.24 -10.11
C5B FAD P . -47.23 -6.96 -9.44
C4B FAD P . -47.38 -5.86 -10.44
O4B FAD P . -48.79 -5.61 -10.69
C3B FAD P . -46.78 -4.52 -10.02
O3B FAD P . -46.11 -3.90 -11.11
C2B FAD P . -48.01 -3.72 -9.57
O2B FAD P . -47.83 -2.31 -9.70
C1B FAD P . -49.05 -4.24 -10.56
N9A FAD P . -50.43 -4.04 -10.13
C8A FAD P . -51.17 -4.85 -9.30
N7A FAD P . -52.39 -4.43 -9.09
C5A FAD P . -52.46 -3.26 -9.83
C6A FAD P . -53.49 -2.33 -10.04
N6A FAD P . -54.71 -2.42 -9.49
N1A FAD P . -53.24 -1.27 -10.84
C2A FAD P . -52.03 -1.17 -11.40
N3A FAD P . -50.98 -1.98 -11.28
C4A FAD P . -51.26 -3.02 -10.48
N1 FAD P . -41.88 -18.95 -8.50
C2 FAD P . -41.01 -19.93 -8.88
O2 FAD P . -41.20 -20.60 -9.91
N3 FAD P . -39.88 -20.18 -8.13
C4 FAD P . -39.51 -19.53 -6.97
O4 FAD P . -38.48 -19.84 -6.38
C4X FAD P . -40.44 -18.49 -6.57
N5 FAD P . -40.17 -17.82 -5.49
C5X FAD P . -41.06 -16.83 -5.09
C6 FAD P . -40.78 -16.12 -3.93
C7 FAD P . -41.63 -15.11 -3.49
C7M FAD P . -41.30 -14.36 -2.23
C8 FAD P . -42.80 -14.81 -4.23
C8M FAD P . -43.74 -13.73 -3.78
C9 FAD P . -43.07 -15.53 -5.39
C9A FAD P . -42.22 -16.53 -5.82
N10 FAD P . -42.47 -17.28 -6.99
C10 FAD P . -41.59 -18.27 -7.40
C1' FAD P . -43.67 -17.03 -7.80
C2' FAD P . -43.46 -15.97 -8.88
O2' FAD P . -42.54 -14.97 -8.44
C3' FAD P . -44.80 -15.31 -9.20
O3' FAD P . -45.68 -16.30 -9.71
C4' FAD P . -44.71 -14.17 -10.22
O4' FAD P . -43.66 -13.28 -9.83
C5' FAD P . -46.01 -13.42 -10.36
O5' FAD P . -45.81 -12.29 -11.24
P FAD P . -46.98 -11.28 -11.57
O1P FAD P . -48.19 -12.07 -12.09
O2P FAD P . -46.50 -10.18 -12.45
O3P FAD P . -47.35 -10.71 -10.15
C1 GOL Q . -39.27 -23.49 -3.55
O1 GOL Q . -38.38 -24.26 -4.31
C2 GOL Q . -39.17 -22.07 -4.13
O2 GOL Q . -39.24 -22.08 -5.51
C3 GOL Q . -40.31 -21.26 -3.45
O3 GOL Q . -41.45 -22.07 -3.45
PA FAD R . 45.00 4.56 -18.22
O1A FAD R . 45.33 5.69 -17.32
O2A FAD R . 43.50 4.33 -18.44
O5B FAD R . 45.67 3.24 -17.69
C5B FAD R . 46.38 2.34 -18.58
C4B FAD R . 46.22 0.93 -18.10
O4B FAD R . 47.38 0.15 -18.46
C3B FAD R . 46.12 0.74 -16.59
O3B FAD R . 44.81 1.01 -16.11
C2B FAD R . 46.49 -0.73 -16.43
O2B FAD R . 45.37 -1.58 -16.63
C1B FAD R . 47.51 -0.94 -17.57
N9A FAD R . 48.90 -1.01 -17.13
C8A FAD R . 49.67 0.00 -16.61
N7A FAD R . 50.89 -0.36 -16.30
C5A FAD R . 50.93 -1.71 -16.63
C6A FAD R . 51.94 -2.68 -16.53
N6A FAD R . 53.17 -2.44 -16.07
N1A FAD R . 51.65 -3.93 -16.95
C2A FAD R . 50.43 -4.19 -17.42
N3A FAD R . 49.39 -3.35 -17.56
C4A FAD R . 49.71 -2.12 -17.13
N1 FAD R . 40.51 12.72 -19.62
C2 FAD R . 39.67 13.31 -20.53
O2 FAD R . 39.86 13.20 -21.75
N3 FAD R . 38.58 14.02 -20.09
C4 FAD R . 38.22 14.24 -18.77
O4 FAD R . 37.23 14.90 -18.50
C4X FAD R . 39.11 13.62 -17.82
N5 FAD R . 38.85 13.76 -16.54
C5X FAD R . 39.70 13.17 -15.63
C6 FAD R . 39.43 13.32 -14.28
C7 FAD R . 40.25 12.74 -13.31
C7M FAD R . 39.92 12.92 -11.86
C8 FAD R . 41.37 11.99 -13.71
C8M FAD R . 42.28 11.36 -12.69
C9 FAD R . 41.65 11.85 -15.07
C9A FAD R . 40.82 12.43 -16.02
N10 FAD R . 41.06 12.29 -17.41
C10 FAD R . 40.23 12.87 -18.33
C1' FAD R . 42.23 11.53 -17.90
C2' FAD R . 41.89 10.09 -18.29
O2' FAD R . 41.78 9.27 -17.13
C3' FAD R . 43.01 9.55 -19.19
O3' FAD R . 43.54 10.62 -19.97
C4' FAD R . 42.57 8.43 -20.13
O4' FAD R . 41.91 7.41 -19.37
C5' FAD R . 43.72 7.84 -20.93
O5' FAD R . 44.35 6.80 -20.15
P FAD R . 45.01 5.55 -20.85
O1P FAD R . 43.89 4.66 -21.42
O2P FAD R . 46.04 5.97 -21.81
O3P FAD R . 45.67 4.77 -19.64
C1 GOL S . 40.25 17.82 -15.65
O1 GOL S . 41.36 16.97 -15.58
C2 GOL S . 39.37 17.31 -16.81
O2 GOL S . 40.09 17.18 -17.99
C3 GOL S . 38.22 18.34 -16.93
O3 GOL S . 37.50 17.98 -18.08
PA FAD T . -5.68 19.51 -9.20
O1A FAD T . -6.41 18.36 -9.76
O2A FAD T . -4.15 19.40 -9.24
O5B FAD T . -6.15 19.81 -7.73
C5B FAD T . -7.55 19.90 -7.40
C4B FAD T . -7.73 19.45 -5.97
O4B FAD T . -9.00 19.91 -5.49
C3B FAD T . -7.78 17.94 -5.76
O3B FAD T . -6.46 17.40 -5.69
C2B FAD T . -8.51 17.82 -4.42
O2B FAD T . -7.61 17.88 -3.32
C1B FAD T . -9.44 19.05 -4.43
N9A FAD T . -10.85 18.74 -4.64
C8A FAD T . -11.49 18.53 -5.83
N7A FAD T . -12.76 18.26 -5.71
C5A FAD T . -12.98 18.29 -4.33
C6A FAD T . -14.13 18.09 -3.54
N6A FAD T . -15.33 17.80 -4.04
N1A FAD T . -13.99 18.18 -2.19
C2A FAD T . -12.79 18.47 -1.69
N3A FAD T . -11.64 18.69 -2.34
C4A FAD T . -11.80 18.58 -3.66
N1 FAD T . 1.01 21.69 -16.83
C2 FAD T . 2.18 22.29 -17.21
O2 FAD T . 2.33 23.52 -17.17
N3 FAD T . 3.23 21.51 -17.66
C4 FAD T . 3.24 20.14 -17.77
O4 FAD T . 4.23 19.55 -18.18
C4X FAD T . 1.98 19.51 -17.36
N5 FAD T . 1.90 18.21 -17.43
C5X FAD T . 0.71 17.62 -17.03
C6 FAD T . 0.61 16.23 -17.11
C7 FAD T . -0.57 15.58 -16.73
C7M FAD T . -0.64 14.08 -16.82
C8 FAD T . -1.66 16.34 -16.27
C8M FAD T . -2.93 15.67 -15.85
C9 FAD T . -1.55 17.73 -16.19
C9A FAD T . -0.39 18.37 -16.58
N10 FAD T . -0.24 19.78 -16.52
C10 FAD T . 0.93 20.38 -16.90
C1' FAD T . -1.35 20.62 -16.04
C2' FAD T . -1.30 20.86 -14.54
O2' FAD T . -0.95 19.67 -13.85
C3' FAD T . -2.68 21.33 -14.07
O3' FAD T . -3.08 22.44 -14.84
C4' FAD T . -2.71 21.72 -12.58
O4' FAD T . -2.10 20.69 -11.80
C5' FAD T . -4.11 22.00 -12.07
O5' FAD T . -4.08 22.12 -10.64
P FAD T . -5.39 22.25 -9.80
O1P FAD T . -5.06 22.42 -8.32
O2P FAD T . -6.25 23.32 -10.39
O3P FAD T . -6.09 20.83 -9.99
C TRS U . 18.30 10.21 -12.21
C1 TRS U . 17.09 9.90 -13.07
C2 TRS U . 18.26 9.36 -10.93
C3 TRS U . 18.33 11.69 -11.86
N TRS U . 19.51 9.89 -12.95
O1 TRS U . 17.02 8.51 -13.32
O2 TRS U . 19.41 9.59 -10.15
O3 TRS U . 18.49 12.45 -13.03
C1 GOL V . 1.72 18.09 -23.29
O1 GOL V . 2.51 18.99 -24.00
C2 GOL V . 2.18 18.15 -21.81
O2 GOL V . 2.03 19.42 -21.27
C3 GOL V . 1.33 17.08 -21.09
O3 GOL V . 0.00 17.49 -21.19
P PO4 W . 21.13 24.77 -24.37
O1 PO4 W . 20.58 23.51 -24.97
O2 PO4 W . 20.41 25.97 -24.93
O3 PO4 W . 22.61 24.88 -24.67
O4 PO4 W . 20.94 24.74 -22.87
#